data_1DT1
# 
_entry.id   1DT1 
# 
_audit_conform.dict_name       mmcif_pdbx.dic 
_audit_conform.dict_version    5.398 
_audit_conform.dict_location   http://mmcif.pdb.org/dictionaries/ascii/mmcif_pdbx.dic 
# 
loop_
_database_2.database_id 
_database_2.database_code 
_database_2.pdbx_database_accession 
_database_2.pdbx_DOI 
PDB   1DT1         pdb_00001dt1 10.2210/pdb1dt1/pdb 
RCSB  RCSB010341   ?            ?                   
WWPDB D_1000010341 ?            ?                   
# 
loop_
_pdbx_audit_revision_history.ordinal 
_pdbx_audit_revision_history.data_content_type 
_pdbx_audit_revision_history.major_revision 
_pdbx_audit_revision_history.minor_revision 
_pdbx_audit_revision_history.revision_date 
1 'Structure model' 1 0 2000-02-18 
2 'Structure model' 1 1 2008-04-27 
3 'Structure model' 1 2 2011-07-13 
4 'Structure model' 1 3 2018-01-31 
5 'Structure model' 2 0 2021-03-03 
6 'Structure model' 2 1 2024-10-30 
# 
_pdbx_audit_revision_details.ordinal             1 
_pdbx_audit_revision_details.revision_ordinal    1 
_pdbx_audit_revision_details.data_content_type   'Structure model' 
_pdbx_audit_revision_details.provider            repository 
_pdbx_audit_revision_details.type                'Initial release' 
_pdbx_audit_revision_details.description         ? 
_pdbx_audit_revision_details.details             ? 
# 
loop_
_pdbx_audit_revision_group.ordinal 
_pdbx_audit_revision_group.revision_ordinal 
_pdbx_audit_revision_group.data_content_type 
_pdbx_audit_revision_group.group 
1  2 'Structure model' 'Version format compliance' 
2  3 'Structure model' 'Source and taxonomy'       
3  3 'Structure model' 'Version format compliance' 
4  4 'Structure model' 'Experimental preparation'  
5  5 'Structure model' 'Atomic model'              
6  5 'Structure model' 'Data collection'           
7  5 'Structure model' 'Derived calculations'      
8  5 'Structure model' 'Non-polymer description'   
9  5 'Structure model' 'Structure summary'         
10 6 'Structure model' 'Data collection'           
11 6 'Structure model' 'Database references'       
12 6 'Structure model' 'Structure summary'         
# 
loop_
_pdbx_audit_revision_category.ordinal 
_pdbx_audit_revision_category.revision_ordinal 
_pdbx_audit_revision_category.data_content_type 
_pdbx_audit_revision_category.category 
1  4 'Structure model' exptl_crystal_grow        
2  5 'Structure model' atom_site                 
3  5 'Structure model' atom_site_anisotrop       
4  5 'Structure model' chem_comp                 
5  5 'Structure model' entity                    
6  5 'Structure model' pdbx_entity_nonpoly       
7  5 'Structure model' pdbx_nonpoly_scheme       
8  5 'Structure model' pdbx_struct_conn_angle    
9  5 'Structure model' struct_conn               
10 5 'Structure model' struct_conn_type          
11 5 'Structure model' struct_site               
12 6 'Structure model' chem_comp_atom            
13 6 'Structure model' chem_comp_bond            
14 6 'Structure model' database_2                
15 6 'Structure model' pdbx_entry_details        
16 6 'Structure model' pdbx_modification_feature 
# 
loop_
_pdbx_audit_revision_item.ordinal 
_pdbx_audit_revision_item.revision_ordinal 
_pdbx_audit_revision_item.data_content_type 
_pdbx_audit_revision_item.item 
1  4 'Structure model' '_exptl_crystal_grow.temp'                    
2  5 'Structure model' '_atom_site.B_iso_or_equiv'                   
3  5 'Structure model' '_atom_site.Cartn_x'                          
4  5 'Structure model' '_atom_site.Cartn_y'                          
5  5 'Structure model' '_atom_site.Cartn_z'                          
6  5 'Structure model' '_atom_site.auth_atom_id'                     
7  5 'Structure model' '_atom_site.auth_comp_id'                     
8  5 'Structure model' '_atom_site.label_atom_id'                    
9  5 'Structure model' '_atom_site.label_comp_id'                    
10 5 'Structure model' '_atom_site.type_symbol'                      
11 5 'Structure model' '_atom_site_anisotrop.id'                     
12 5 'Structure model' '_atom_site_anisotrop.pdbx_auth_comp_id'      
13 5 'Structure model' '_atom_site_anisotrop.pdbx_label_comp_id'     
14 5 'Structure model' '_chem_comp.formula'                          
15 5 'Structure model' '_chem_comp.formula_weight'                   
16 5 'Structure model' '_chem_comp.id'                               
17 5 'Structure model' '_chem_comp.name'                             
18 5 'Structure model' '_chem_comp.pdbx_synonyms'                    
19 5 'Structure model' '_entity.formula_weight'                      
20 5 'Structure model' '_entity.pdbx_description'                    
21 5 'Structure model' '_pdbx_entity_nonpoly.comp_id'                
22 5 'Structure model' '_pdbx_entity_nonpoly.name'                   
23 5 'Structure model' '_pdbx_nonpoly_scheme.mon_id'                 
24 5 'Structure model' '_pdbx_nonpoly_scheme.pdb_mon_id'             
25 5 'Structure model' '_pdbx_struct_conn_angle.ptnr1_auth_comp_id'  
26 5 'Structure model' '_pdbx_struct_conn_angle.ptnr1_label_comp_id' 
27 5 'Structure model' '_pdbx_struct_conn_angle.ptnr2_auth_comp_id'  
28 5 'Structure model' '_pdbx_struct_conn_angle.ptnr2_label_comp_id' 
29 5 'Structure model' '_pdbx_struct_conn_angle.ptnr3_auth_comp_id'  
30 5 'Structure model' '_pdbx_struct_conn_angle.ptnr3_label_comp_id' 
31 5 'Structure model' '_struct_conn.conn_type_id'                   
32 5 'Structure model' '_struct_conn.id'                             
33 5 'Structure model' '_struct_conn.pdbx_dist_value'                
34 5 'Structure model' '_struct_conn.pdbx_leaving_atom_flag'         
35 5 'Structure model' '_struct_conn.ptnr1_auth_comp_id'             
36 5 'Structure model' '_struct_conn.ptnr1_auth_seq_id'              
37 5 'Structure model' '_struct_conn.ptnr1_label_asym_id'            
38 5 'Structure model' '_struct_conn.ptnr1_label_atom_id'            
39 5 'Structure model' '_struct_conn.ptnr1_label_comp_id'            
40 5 'Structure model' '_struct_conn.ptnr1_label_seq_id'             
41 5 'Structure model' '_struct_conn.ptnr2_auth_comp_id'             
42 5 'Structure model' '_struct_conn.ptnr2_auth_seq_id'              
43 5 'Structure model' '_struct_conn.ptnr2_label_asym_id'            
44 5 'Structure model' '_struct_conn.ptnr2_label_atom_id'            
45 5 'Structure model' '_struct_conn.ptnr2_label_comp_id'            
46 5 'Structure model' '_struct_conn.ptnr2_label_seq_id'             
47 5 'Structure model' '_struct_conn_type.id'                        
48 5 'Structure model' '_struct_site.details'                        
49 5 'Structure model' '_struct_site.pdbx_auth_asym_id'              
50 5 'Structure model' '_struct_site.pdbx_auth_comp_id'              
51 5 'Structure model' '_struct_site.pdbx_auth_seq_id'               
52 6 'Structure model' '_database_2.pdbx_DOI'                        
53 6 'Structure model' '_database_2.pdbx_database_accession'         
# 
_pdbx_database_status.status_code                     REL 
_pdbx_database_status.entry_id                        1DT1 
_pdbx_database_status.recvd_initial_deposition_date   2000-01-10 
_pdbx_database_status.deposit_site                    RCSB 
_pdbx_database_status.process_site                    RCSB 
_pdbx_database_status.status_code_sf                  REL 
_pdbx_database_status.SG_entry                        . 
_pdbx_database_status.pdb_format_compatible           Y 
_pdbx_database_status.status_code_mr                  ? 
_pdbx_database_status.status_code_cs                  ? 
_pdbx_database_status.methods_development_category    ? 
_pdbx_database_status.status_code_nmr_data            ? 
# 
loop_
_audit_author.name 
_audit_author.pdbx_ordinal 
'Fee, J.A.'       1  
'Chen, Y.'        2  
'Hill, M.J.'      3  
'Gomez-Moran, E.' 4  
'Loehr, T.'       5  
'Ai, J.'          6  
'Thony-Meyer, L.' 7  
'Williams, P.A.'  8  
'Stura, E.'       9  
'Sridhar, V.'     10 
'McRee, D.E.'     11 
# 
_citation.id                        primary 
_citation.title                     
;Integrity of thermus thermophilus cytochrome c552 synthesized by Escherichia coli cells expressing the host-specific cytochrome c maturation genes, ccmABCDEFGH: biochemical, spectral, and structural characterization of the recombinant protein.
;
_citation.journal_abbrev            'Protein Sci.' 
_citation.journal_volume            9 
_citation.page_first                2074 
_citation.page_last                 2084 
_citation.year                      2000 
_citation.journal_id_ASTM           PRCIEI 
_citation.country                   US 
_citation.journal_id_ISSN           0961-8368 
_citation.journal_id_CSD            0795 
_citation.book_publisher            ? 
_citation.pdbx_database_id_PubMed   11152119 
_citation.pdbx_database_id_DOI      ? 
# 
loop_
_citation_author.citation_id 
_citation_author.name 
_citation_author.ordinal 
_citation_author.identifier_ORCID 
primary 'Fee, J.A.'       1  ? 
primary 'Chen, Y.'        2  ? 
primary 'Todaro, T.R.'    3  ? 
primary 'Bren, K.L.'      4  ? 
primary 'Patel, K.M.'     5  ? 
primary 'Hill, M.G.'      6  ? 
primary 'Gomez-Moran, E.' 7  ? 
primary 'Loehr, T.M.'     8  ? 
primary 'Ai, J.'          9  ? 
primary 'Thony-Meyer, L.' 10 ? 
primary 'Williams, P.A.'  11 ? 
primary 'Stura, E.'       12 ? 
primary 'Sridhar, V.'     13 ? 
primary 'McRee, D.E.'     14 ? 
# 
loop_
_entity.id 
_entity.type 
_entity.src_method 
_entity.pdbx_description 
_entity.formula_weight 
_entity.pdbx_number_of_molecules 
_entity.pdbx_ec 
_entity.pdbx_mutation 
_entity.pdbx_fragment 
_entity.details 
1 polymer     man 'CYTOCHROME C552' 13995.368 1  ? ? ? ? 
2 non-polymer syn 'HEME C'          618.503   1  ? ? ? ? 
3 water       nat water             18.015    71 ? ? ? ? 
# 
_entity_poly.entity_id                      1 
_entity_poly.type                           'polypeptide(L)' 
_entity_poly.nstd_linkage                   no 
_entity_poly.nstd_monomer                   no 
_entity_poly.pdbx_seq_one_letter_code       
;DGAKIYAQCAGCHQQNGQGIPGAFPPLAGHVAEILAKEGGREYLILVLLYGLQGQIEVKGMKYNGVMSSFAQLKDEEIAA
VLNHIATAWGDAKKVKGFKPFTAEEVKKLRAKKLTPQQVLAERKKLGLK
;
_entity_poly.pdbx_seq_one_letter_code_can   
;DGAKIYAQCAGCHQQNGQGIPGAFPPLAGHVAEILAKEGGREYLILVLLYGLQGQIEVKGMKYNGVMSSFAQLKDEEIAA
VLNHIATAWGDAKKVKGFKPFTAEEVKKLRAKKLTPQQVLAERKKLGLK
;
_entity_poly.pdbx_strand_id                 A 
_entity_poly.pdbx_target_identifier         ? 
# 
loop_
_pdbx_entity_nonpoly.entity_id 
_pdbx_entity_nonpoly.name 
_pdbx_entity_nonpoly.comp_id 
2 'HEME C' HEC 
3 water    HOH 
# 
loop_
_entity_poly_seq.entity_id 
_entity_poly_seq.num 
_entity_poly_seq.mon_id 
_entity_poly_seq.hetero 
1 1   ASP n 
1 2   GLY n 
1 3   ALA n 
1 4   LYS n 
1 5   ILE n 
1 6   TYR n 
1 7   ALA n 
1 8   GLN n 
1 9   CYS n 
1 10  ALA n 
1 11  GLY n 
1 12  CYS n 
1 13  HIS n 
1 14  GLN n 
1 15  GLN n 
1 16  ASN n 
1 17  GLY n 
1 18  GLN n 
1 19  GLY n 
1 20  ILE n 
1 21  PRO n 
1 22  GLY n 
1 23  ALA n 
1 24  PHE n 
1 25  PRO n 
1 26  PRO n 
1 27  LEU n 
1 28  ALA n 
1 29  GLY n 
1 30  HIS n 
1 31  VAL n 
1 32  ALA n 
1 33  GLU n 
1 34  ILE n 
1 35  LEU n 
1 36  ALA n 
1 37  LYS n 
1 38  GLU n 
1 39  GLY n 
1 40  GLY n 
1 41  ARG n 
1 42  GLU n 
1 43  TYR n 
1 44  LEU n 
1 45  ILE n 
1 46  LEU n 
1 47  VAL n 
1 48  LEU n 
1 49  LEU n 
1 50  TYR n 
1 51  GLY n 
1 52  LEU n 
1 53  GLN n 
1 54  GLY n 
1 55  GLN n 
1 56  ILE n 
1 57  GLU n 
1 58  VAL n 
1 59  LYS n 
1 60  GLY n 
1 61  MET n 
1 62  LYS n 
1 63  TYR n 
1 64  ASN n 
1 65  GLY n 
1 66  VAL n 
1 67  MET n 
1 68  SER n 
1 69  SER n 
1 70  PHE n 
1 71  ALA n 
1 72  GLN n 
1 73  LEU n 
1 74  LYS n 
1 75  ASP n 
1 76  GLU n 
1 77  GLU n 
1 78  ILE n 
1 79  ALA n 
1 80  ALA n 
1 81  VAL n 
1 82  LEU n 
1 83  ASN n 
1 84  HIS n 
1 85  ILE n 
1 86  ALA n 
1 87  THR n 
1 88  ALA n 
1 89  TRP n 
1 90  GLY n 
1 91  ASP n 
1 92  ALA n 
1 93  LYS n 
1 94  LYS n 
1 95  VAL n 
1 96  LYS n 
1 97  GLY n 
1 98  PHE n 
1 99  LYS n 
1 100 PRO n 
1 101 PHE n 
1 102 THR n 
1 103 ALA n 
1 104 GLU n 
1 105 GLU n 
1 106 VAL n 
1 107 LYS n 
1 108 LYS n 
1 109 LEU n 
1 110 ARG n 
1 111 ALA n 
1 112 LYS n 
1 113 LYS n 
1 114 LEU n 
1 115 THR n 
1 116 PRO n 
1 117 GLN n 
1 118 GLN n 
1 119 VAL n 
1 120 LEU n 
1 121 ALA n 
1 122 GLU n 
1 123 ARG n 
1 124 LYS n 
1 125 LYS n 
1 126 LEU n 
1 127 GLY n 
1 128 LEU n 
1 129 LYS n 
# 
_entity_src_gen.entity_id                          1 
_entity_src_gen.pdbx_src_id                        1 
_entity_src_gen.pdbx_alt_source_flag               sample 
_entity_src_gen.pdbx_seq_type                      ? 
_entity_src_gen.pdbx_beg_seq_num                   ? 
_entity_src_gen.pdbx_end_seq_num                   ? 
_entity_src_gen.gene_src_common_name               ? 
_entity_src_gen.gene_src_genus                     Thermus 
_entity_src_gen.pdbx_gene_src_gene                 ? 
_entity_src_gen.gene_src_species                   'Thermus thermophilus' 
_entity_src_gen.gene_src_strain                    HB8 
_entity_src_gen.gene_src_tissue                    ? 
_entity_src_gen.gene_src_tissue_fraction           ? 
_entity_src_gen.gene_src_details                   ? 
_entity_src_gen.pdbx_gene_src_fragment             ? 
_entity_src_gen.pdbx_gene_src_scientific_name      'Thermus thermophilus' 
_entity_src_gen.pdbx_gene_src_ncbi_taxonomy_id     300852 
_entity_src_gen.pdbx_gene_src_variant              ? 
_entity_src_gen.pdbx_gene_src_cell_line            ? 
_entity_src_gen.pdbx_gene_src_atcc                 ? 
_entity_src_gen.pdbx_gene_src_organ                ? 
_entity_src_gen.pdbx_gene_src_organelle            ? 
_entity_src_gen.pdbx_gene_src_cell                 ? 
_entity_src_gen.pdbx_gene_src_cellular_location    ? 
_entity_src_gen.host_org_common_name               ? 
_entity_src_gen.pdbx_host_org_scientific_name      'Escherichia coli' 
_entity_src_gen.pdbx_host_org_ncbi_taxonomy_id     562 
_entity_src_gen.host_org_genus                     Escherichia 
_entity_src_gen.pdbx_host_org_gene                 ? 
_entity_src_gen.pdbx_host_org_organ                ? 
_entity_src_gen.host_org_species                   ? 
_entity_src_gen.pdbx_host_org_tissue               ? 
_entity_src_gen.pdbx_host_org_tissue_fraction      ? 
_entity_src_gen.pdbx_host_org_strain               ? 
_entity_src_gen.pdbx_host_org_variant              ? 
_entity_src_gen.pdbx_host_org_cell_line            ? 
_entity_src_gen.pdbx_host_org_atcc                 ? 
_entity_src_gen.pdbx_host_org_culture_collection   ? 
_entity_src_gen.pdbx_host_org_cell                 ? 
_entity_src_gen.pdbx_host_org_organelle            ? 
_entity_src_gen.pdbx_host_org_cellular_location    ? 
_entity_src_gen.pdbx_host_org_vector_type          ? 
_entity_src_gen.pdbx_host_org_vector               ? 
_entity_src_gen.host_org_details                   ? 
_entity_src_gen.expression_system_id               ? 
_entity_src_gen.plasmid_name                       ? 
_entity_src_gen.plasmid_details                    ? 
_entity_src_gen.pdbx_description                   ? 
# 
loop_
_chem_comp.id 
_chem_comp.type 
_chem_comp.mon_nstd_flag 
_chem_comp.name 
_chem_comp.pdbx_synonyms 
_chem_comp.formula 
_chem_comp.formula_weight 
ALA 'L-peptide linking' y ALANINE         ? 'C3 H7 N O2'       89.093  
ARG 'L-peptide linking' y ARGININE        ? 'C6 H15 N4 O2 1'   175.209 
ASN 'L-peptide linking' y ASPARAGINE      ? 'C4 H8 N2 O3'      132.118 
ASP 'L-peptide linking' y 'ASPARTIC ACID' ? 'C4 H7 N O4'       133.103 
CYS 'L-peptide linking' y CYSTEINE        ? 'C3 H7 N O2 S'     121.158 
GLN 'L-peptide linking' y GLUTAMINE       ? 'C5 H10 N2 O3'     146.144 
GLU 'L-peptide linking' y 'GLUTAMIC ACID' ? 'C5 H9 N O4'       147.129 
GLY 'peptide linking'   y GLYCINE         ? 'C2 H5 N O2'       75.067  
HEC non-polymer         . 'HEME C'        ? 'C34 H34 Fe N4 O4' 618.503 
HIS 'L-peptide linking' y HISTIDINE       ? 'C6 H10 N3 O2 1'   156.162 
HOH non-polymer         . WATER           ? 'H2 O'             18.015  
ILE 'L-peptide linking' y ISOLEUCINE      ? 'C6 H13 N O2'      131.173 
LEU 'L-peptide linking' y LEUCINE         ? 'C6 H13 N O2'      131.173 
LYS 'L-peptide linking' y LYSINE          ? 'C6 H15 N2 O2 1'   147.195 
MET 'L-peptide linking' y METHIONINE      ? 'C5 H11 N O2 S'    149.211 
PHE 'L-peptide linking' y PHENYLALANINE   ? 'C9 H11 N O2'      165.189 
PRO 'L-peptide linking' y PROLINE         ? 'C5 H9 N O2'       115.130 
SER 'L-peptide linking' y SERINE          ? 'C3 H7 N O3'       105.093 
THR 'L-peptide linking' y THREONINE       ? 'C4 H9 N O3'       119.119 
TRP 'L-peptide linking' y TRYPTOPHAN      ? 'C11 H12 N2 O2'    204.225 
TYR 'L-peptide linking' y TYROSINE        ? 'C9 H11 N O3'      181.189 
VAL 'L-peptide linking' y VALINE          ? 'C5 H11 N O2'      117.146 
# 
loop_
_pdbx_poly_seq_scheme.asym_id 
_pdbx_poly_seq_scheme.entity_id 
_pdbx_poly_seq_scheme.seq_id 
_pdbx_poly_seq_scheme.mon_id 
_pdbx_poly_seq_scheme.ndb_seq_num 
_pdbx_poly_seq_scheme.pdb_seq_num 
_pdbx_poly_seq_scheme.auth_seq_num 
_pdbx_poly_seq_scheme.pdb_mon_id 
_pdbx_poly_seq_scheme.auth_mon_id 
_pdbx_poly_seq_scheme.pdb_strand_id 
_pdbx_poly_seq_scheme.pdb_ins_code 
_pdbx_poly_seq_scheme.hetero 
A 1 1   ASP 1   3   3   ASP ASP A . n 
A 1 2   GLY 2   4   4   GLY GLY A . n 
A 1 3   ALA 3   5   5   ALA ALA A . n 
A 1 4   LYS 4   6   6   LYS LYS A . n 
A 1 5   ILE 5   7   7   ILE ILE A . n 
A 1 6   TYR 6   8   8   TYR TYR A . n 
A 1 7   ALA 7   9   9   ALA ALA A . n 
A 1 8   GLN 8   10  10  GLN GLN A . n 
A 1 9   CYS 9   11  11  CYS CYS A . n 
A 1 10  ALA 10  12  12  ALA ALA A . n 
A 1 11  GLY 11  13  13  GLY GLY A . n 
A 1 12  CYS 12  14  14  CYS CYS A . n 
A 1 13  HIS 13  15  15  HIS HIS A . n 
A 1 14  GLN 14  16  16  GLN GLN A . n 
A 1 15  GLN 15  17  17  GLN GLN A . n 
A 1 16  ASN 16  18  18  ASN ASN A . n 
A 1 17  GLY 17  19  19  GLY GLY A . n 
A 1 18  GLN 18  20  20  GLN GLN A . n 
A 1 19  GLY 19  21  21  GLY GLY A . n 
A 1 20  ILE 20  22  22  ILE ILE A . n 
A 1 21  PRO 21  23  23  PRO PRO A . n 
A 1 22  GLY 22  24  24  GLY GLY A . n 
A 1 23  ALA 23  25  25  ALA ALA A . n 
A 1 24  PHE 24  26  26  PHE PHE A . n 
A 1 25  PRO 25  27  27  PRO PRO A . n 
A 1 26  PRO 26  28  28  PRO PRO A . n 
A 1 27  LEU 27  29  29  LEU LEU A . n 
A 1 28  ALA 28  30  30  ALA ALA A . n 
A 1 29  GLY 29  31  31  GLY GLY A . n 
A 1 30  HIS 30  32  32  HIS HIS A . n 
A 1 31  VAL 31  33  33  VAL VAL A . n 
A 1 32  ALA 32  34  34  ALA ALA A . n 
A 1 33  GLU 33  35  35  GLU GLU A . n 
A 1 34  ILE 34  36  36  ILE ILE A . n 
A 1 35  LEU 35  37  37  LEU LEU A . n 
A 1 36  ALA 36  38  38  ALA ALA A . n 
A 1 37  LYS 37  39  39  LYS LYS A . n 
A 1 38  GLU 38  40  40  GLU GLU A . n 
A 1 39  GLY 39  41  41  GLY GLY A . n 
A 1 40  GLY 40  42  42  GLY GLY A . n 
A 1 41  ARG 41  43  43  ARG ARG A . n 
A 1 42  GLU 42  44  44  GLU GLU A . n 
A 1 43  TYR 43  45  45  TYR TYR A . n 
A 1 44  LEU 44  46  46  LEU LEU A . n 
A 1 45  ILE 45  47  47  ILE ILE A . n 
A 1 46  LEU 46  48  48  LEU LEU A . n 
A 1 47  VAL 47  49  49  VAL VAL A . n 
A 1 48  LEU 48  50  50  LEU LEU A . n 
A 1 49  LEU 49  51  51  LEU LEU A . n 
A 1 50  TYR 50  52  52  TYR TYR A . n 
A 1 51  GLY 51  53  53  GLY GLY A . n 
A 1 52  LEU 52  54  54  LEU LEU A . n 
A 1 53  GLN 53  55  55  GLN GLN A . n 
A 1 54  GLY 54  56  56  GLY GLY A . n 
A 1 55  GLN 55  57  57  GLN GLN A . n 
A 1 56  ILE 56  58  58  ILE ILE A . n 
A 1 57  GLU 57  59  59  GLU GLU A . n 
A 1 58  VAL 58  60  60  VAL VAL A . n 
A 1 59  LYS 59  61  61  LYS LYS A . n 
A 1 60  GLY 60  62  62  GLY GLY A . n 
A 1 61  MET 61  63  63  MET MET A . n 
A 1 62  LYS 62  64  64  LYS LYS A . n 
A 1 63  TYR 63  65  65  TYR TYR A . n 
A 1 64  ASN 64  66  66  ASN ASN A . n 
A 1 65  GLY 65  67  67  GLY GLY A . n 
A 1 66  VAL 66  68  68  VAL VAL A . n 
A 1 67  MET 67  69  69  MET MET A . n 
A 1 68  SER 68  70  70  SER SER A . n 
A 1 69  SER 69  71  71  SER SER A . n 
A 1 70  PHE 70  72  72  PHE PHE A . n 
A 1 71  ALA 71  73  73  ALA ALA A . n 
A 1 72  GLN 72  74  74  GLN GLN A . n 
A 1 73  LEU 73  75  75  LEU LEU A . n 
A 1 74  LYS 74  76  76  LYS LYS A . n 
A 1 75  ASP 75  77  77  ASP ASP A . n 
A 1 76  GLU 76  78  78  GLU GLU A . n 
A 1 77  GLU 77  79  79  GLU GLU A . n 
A 1 78  ILE 78  80  80  ILE ILE A . n 
A 1 79  ALA 79  81  81  ALA ALA A . n 
A 1 80  ALA 80  82  82  ALA ALA A . n 
A 1 81  VAL 81  83  83  VAL VAL A . n 
A 1 82  LEU 82  84  84  LEU LEU A . n 
A 1 83  ASN 83  85  85  ASN ASN A . n 
A 1 84  HIS 84  86  86  HIS HIS A . n 
A 1 85  ILE 85  87  87  ILE ILE A . n 
A 1 86  ALA 86  88  88  ALA ALA A . n 
A 1 87  THR 87  89  89  THR THR A . n 
A 1 88  ALA 88  90  90  ALA ALA A . n 
A 1 89  TRP 89  91  91  TRP TRP A . n 
A 1 90  GLY 90  92  92  GLY GLY A . n 
A 1 91  ASP 91  93  93  ASP ASP A . n 
A 1 92  ALA 92  94  94  ALA ALA A . n 
A 1 93  LYS 93  95  95  LYS LYS A . n 
A 1 94  LYS 94  96  96  LYS LYS A . n 
A 1 95  VAL 95  97  97  VAL VAL A . n 
A 1 96  LYS 96  98  98  LYS LYS A . n 
A 1 97  GLY 97  99  99  GLY GLY A . n 
A 1 98  PHE 98  100 100 PHE PHE A . n 
A 1 99  LYS 99  101 101 LYS LYS A . n 
A 1 100 PRO 100 102 102 PRO PRO A . n 
A 1 101 PHE 101 103 103 PHE PHE A . n 
A 1 102 THR 102 104 104 THR THR A . n 
A 1 103 ALA 103 105 105 ALA ALA A . n 
A 1 104 GLU 104 106 106 GLU GLU A . n 
A 1 105 GLU 105 107 107 GLU GLU A . n 
A 1 106 VAL 106 108 108 VAL VAL A . n 
A 1 107 LYS 107 109 109 LYS LYS A . n 
A 1 108 LYS 108 110 110 LYS LYS A . n 
A 1 109 LEU 109 111 111 LEU LEU A . n 
A 1 110 ARG 110 112 112 ARG ARG A . n 
A 1 111 ALA 111 113 113 ALA ALA A . n 
A 1 112 LYS 112 114 114 LYS LYS A . n 
A 1 113 LYS 113 115 115 LYS LYS A . n 
A 1 114 LEU 114 116 116 LEU LEU A . n 
A 1 115 THR 115 117 117 THR THR A . n 
A 1 116 PRO 116 118 118 PRO PRO A . n 
A 1 117 GLN 117 119 119 GLN GLN A . n 
A 1 118 GLN 118 120 120 GLN GLN A . n 
A 1 119 VAL 119 121 121 VAL VAL A . n 
A 1 120 LEU 120 122 122 LEU LEU A . n 
A 1 121 ALA 121 123 123 ALA ALA A . n 
A 1 122 GLU 122 124 124 GLU GLU A . n 
A 1 123 ARG 123 125 125 ARG ARG A . n 
A 1 124 LYS 124 126 126 LYS LYS A . n 
A 1 125 LYS 125 127 127 LYS LYS A . n 
A 1 126 LEU 126 128 128 LEU LEU A . n 
A 1 127 GLY 127 129 129 GLY GLY A . n 
A 1 128 LEU 128 130 130 LEU LEU A . n 
A 1 129 LYS 129 131 131 LYS LYS A . n 
# 
loop_
_pdbx_nonpoly_scheme.asym_id 
_pdbx_nonpoly_scheme.entity_id 
_pdbx_nonpoly_scheme.mon_id 
_pdbx_nonpoly_scheme.ndb_seq_num 
_pdbx_nonpoly_scheme.pdb_seq_num 
_pdbx_nonpoly_scheme.auth_seq_num 
_pdbx_nonpoly_scheme.pdb_mon_id 
_pdbx_nonpoly_scheme.auth_mon_id 
_pdbx_nonpoly_scheme.pdb_strand_id 
_pdbx_nonpoly_scheme.pdb_ins_code 
B 2 HEC 1  200  200  HEC HEM A . 
C 3 HOH 1  2001 2001 HOH HOH A . 
C 3 HOH 2  2002 2002 HOH HOH A . 
C 3 HOH 3  2003 2003 HOH HOH A . 
C 3 HOH 4  2004 2004 HOH HOH A . 
C 3 HOH 5  2005 2005 HOH HOH A . 
C 3 HOH 6  2006 2006 HOH HOH A . 
C 3 HOH 7  2007 2007 HOH HOH A . 
C 3 HOH 8  2008 2008 HOH HOH A . 
C 3 HOH 9  2009 2009 HOH HOH A . 
C 3 HOH 10 2010 2010 HOH HOH A . 
C 3 HOH 11 2011 2011 HOH HOH A . 
C 3 HOH 12 2012 2012 HOH HOH A . 
C 3 HOH 13 2013 2013 HOH HOH A . 
C 3 HOH 14 2014 2014 HOH HOH A . 
C 3 HOH 15 2015 2015 HOH HOH A . 
C 3 HOH 16 2016 2016 HOH HOH A . 
C 3 HOH 17 2017 2017 HOH HOH A . 
C 3 HOH 18 2018 2018 HOH HOH A . 
C 3 HOH 19 2019 2019 HOH HOH A . 
C 3 HOH 20 2020 2020 HOH HOH A . 
C 3 HOH 21 2021 2021 HOH HOH A . 
C 3 HOH 22 2022 2022 HOH HOH A . 
C 3 HOH 23 2023 2023 HOH HOH A . 
C 3 HOH 24 2024 2024 HOH HOH A . 
C 3 HOH 25 2025 2025 HOH HOH A . 
C 3 HOH 26 2026 2026 HOH HOH A . 
C 3 HOH 27 2027 2027 HOH HOH A . 
C 3 HOH 28 2028 2028 HOH HOH A . 
C 3 HOH 29 2029 2029 HOH HOH A . 
C 3 HOH 30 2030 2030 HOH HOH A . 
C 3 HOH 31 2031 2031 HOH HOH A . 
C 3 HOH 32 2032 2032 HOH HOH A . 
C 3 HOH 33 2033 2033 HOH HOH A . 
C 3 HOH 34 2034 2034 HOH HOH A . 
C 3 HOH 35 2035 2035 HOH HOH A . 
C 3 HOH 36 2036 2036 HOH HOH A . 
C 3 HOH 37 2037 2037 HOH HOH A . 
C 3 HOH 38 2038 2038 HOH HOH A . 
C 3 HOH 39 2039 2039 HOH HOH A . 
C 3 HOH 40 2040 2040 HOH HOH A . 
C 3 HOH 41 2041 2041 HOH HOH A . 
C 3 HOH 42 2042 2042 HOH HOH A . 
C 3 HOH 43 2043 2043 HOH HOH A . 
C 3 HOH 44 2044 2044 HOH HOH A . 
C 3 HOH 45 2045 2045 HOH HOH A . 
C 3 HOH 46 2046 2046 HOH HOH A . 
C 3 HOH 47 2047 2047 HOH HOH A . 
C 3 HOH 48 2048 2048 HOH HOH A . 
C 3 HOH 49 2049 2049 HOH HOH A . 
C 3 HOH 50 2050 2050 HOH HOH A . 
C 3 HOH 51 2051 2051 HOH HOH A . 
C 3 HOH 52 2052 2052 HOH HOH A . 
C 3 HOH 53 2053 2053 HOH HOH A . 
C 3 HOH 54 2054 2054 HOH HOH A . 
C 3 HOH 55 2055 2055 HOH HOH A . 
C 3 HOH 56 2056 2056 HOH HOH A . 
C 3 HOH 57 2057 2057 HOH HOH A . 
C 3 HOH 58 2058 2058 HOH HOH A . 
C 3 HOH 59 2059 2059 HOH HOH A . 
C 3 HOH 60 2060 2060 HOH HOH A . 
C 3 HOH 61 2061 2061 HOH HOH A . 
C 3 HOH 62 2062 2062 HOH HOH A . 
C 3 HOH 63 2063 2063 HOH HOH A . 
C 3 HOH 64 2064 2064 HOH HOH A . 
C 3 HOH 65 2065 2065 HOH HOH A . 
C 3 HOH 66 2066 2066 HOH HOH A . 
C 3 HOH 67 2067 2067 HOH HOH A . 
C 3 HOH 68 2068 2068 HOH HOH A . 
C 3 HOH 69 2069 2069 HOH HOH A . 
C 3 HOH 70 2070 2070 HOH HOH A . 
C 3 HOH 71 2071 2071 HOH HOH A . 
# 
loop_
_software.name 
_software.classification 
_software.version 
_software.citation_id 
_software.pdbx_ordinal 
XFIT      'data reduction' .         ? 1 
SHELXL-97 refinement       .         ? 2 
MOSFLM    'data reduction' .         ? 3 
CCP4      'data scaling'   '(SCALA)' ? 4 
# 
_cell.entry_id           1DT1 
_cell.length_a           86.900 
_cell.length_b           86.900 
_cell.length_c           31.850 
_cell.angle_alpha        90.00 
_cell.angle_beta         90.00 
_cell.angle_gamma        120.00 
_cell.Z_PDB              6 
_cell.pdbx_unique_axis   ? 
# 
_symmetry.entry_id                         1DT1 
_symmetry.space_group_name_H-M             'P 65' 
_symmetry.pdbx_full_space_group_name_H-M   ? 
_symmetry.cell_setting                     ? 
_symmetry.Int_Tables_number                170 
# 
_exptl.entry_id          1DT1 
_exptl.method            'X-RAY DIFFRACTION' 
_exptl.crystals_number   1 
# 
_exptl_crystal.id                    1 
_exptl_crystal.density_meas          ? 
_exptl_crystal.density_Matthews      2.48 
_exptl_crystal.density_percent_sol   50.40 
_exptl_crystal.description           ? 
# 
_exptl_crystal_grow.crystal_id      1 
_exptl_crystal_grow.method          'VAPOR DIFFUSION, SITTING DROP' 
_exptl_crystal_grow.temp            297.0 
_exptl_crystal_grow.temp_details    ? 
_exptl_crystal_grow.pH              6.3 
_exptl_crystal_grow.pdbx_details    '36% MPEG 5K (w/v), 0.2M Im-mat 6.3, VAPOR DIFFUSION, SITTING DROP, temperature 24K' 
_exptl_crystal_grow.pdbx_pH_range   . 
# 
_diffrn.id                     1 
_diffrn.ambient_temp           100 
_diffrn.ambient_temp_details   ? 
_diffrn.crystal_id             1 
# 
_diffrn_detector.diffrn_id              1 
_diffrn_detector.detector               'IMAGE PLATE' 
_diffrn_detector.type                   MARRESEARCH 
_diffrn_detector.pdbx_collection_date   1999-11-14 
_diffrn_detector.details                ? 
# 
_diffrn_radiation.diffrn_id                        1 
_diffrn_radiation.wavelength_id                    1 
_diffrn_radiation.pdbx_monochromatic_or_laue_m_l   M 
_diffrn_radiation.monochromator                    ? 
_diffrn_radiation.pdbx_diffrn_protocol             'SINGLE WAVELENGTH' 
_diffrn_radiation.pdbx_scattering_type             x-ray 
# 
_diffrn_radiation_wavelength.id           1 
_diffrn_radiation_wavelength.wavelength   1.08 
_diffrn_radiation_wavelength.wt           1.0 
# 
_diffrn_source.diffrn_id                   1 
_diffrn_source.source                      SYNCHROTRON 
_diffrn_source.type                        'SSRL BEAMLINE BL7-1' 
_diffrn_source.pdbx_synchrotron_site       SSRL 
_diffrn_source.pdbx_synchrotron_beamline   BL7-1 
_diffrn_source.pdbx_wavelength             1.08 
_diffrn_source.pdbx_wavelength_list        ? 
# 
_reflns.entry_id                     1DT1 
_reflns.observed_criterion_sigma_I   0.0 
_reflns.observed_criterion_sigma_F   0.0 
_reflns.d_resolution_low             25 
_reflns.d_resolution_high            1.8 
_reflns.number_obs                   15100 
_reflns.number_all                   92080 
_reflns.percent_possible_obs         99.2 
_reflns.pdbx_Rmerge_I_obs            0.0700000 
_reflns.pdbx_Rsym_value              ? 
_reflns.pdbx_netI_over_sigmaI        9.1 
_reflns.B_iso_Wilson_estimate        14.9 
_reflns.pdbx_redundancy              3.6 
_reflns.R_free_details               ? 
_reflns.limit_h_max                  ? 
_reflns.limit_h_min                  ? 
_reflns.limit_k_max                  ? 
_reflns.limit_k_min                  ? 
_reflns.limit_l_max                  ? 
_reflns.limit_l_min                  ? 
_reflns.observed_criterion_F_max     ? 
_reflns.observed_criterion_F_min     ? 
_reflns.pdbx_ordinal                 1 
_reflns.pdbx_diffrn_id               1 
# 
_reflns_shell.d_res_high             1.8 
_reflns_shell.d_res_low              1.9 
_reflns_shell.percent_possible_all   98.8 
_reflns_shell.Rmerge_I_obs           0.3040000 
_reflns_shell.pdbx_Rsym_value        ? 
_reflns_shell.meanI_over_sigI_obs    ? 
_reflns_shell.pdbx_redundancy        3.0 
_reflns_shell.percent_possible_obs   ? 
_reflns_shell.number_unique_all      ? 
_reflns_shell.pdbx_ordinal           1 
_reflns_shell.pdbx_diffrn_id         1 
# 
_refine.entry_id                                 1DT1 
_refine.ls_number_reflns_obs                     10978 
_refine.ls_number_reflns_all                     10978 
_refine.pdbx_ls_sigma_I                          4.0 
_refine.pdbx_ls_sigma_F                          2.0 
_refine.pdbx_data_cutoff_high_absF               ? 
_refine.pdbx_data_cutoff_low_absF                ? 
_refine.ls_d_res_low                             25.0 
_refine.ls_d_res_high                            1.8 
_refine.ls_percent_reflns_obs                    ? 
_refine.ls_R_factor_obs                          0.2100000 
_refine.ls_R_factor_all                          0.2040000 
_refine.ls_R_factor_R_work                       0.1820000 
_refine.ls_R_factor_R_free                       0.2620000 
_refine.ls_R_factor_R_free_error                 ? 
_refine.ls_R_factor_R_free_error_details         ? 
_refine.ls_percent_reflns_R_free                 ? 
_refine.ls_number_reflns_R_free                  544 
_refine.ls_number_parameters                     ? 
_refine.ls_number_restraints                     ? 
_refine.occupancy_min                            ? 
_refine.occupancy_max                            ? 
_refine.B_iso_mean                               ? 
_refine.aniso_B[1][1]                            ? 
_refine.aniso_B[2][2]                            ? 
_refine.aniso_B[3][3]                            ? 
_refine.aniso_B[1][2]                            ? 
_refine.aniso_B[1][3]                            ? 
_refine.aniso_B[2][3]                            ? 
_refine.solvent_model_details                    ? 
_refine.solvent_model_param_ksol                 ? 
_refine.solvent_model_param_bsol                 ? 
_refine.pdbx_ls_cross_valid_method               ? 
_refine.details                                  ? 
_refine.pdbx_starting_model                      ? 
_refine.pdbx_method_to_determine_struct          ? 
_refine.pdbx_isotropic_thermal_model             ? 
_refine.pdbx_stereochemistry_target_values       'engh and huber' 
_refine.pdbx_stereochem_target_val_spec_case     ? 
_refine.pdbx_R_Free_selection_details            random 
_refine.pdbx_overall_ESU_R_Free                  ? 
_refine.overall_SU_B                             ? 
_refine.ls_redundancy_reflns_obs                 ? 
_refine.overall_SU_ML                            ? 
_refine.pdbx_overall_ESU_R                       ? 
_refine.pdbx_data_cutoff_high_rms_absF           ? 
_refine.B_iso_min                                ? 
_refine.B_iso_max                                ? 
_refine.correlation_coeff_Fo_to_Fc               ? 
_refine.correlation_coeff_Fo_to_Fc_free          ? 
_refine.overall_SU_R_Cruickshank_DPI             ? 
_refine.overall_SU_R_free                        ? 
_refine.pdbx_refine_id                           'X-RAY DIFFRACTION' 
_refine.pdbx_diffrn_id                           1 
_refine.pdbx_TLS_residual_ADP_flag               ? 
_refine.pdbx_solvent_vdw_probe_radii             ? 
_refine.pdbx_solvent_ion_probe_radii             ? 
_refine.pdbx_solvent_shrinkage_radii             ? 
_refine.pdbx_overall_phase_error                 ? 
_refine.pdbx_overall_SU_R_free_Cruickshank_DPI   ? 
_refine.pdbx_overall_SU_R_Blow_DPI               ? 
_refine.pdbx_overall_SU_R_free_Blow_DPI          ? 
# 
_refine_hist.pdbx_refine_id                   'X-RAY DIFFRACTION' 
_refine_hist.cycle_id                         LAST 
_refine_hist.pdbx_number_atoms_protein        984 
_refine_hist.pdbx_number_atoms_nucleic_acid   0 
_refine_hist.pdbx_number_atoms_ligand         43 
_refine_hist.number_atoms_solvent             71 
_refine_hist.number_atoms_total               1098 
_refine_hist.d_res_high                       1.8 
_refine_hist.d_res_low                        25.0 
# 
_struct.entry_id                  1DT1 
_struct.title                     'THERMUS THERMOPHILUS CYTOCHROME C552 SYNTHESIZED BY ESCHERICHIA COLI' 
_struct.pdbx_model_details        ? 
_struct.pdbx_CASP_flag            ? 
_struct.pdbx_model_type_details   ? 
# 
_struct_keywords.entry_id        1DT1 
_struct_keywords.pdbx_keywords   OXIDOREDUCTASE 
_struct_keywords.text            'Cytochrome C552, Thermus thermophilus, OXIDOREDUCTASE' 
# 
loop_
_struct_asym.id 
_struct_asym.pdbx_blank_PDB_chainid_flag 
_struct_asym.pdbx_modified 
_struct_asym.entity_id 
_struct_asym.details 
A N N 1 ? 
B N N 2 ? 
C N N 3 ? 
# 
_struct_ref.id                         1 
_struct_ref.db_name                    UNP 
_struct_ref.db_code                    Q5SME3_THET8 
_struct_ref.entity_id                  1 
_struct_ref.pdbx_db_accession          Q5SME3 
_struct_ref.pdbx_align_begin           ? 
_struct_ref.pdbx_seq_one_letter_code   ? 
_struct_ref.pdbx_db_isoform            ? 
# 
_struct_ref_seq.align_id                      1 
_struct_ref_seq.ref_id                        1 
_struct_ref_seq.pdbx_PDB_id_code              1DT1 
_struct_ref_seq.pdbx_strand_id                A 
_struct_ref_seq.seq_align_beg                 1 
_struct_ref_seq.pdbx_seq_align_beg_ins_code   ? 
_struct_ref_seq.seq_align_end                 129 
_struct_ref_seq.pdbx_seq_align_end_ins_code   ? 
_struct_ref_seq.pdbx_db_accession             Q5SME3 
_struct_ref_seq.db_align_beg                  20 
_struct_ref_seq.pdbx_db_align_beg_ins_code    ? 
_struct_ref_seq.db_align_end                  148 
_struct_ref_seq.pdbx_db_align_end_ins_code    ? 
_struct_ref_seq.pdbx_auth_seq_align_beg       3 
_struct_ref_seq.pdbx_auth_seq_align_end       131 
# 
_pdbx_struct_assembly.id                   1 
_pdbx_struct_assembly.details              author_defined_assembly 
_pdbx_struct_assembly.method_details       ? 
_pdbx_struct_assembly.oligomeric_details   monomeric 
_pdbx_struct_assembly.oligomeric_count     1 
# 
_pdbx_struct_assembly_gen.assembly_id       1 
_pdbx_struct_assembly_gen.oper_expression   1 
_pdbx_struct_assembly_gen.asym_id_list      A,B,C 
# 
_pdbx_struct_oper_list.id                   1 
_pdbx_struct_oper_list.type                 'identity operation' 
_pdbx_struct_oper_list.name                 1_555 
_pdbx_struct_oper_list.symmetry_operation   x,y,z 
_pdbx_struct_oper_list.matrix[1][1]         1.0000000000 
_pdbx_struct_oper_list.matrix[1][2]         0.0000000000 
_pdbx_struct_oper_list.matrix[1][3]         0.0000000000 
_pdbx_struct_oper_list.vector[1]            0.0000000000 
_pdbx_struct_oper_list.matrix[2][1]         0.0000000000 
_pdbx_struct_oper_list.matrix[2][2]         1.0000000000 
_pdbx_struct_oper_list.matrix[2][3]         0.0000000000 
_pdbx_struct_oper_list.vector[2]            0.0000000000 
_pdbx_struct_oper_list.matrix[3][1]         0.0000000000 
_pdbx_struct_oper_list.matrix[3][2]         0.0000000000 
_pdbx_struct_oper_list.matrix[3][3]         1.0000000000 
_pdbx_struct_oper_list.vector[3]            0.0000000000 
# 
_struct_biol.id                    1 
_struct_biol.details               
;The biological unit is a monomer 
as found in the asymmetric unit
;
_struct_biol.pdbx_parent_biol_id   ? 
# 
loop_
_struct_conf.conf_type_id 
_struct_conf.id 
_struct_conf.pdbx_PDB_helix_id 
_struct_conf.beg_label_comp_id 
_struct_conf.beg_label_asym_id 
_struct_conf.beg_label_seq_id 
_struct_conf.pdbx_beg_PDB_ins_code 
_struct_conf.end_label_comp_id 
_struct_conf.end_label_asym_id 
_struct_conf.end_label_seq_id 
_struct_conf.pdbx_end_PDB_ins_code 
_struct_conf.beg_auth_comp_id 
_struct_conf.beg_auth_asym_id 
_struct_conf.beg_auth_seq_id 
_struct_conf.end_auth_comp_id 
_struct_conf.end_auth_asym_id 
_struct_conf.end_auth_seq_id 
_struct_conf.pdbx_PDB_helix_class 
_struct_conf.details 
_struct_conf.pdbx_PDB_helix_length 
HELX_P HELX_P1 1 ASP A 1   ? GLN A 14  ? ASP A 3   GLN A 16  1 ? 14 
HELX_P HELX_P2 2 HIS A 30  ? ALA A 36  ? HIS A 32  ALA A 38  1 ? 7  
HELX_P HELX_P3 3 GLY A 39  ? GLY A 51  ? GLY A 41  GLY A 53  1 ? 13 
HELX_P HELX_P4 4 LYS A 74  ? ALA A 88  ? LYS A 76  ALA A 90  1 ? 15 
HELX_P HELX_P5 5 GLY A 90  ? VAL A 95  ? GLY A 92  VAL A 97  5 ? 6  
HELX_P HELX_P6 6 THR A 102 ? ALA A 111 ? THR A 104 ALA A 113 1 ? 10 
HELX_P HELX_P7 7 THR A 115 ? LEU A 126 ? THR A 117 LEU A 128 1 ? 12 
# 
_struct_conf_type.id          HELX_P 
_struct_conf_type.criteria    ? 
_struct_conf_type.reference   ? 
# 
loop_
_struct_conn.id 
_struct_conn.conn_type_id 
_struct_conn.pdbx_leaving_atom_flag 
_struct_conn.pdbx_PDB_id 
_struct_conn.ptnr1_label_asym_id 
_struct_conn.ptnr1_label_comp_id 
_struct_conn.ptnr1_label_seq_id 
_struct_conn.ptnr1_label_atom_id 
_struct_conn.pdbx_ptnr1_label_alt_id 
_struct_conn.pdbx_ptnr1_PDB_ins_code 
_struct_conn.pdbx_ptnr1_standard_comp_id 
_struct_conn.ptnr1_symmetry 
_struct_conn.ptnr2_label_asym_id 
_struct_conn.ptnr2_label_comp_id 
_struct_conn.ptnr2_label_seq_id 
_struct_conn.ptnr2_label_atom_id 
_struct_conn.pdbx_ptnr2_label_alt_id 
_struct_conn.pdbx_ptnr2_PDB_ins_code 
_struct_conn.ptnr1_auth_asym_id 
_struct_conn.ptnr1_auth_comp_id 
_struct_conn.ptnr1_auth_seq_id 
_struct_conn.ptnr2_auth_asym_id 
_struct_conn.ptnr2_auth_comp_id 
_struct_conn.ptnr2_auth_seq_id 
_struct_conn.ptnr2_symmetry 
_struct_conn.pdbx_ptnr3_label_atom_id 
_struct_conn.pdbx_ptnr3_label_seq_id 
_struct_conn.pdbx_ptnr3_label_comp_id 
_struct_conn.pdbx_ptnr3_label_asym_id 
_struct_conn.pdbx_ptnr3_label_alt_id 
_struct_conn.pdbx_ptnr3_PDB_ins_code 
_struct_conn.details 
_struct_conn.pdbx_dist_value 
_struct_conn.pdbx_value_order 
_struct_conn.pdbx_role 
covale1 covale none ? A CYS 9  SG  ? ? ? 1_555 B HEC . CAB ? ? A CYS 11 A HEC 200 1_555 ? ? ? ? ? ? ? 1.813 ? ? 
covale2 covale none ? A CYS 12 SG  ? ? ? 1_555 B HEC . CAC ? ? A CYS 14 A HEC 200 1_555 ? ? ? ? ? ? ? 1.843 ? ? 
metalc1 metalc ?    ? A HIS 13 NE2 ? ? ? 1_555 B HEC . FE  ? ? A HIS 15 A HEC 200 1_555 ? ? ? ? ? ? ? 2.007 ? ? 
metalc2 metalc ?    ? A MET 67 SD  ? ? ? 1_555 B HEC . FE  ? ? A MET 69 A HEC 200 1_555 ? ? ? ? ? ? ? 2.300 ? ? 
# 
loop_
_struct_conn_type.id 
_struct_conn_type.criteria 
_struct_conn_type.reference 
covale ? ? 
metalc ? ? 
# 
loop_
_pdbx_struct_conn_angle.id 
_pdbx_struct_conn_angle.ptnr1_label_atom_id 
_pdbx_struct_conn_angle.ptnr1_label_alt_id 
_pdbx_struct_conn_angle.ptnr1_label_asym_id 
_pdbx_struct_conn_angle.ptnr1_label_comp_id 
_pdbx_struct_conn_angle.ptnr1_label_seq_id 
_pdbx_struct_conn_angle.ptnr1_auth_atom_id 
_pdbx_struct_conn_angle.ptnr1_auth_asym_id 
_pdbx_struct_conn_angle.ptnr1_auth_comp_id 
_pdbx_struct_conn_angle.ptnr1_auth_seq_id 
_pdbx_struct_conn_angle.ptnr1_PDB_ins_code 
_pdbx_struct_conn_angle.ptnr1_symmetry 
_pdbx_struct_conn_angle.ptnr2_label_atom_id 
_pdbx_struct_conn_angle.ptnr2_label_alt_id 
_pdbx_struct_conn_angle.ptnr2_label_asym_id 
_pdbx_struct_conn_angle.ptnr2_label_comp_id 
_pdbx_struct_conn_angle.ptnr2_label_seq_id 
_pdbx_struct_conn_angle.ptnr2_auth_atom_id 
_pdbx_struct_conn_angle.ptnr2_auth_asym_id 
_pdbx_struct_conn_angle.ptnr2_auth_comp_id 
_pdbx_struct_conn_angle.ptnr2_auth_seq_id 
_pdbx_struct_conn_angle.ptnr2_PDB_ins_code 
_pdbx_struct_conn_angle.ptnr2_symmetry 
_pdbx_struct_conn_angle.ptnr3_label_atom_id 
_pdbx_struct_conn_angle.ptnr3_label_alt_id 
_pdbx_struct_conn_angle.ptnr3_label_asym_id 
_pdbx_struct_conn_angle.ptnr3_label_comp_id 
_pdbx_struct_conn_angle.ptnr3_label_seq_id 
_pdbx_struct_conn_angle.ptnr3_auth_atom_id 
_pdbx_struct_conn_angle.ptnr3_auth_asym_id 
_pdbx_struct_conn_angle.ptnr3_auth_comp_id 
_pdbx_struct_conn_angle.ptnr3_auth_seq_id 
_pdbx_struct_conn_angle.ptnr3_PDB_ins_code 
_pdbx_struct_conn_angle.ptnr3_symmetry 
_pdbx_struct_conn_angle.value 
_pdbx_struct_conn_angle.value_esd 
1  NE2 ? A HIS 13 ? A HIS 15  ? 1_555 FE ? B HEC . ? A HEC 200 ? 1_555 NA ? B HEC .  ? A HEC 200 ? 1_555 91.3  ? 
2  NE2 ? A HIS 13 ? A HIS 15  ? 1_555 FE ? B HEC . ? A HEC 200 ? 1_555 NB ? B HEC .  ? A HEC 200 ? 1_555 90.9  ? 
3  NA  ? B HEC .  ? A HEC 200 ? 1_555 FE ? B HEC . ? A HEC 200 ? 1_555 NB ? B HEC .  ? A HEC 200 ? 1_555 91.1  ? 
4  NE2 ? A HIS 13 ? A HIS 15  ? 1_555 FE ? B HEC . ? A HEC 200 ? 1_555 NC ? B HEC .  ? A HEC 200 ? 1_555 92.1  ? 
5  NA  ? B HEC .  ? A HEC 200 ? 1_555 FE ? B HEC . ? A HEC 200 ? 1_555 NC ? B HEC .  ? A HEC 200 ? 1_555 176.4 ? 
6  NB  ? B HEC .  ? A HEC 200 ? 1_555 FE ? B HEC . ? A HEC 200 ? 1_555 NC ? B HEC .  ? A HEC 200 ? 1_555 90.1  ? 
7  NE2 ? A HIS 13 ? A HIS 15  ? 1_555 FE ? B HEC . ? A HEC 200 ? 1_555 ND ? B HEC .  ? A HEC 200 ? 1_555 92.5  ? 
8  NA  ? B HEC .  ? A HEC 200 ? 1_555 FE ? B HEC . ? A HEC 200 ? 1_555 ND ? B HEC .  ? A HEC 200 ? 1_555 90.7  ? 
9  NB  ? B HEC .  ? A HEC 200 ? 1_555 FE ? B HEC . ? A HEC 200 ? 1_555 ND ? B HEC .  ? A HEC 200 ? 1_555 176.1 ? 
10 NC  ? B HEC .  ? A HEC 200 ? 1_555 FE ? B HEC . ? A HEC 200 ? 1_555 ND ? B HEC .  ? A HEC 200 ? 1_555 87.9  ? 
11 NE2 ? A HIS 13 ? A HIS 15  ? 1_555 FE ? B HEC . ? A HEC 200 ? 1_555 SD ? A MET 67 ? A MET 69  ? 1_555 171.9 ? 
12 NA  ? B HEC .  ? A HEC 200 ? 1_555 FE ? B HEC . ? A HEC 200 ? 1_555 SD ? A MET 67 ? A MET 69  ? 1_555 80.7  ? 
13 NB  ? B HEC .  ? A HEC 200 ? 1_555 FE ? B HEC . ? A HEC 200 ? 1_555 SD ? A MET 67 ? A MET 69  ? 1_555 90.5  ? 
14 NC  ? B HEC .  ? A HEC 200 ? 1_555 FE ? B HEC . ? A HEC 200 ? 1_555 SD ? A MET 67 ? A MET 69  ? 1_555 96.0  ? 
15 ND  ? B HEC .  ? A HEC 200 ? 1_555 FE ? B HEC . ? A HEC 200 ? 1_555 SD ? A MET 67 ? A MET 69  ? 1_555 86.4  ? 
# 
loop_
_pdbx_modification_feature.ordinal 
_pdbx_modification_feature.label_comp_id 
_pdbx_modification_feature.label_asym_id 
_pdbx_modification_feature.label_seq_id 
_pdbx_modification_feature.label_alt_id 
_pdbx_modification_feature.modified_residue_label_comp_id 
_pdbx_modification_feature.modified_residue_label_asym_id 
_pdbx_modification_feature.modified_residue_label_seq_id 
_pdbx_modification_feature.modified_residue_label_alt_id 
_pdbx_modification_feature.auth_comp_id 
_pdbx_modification_feature.auth_asym_id 
_pdbx_modification_feature.auth_seq_id 
_pdbx_modification_feature.PDB_ins_code 
_pdbx_modification_feature.symmetry 
_pdbx_modification_feature.modified_residue_auth_comp_id 
_pdbx_modification_feature.modified_residue_auth_asym_id 
_pdbx_modification_feature.modified_residue_auth_seq_id 
_pdbx_modification_feature.modified_residue_PDB_ins_code 
_pdbx_modification_feature.modified_residue_symmetry 
_pdbx_modification_feature.comp_id_linking_atom 
_pdbx_modification_feature.modified_residue_id_linking_atom 
_pdbx_modification_feature.modified_residue_id 
_pdbx_modification_feature.ref_pcm_id 
_pdbx_modification_feature.ref_comp_id 
_pdbx_modification_feature.type 
_pdbx_modification_feature.category 
1 HEC B . ? CYS A 9  ? HEC A 200 ? 1_555 CYS A 11 ? 1_555 CAB SG CYS 2 HEC None Heme/heme-like 
2 HEC B . ? CYS A 12 ? HEC A 200 ? 1_555 CYS A 14 ? 1_555 CAC SG CYS 3 HEC None Heme/heme-like 
# 
loop_
_struct_sheet.id 
_struct_sheet.type 
_struct_sheet.number_strands 
_struct_sheet.details 
A ? 2 ? 
B ? 2 ? 
# 
loop_
_struct_sheet_order.sheet_id 
_struct_sheet_order.range_id_1 
_struct_sheet_order.range_id_2 
_struct_sheet_order.offset 
_struct_sheet_order.sense 
A 1 2 ? anti-parallel 
B 1 2 ? anti-parallel 
# 
loop_
_struct_sheet_range.sheet_id 
_struct_sheet_range.id 
_struct_sheet_range.beg_label_comp_id 
_struct_sheet_range.beg_label_asym_id 
_struct_sheet_range.beg_label_seq_id 
_struct_sheet_range.pdbx_beg_PDB_ins_code 
_struct_sheet_range.end_label_comp_id 
_struct_sheet_range.end_label_asym_id 
_struct_sheet_range.end_label_seq_id 
_struct_sheet_range.pdbx_end_PDB_ins_code 
_struct_sheet_range.beg_auth_comp_id 
_struct_sheet_range.beg_auth_asym_id 
_struct_sheet_range.beg_auth_seq_id 
_struct_sheet_range.end_auth_comp_id 
_struct_sheet_range.end_auth_asym_id 
_struct_sheet_range.end_auth_seq_id 
A 1 LEU A 52 ? GLN A 53 ? LEU A 54 GLN A 55 
A 2 VAL A 66 ? MET A 67 ? VAL A 68 MET A 69 
B 1 ILE A 56 ? VAL A 58 ? ILE A 58 VAL A 60 
B 2 MET A 61 ? TYR A 63 ? MET A 63 TYR A 65 
# 
loop_
_pdbx_struct_sheet_hbond.sheet_id 
_pdbx_struct_sheet_hbond.range_id_1 
_pdbx_struct_sheet_hbond.range_id_2 
_pdbx_struct_sheet_hbond.range_1_label_atom_id 
_pdbx_struct_sheet_hbond.range_1_label_comp_id 
_pdbx_struct_sheet_hbond.range_1_label_asym_id 
_pdbx_struct_sheet_hbond.range_1_label_seq_id 
_pdbx_struct_sheet_hbond.range_1_PDB_ins_code 
_pdbx_struct_sheet_hbond.range_1_auth_atom_id 
_pdbx_struct_sheet_hbond.range_1_auth_comp_id 
_pdbx_struct_sheet_hbond.range_1_auth_asym_id 
_pdbx_struct_sheet_hbond.range_1_auth_seq_id 
_pdbx_struct_sheet_hbond.range_2_label_atom_id 
_pdbx_struct_sheet_hbond.range_2_label_comp_id 
_pdbx_struct_sheet_hbond.range_2_label_asym_id 
_pdbx_struct_sheet_hbond.range_2_label_seq_id 
_pdbx_struct_sheet_hbond.range_2_PDB_ins_code 
_pdbx_struct_sheet_hbond.range_2_auth_atom_id 
_pdbx_struct_sheet_hbond.range_2_auth_comp_id 
_pdbx_struct_sheet_hbond.range_2_auth_asym_id 
_pdbx_struct_sheet_hbond.range_2_auth_seq_id 
A 1 2 O LEU A 52 ? O LEU A 54 N MET A 67 ? N MET A 69 
B 1 2 N VAL A 58 ? N VAL A 60 O MET A 61 ? O MET A 63 
# 
_struct_site.id                   AC1 
_struct_site.pdbx_evidence_code   Software 
_struct_site.pdbx_auth_asym_id    A 
_struct_site.pdbx_auth_comp_id    HEC 
_struct_site.pdbx_auth_seq_id     200 
_struct_site.pdbx_auth_ins_code   ? 
_struct_site.pdbx_num_residues    18 
_struct_site.details              'BINDING SITE FOR RESIDUE HEC A 200' 
# 
loop_
_struct_site_gen.id 
_struct_site_gen.site_id 
_struct_site_gen.pdbx_num_res 
_struct_site_gen.label_comp_id 
_struct_site_gen.label_asym_id 
_struct_site_gen.label_seq_id 
_struct_site_gen.pdbx_auth_ins_code 
_struct_site_gen.auth_comp_id 
_struct_site_gen.auth_asym_id 
_struct_site_gen.auth_seq_id 
_struct_site_gen.label_atom_id 
_struct_site_gen.label_alt_id 
_struct_site_gen.symmetry 
_struct_site_gen.details 
1  AC1 18 GLN A 8   ? GLN A 10  . ? 1_555 ? 
2  AC1 18 CYS A 9   ? CYS A 11  . ? 1_555 ? 
3  AC1 18 CYS A 12  ? CYS A 14  . ? 1_555 ? 
4  AC1 18 HIS A 13  ? HIS A 15  . ? 1_555 ? 
5  AC1 18 ALA A 23  ? ALA A 25  . ? 1_555 ? 
6  AC1 18 PRO A 25  ? PRO A 27  . ? 1_555 ? 
7  AC1 18 HIS A 30  ? HIS A 32  . ? 1_555 ? 
8  AC1 18 TYR A 43  ? TYR A 45  . ? 1_555 ? 
9  AC1 18 LEU A 44  ? LEU A 46  . ? 1_555 ? 
10 AC1 18 GLN A 53  ? GLN A 55  . ? 1_555 ? 
11 AC1 18 GLY A 54  ? GLY A 56  . ? 1_555 ? 
12 AC1 18 VAL A 58  ? VAL A 60  . ? 1_555 ? 
13 AC1 18 GLY A 65  ? GLY A 67  . ? 1_555 ? 
14 AC1 18 VAL A 66  ? VAL A 68  . ? 1_555 ? 
15 AC1 18 MET A 67  ? MET A 69  . ? 1_555 ? 
16 AC1 18 PHE A 70  ? PHE A 72  . ? 1_555 ? 
17 AC1 18 GLU A 104 ? GLU A 106 . ? 1_556 ? 
18 AC1 18 ARG A 123 ? ARG A 125 . ? 1_555 ? 
# 
_pdbx_entry_details.entry_id                   1DT1 
_pdbx_entry_details.compound_details           ? 
_pdbx_entry_details.source_details             ? 
_pdbx_entry_details.nonpolymer_details         ? 
_pdbx_entry_details.sequence_details           ? 
_pdbx_entry_details.has_ligand_of_interest     ? 
_pdbx_entry_details.has_protein_modification   Y 
# 
_pdbx_validate_rmsd_bond.id                        1 
_pdbx_validate_rmsd_bond.PDB_model_num             1 
_pdbx_validate_rmsd_bond.auth_atom_id_1            C 
_pdbx_validate_rmsd_bond.auth_asym_id_1            A 
_pdbx_validate_rmsd_bond.auth_comp_id_1            LYS 
_pdbx_validate_rmsd_bond.auth_seq_id_1             131 
_pdbx_validate_rmsd_bond.PDB_ins_code_1            ? 
_pdbx_validate_rmsd_bond.label_alt_id_1            ? 
_pdbx_validate_rmsd_bond.auth_atom_id_2            OXT 
_pdbx_validate_rmsd_bond.auth_asym_id_2            A 
_pdbx_validate_rmsd_bond.auth_comp_id_2            LYS 
_pdbx_validate_rmsd_bond.auth_seq_id_2             131 
_pdbx_validate_rmsd_bond.PDB_ins_code_2            ? 
_pdbx_validate_rmsd_bond.label_alt_id_2            ? 
_pdbx_validate_rmsd_bond.bond_value                1.396 
_pdbx_validate_rmsd_bond.bond_target_value         1.229 
_pdbx_validate_rmsd_bond.bond_deviation            0.167 
_pdbx_validate_rmsd_bond.bond_standard_deviation   0.019 
_pdbx_validate_rmsd_bond.linker_flag               N 
# 
loop_
_pdbx_validate_torsion.id 
_pdbx_validate_torsion.PDB_model_num 
_pdbx_validate_torsion.auth_comp_id 
_pdbx_validate_torsion.auth_asym_id 
_pdbx_validate_torsion.auth_seq_id 
_pdbx_validate_torsion.PDB_ins_code 
_pdbx_validate_torsion.label_alt_id 
_pdbx_validate_torsion.phi 
_pdbx_validate_torsion.psi 
1 1 GLN A 16 ? ? 78.64   156.51 
2 1 ASN A 66 ? ? -149.43 53.29  
# 
loop_
_chem_comp_atom.comp_id 
_chem_comp_atom.atom_id 
_chem_comp_atom.type_symbol 
_chem_comp_atom.pdbx_aromatic_flag 
_chem_comp_atom.pdbx_stereo_config 
_chem_comp_atom.pdbx_ordinal 
ALA N    N  N N 1   
ALA CA   C  N S 2   
ALA C    C  N N 3   
ALA O    O  N N 4   
ALA CB   C  N N 5   
ALA OXT  O  N N 6   
ALA H    H  N N 7   
ALA H2   H  N N 8   
ALA HA   H  N N 9   
ALA HB1  H  N N 10  
ALA HB2  H  N N 11  
ALA HB3  H  N N 12  
ALA HXT  H  N N 13  
ARG N    N  N N 14  
ARG CA   C  N S 15  
ARG C    C  N N 16  
ARG O    O  N N 17  
ARG CB   C  N N 18  
ARG CG   C  N N 19  
ARG CD   C  N N 20  
ARG NE   N  N N 21  
ARG CZ   C  N N 22  
ARG NH1  N  N N 23  
ARG NH2  N  N N 24  
ARG OXT  O  N N 25  
ARG H    H  N N 26  
ARG H2   H  N N 27  
ARG HA   H  N N 28  
ARG HB2  H  N N 29  
ARG HB3  H  N N 30  
ARG HG2  H  N N 31  
ARG HG3  H  N N 32  
ARG HD2  H  N N 33  
ARG HD3  H  N N 34  
ARG HE   H  N N 35  
ARG HH11 H  N N 36  
ARG HH12 H  N N 37  
ARG HH21 H  N N 38  
ARG HH22 H  N N 39  
ARG HXT  H  N N 40  
ASN N    N  N N 41  
ASN CA   C  N S 42  
ASN C    C  N N 43  
ASN O    O  N N 44  
ASN CB   C  N N 45  
ASN CG   C  N N 46  
ASN OD1  O  N N 47  
ASN ND2  N  N N 48  
ASN OXT  O  N N 49  
ASN H    H  N N 50  
ASN H2   H  N N 51  
ASN HA   H  N N 52  
ASN HB2  H  N N 53  
ASN HB3  H  N N 54  
ASN HD21 H  N N 55  
ASN HD22 H  N N 56  
ASN HXT  H  N N 57  
ASP N    N  N N 58  
ASP CA   C  N S 59  
ASP C    C  N N 60  
ASP O    O  N N 61  
ASP CB   C  N N 62  
ASP CG   C  N N 63  
ASP OD1  O  N N 64  
ASP OD2  O  N N 65  
ASP OXT  O  N N 66  
ASP H    H  N N 67  
ASP H2   H  N N 68  
ASP HA   H  N N 69  
ASP HB2  H  N N 70  
ASP HB3  H  N N 71  
ASP HD2  H  N N 72  
ASP HXT  H  N N 73  
CYS N    N  N N 74  
CYS CA   C  N R 75  
CYS C    C  N N 76  
CYS O    O  N N 77  
CYS CB   C  N N 78  
CYS SG   S  N N 79  
CYS OXT  O  N N 80  
CYS H    H  N N 81  
CYS H2   H  N N 82  
CYS HA   H  N N 83  
CYS HB2  H  N N 84  
CYS HB3  H  N N 85  
CYS HG   H  N N 86  
CYS HXT  H  N N 87  
GLN N    N  N N 88  
GLN CA   C  N S 89  
GLN C    C  N N 90  
GLN O    O  N N 91  
GLN CB   C  N N 92  
GLN CG   C  N N 93  
GLN CD   C  N N 94  
GLN OE1  O  N N 95  
GLN NE2  N  N N 96  
GLN OXT  O  N N 97  
GLN H    H  N N 98  
GLN H2   H  N N 99  
GLN HA   H  N N 100 
GLN HB2  H  N N 101 
GLN HB3  H  N N 102 
GLN HG2  H  N N 103 
GLN HG3  H  N N 104 
GLN HE21 H  N N 105 
GLN HE22 H  N N 106 
GLN HXT  H  N N 107 
GLU N    N  N N 108 
GLU CA   C  N S 109 
GLU C    C  N N 110 
GLU O    O  N N 111 
GLU CB   C  N N 112 
GLU CG   C  N N 113 
GLU CD   C  N N 114 
GLU OE1  O  N N 115 
GLU OE2  O  N N 116 
GLU OXT  O  N N 117 
GLU H    H  N N 118 
GLU H2   H  N N 119 
GLU HA   H  N N 120 
GLU HB2  H  N N 121 
GLU HB3  H  N N 122 
GLU HG2  H  N N 123 
GLU HG3  H  N N 124 
GLU HE2  H  N N 125 
GLU HXT  H  N N 126 
GLY N    N  N N 127 
GLY CA   C  N N 128 
GLY C    C  N N 129 
GLY O    O  N N 130 
GLY OXT  O  N N 131 
GLY H    H  N N 132 
GLY H2   H  N N 133 
GLY HA2  H  N N 134 
GLY HA3  H  N N 135 
GLY HXT  H  N N 136 
HEC FE   FE N N 137 
HEC CHA  C  N N 138 
HEC CHB  C  N N 139 
HEC CHC  C  N N 140 
HEC CHD  C  N N 141 
HEC NA   N  Y N 142 
HEC C1A  C  Y N 143 
HEC C2A  C  Y N 144 
HEC C3A  C  Y N 145 
HEC C4A  C  Y N 146 
HEC CMA  C  N N 147 
HEC CAA  C  N N 148 
HEC CBA  C  N N 149 
HEC CGA  C  N N 150 
HEC O1A  O  N N 151 
HEC O2A  O  N N 152 
HEC NB   N  Y N 153 
HEC C1B  C  Y N 154 
HEC C2B  C  Y N 155 
HEC C3B  C  Y N 156 
HEC C4B  C  Y N 157 
HEC CMB  C  N N 158 
HEC CAB  C  N N 159 
HEC CBB  C  N N 160 
HEC NC   N  Y N 161 
HEC C1C  C  Y N 162 
HEC C2C  C  Y N 163 
HEC C3C  C  Y N 164 
HEC C4C  C  Y N 165 
HEC CMC  C  N N 166 
HEC CAC  C  N N 167 
HEC CBC  C  N N 168 
HEC ND   N  Y N 169 
HEC C1D  C  Y N 170 
HEC C2D  C  Y N 171 
HEC C3D  C  Y N 172 
HEC C4D  C  Y N 173 
HEC CMD  C  N N 174 
HEC CAD  C  N N 175 
HEC CBD  C  N N 176 
HEC CGD  C  N N 177 
HEC O1D  O  N N 178 
HEC O2D  O  N N 179 
HEC HHA  H  N N 180 
HEC HHB  H  N N 181 
HEC HHC  H  N N 182 
HEC HHD  H  N N 183 
HEC HMA1 H  N N 184 
HEC HMA2 H  N N 185 
HEC HMA3 H  N N 186 
HEC HAA1 H  N N 187 
HEC HAA2 H  N N 188 
HEC HBA1 H  N N 189 
HEC HBA2 H  N N 190 
HEC H2A  H  N N 191 
HEC HMB1 H  N N 192 
HEC HMB2 H  N N 193 
HEC HMB3 H  N N 194 
HEC HAB  H  N N 195 
HEC HBB1 H  N N 196 
HEC HBB2 H  N N 197 
HEC HBB3 H  N N 198 
HEC HMC1 H  N N 199 
HEC HMC2 H  N N 200 
HEC HMC3 H  N N 201 
HEC HAC  H  N N 202 
HEC HBC1 H  N N 203 
HEC HBC2 H  N N 204 
HEC HBC3 H  N N 205 
HEC HMD1 H  N N 206 
HEC HMD2 H  N N 207 
HEC HMD3 H  N N 208 
HEC HAD1 H  N N 209 
HEC HAD2 H  N N 210 
HEC HBD1 H  N N 211 
HEC HBD2 H  N N 212 
HEC H2D  H  N N 213 
HIS N    N  N N 214 
HIS CA   C  N S 215 
HIS C    C  N N 216 
HIS O    O  N N 217 
HIS CB   C  N N 218 
HIS CG   C  Y N 219 
HIS ND1  N  Y N 220 
HIS CD2  C  Y N 221 
HIS CE1  C  Y N 222 
HIS NE2  N  Y N 223 
HIS OXT  O  N N 224 
HIS H    H  N N 225 
HIS H2   H  N N 226 
HIS HA   H  N N 227 
HIS HB2  H  N N 228 
HIS HB3  H  N N 229 
HIS HD1  H  N N 230 
HIS HD2  H  N N 231 
HIS HE1  H  N N 232 
HIS HE2  H  N N 233 
HIS HXT  H  N N 234 
HOH O    O  N N 235 
HOH H1   H  N N 236 
HOH H2   H  N N 237 
ILE N    N  N N 238 
ILE CA   C  N S 239 
ILE C    C  N N 240 
ILE O    O  N N 241 
ILE CB   C  N S 242 
ILE CG1  C  N N 243 
ILE CG2  C  N N 244 
ILE CD1  C  N N 245 
ILE OXT  O  N N 246 
ILE H    H  N N 247 
ILE H2   H  N N 248 
ILE HA   H  N N 249 
ILE HB   H  N N 250 
ILE HG12 H  N N 251 
ILE HG13 H  N N 252 
ILE HG21 H  N N 253 
ILE HG22 H  N N 254 
ILE HG23 H  N N 255 
ILE HD11 H  N N 256 
ILE HD12 H  N N 257 
ILE HD13 H  N N 258 
ILE HXT  H  N N 259 
LEU N    N  N N 260 
LEU CA   C  N S 261 
LEU C    C  N N 262 
LEU O    O  N N 263 
LEU CB   C  N N 264 
LEU CG   C  N N 265 
LEU CD1  C  N N 266 
LEU CD2  C  N N 267 
LEU OXT  O  N N 268 
LEU H    H  N N 269 
LEU H2   H  N N 270 
LEU HA   H  N N 271 
LEU HB2  H  N N 272 
LEU HB3  H  N N 273 
LEU HG   H  N N 274 
LEU HD11 H  N N 275 
LEU HD12 H  N N 276 
LEU HD13 H  N N 277 
LEU HD21 H  N N 278 
LEU HD22 H  N N 279 
LEU HD23 H  N N 280 
LEU HXT  H  N N 281 
LYS N    N  N N 282 
LYS CA   C  N S 283 
LYS C    C  N N 284 
LYS O    O  N N 285 
LYS CB   C  N N 286 
LYS CG   C  N N 287 
LYS CD   C  N N 288 
LYS CE   C  N N 289 
LYS NZ   N  N N 290 
LYS OXT  O  N N 291 
LYS H    H  N N 292 
LYS H2   H  N N 293 
LYS HA   H  N N 294 
LYS HB2  H  N N 295 
LYS HB3  H  N N 296 
LYS HG2  H  N N 297 
LYS HG3  H  N N 298 
LYS HD2  H  N N 299 
LYS HD3  H  N N 300 
LYS HE2  H  N N 301 
LYS HE3  H  N N 302 
LYS HZ1  H  N N 303 
LYS HZ2  H  N N 304 
LYS HZ3  H  N N 305 
LYS HXT  H  N N 306 
MET N    N  N N 307 
MET CA   C  N S 308 
MET C    C  N N 309 
MET O    O  N N 310 
MET CB   C  N N 311 
MET CG   C  N N 312 
MET SD   S  N N 313 
MET CE   C  N N 314 
MET OXT  O  N N 315 
MET H    H  N N 316 
MET H2   H  N N 317 
MET HA   H  N N 318 
MET HB2  H  N N 319 
MET HB3  H  N N 320 
MET HG2  H  N N 321 
MET HG3  H  N N 322 
MET HE1  H  N N 323 
MET HE2  H  N N 324 
MET HE3  H  N N 325 
MET HXT  H  N N 326 
PHE N    N  N N 327 
PHE CA   C  N S 328 
PHE C    C  N N 329 
PHE O    O  N N 330 
PHE CB   C  N N 331 
PHE CG   C  Y N 332 
PHE CD1  C  Y N 333 
PHE CD2  C  Y N 334 
PHE CE1  C  Y N 335 
PHE CE2  C  Y N 336 
PHE CZ   C  Y N 337 
PHE OXT  O  N N 338 
PHE H    H  N N 339 
PHE H2   H  N N 340 
PHE HA   H  N N 341 
PHE HB2  H  N N 342 
PHE HB3  H  N N 343 
PHE HD1  H  N N 344 
PHE HD2  H  N N 345 
PHE HE1  H  N N 346 
PHE HE2  H  N N 347 
PHE HZ   H  N N 348 
PHE HXT  H  N N 349 
PRO N    N  N N 350 
PRO CA   C  N S 351 
PRO C    C  N N 352 
PRO O    O  N N 353 
PRO CB   C  N N 354 
PRO CG   C  N N 355 
PRO CD   C  N N 356 
PRO OXT  O  N N 357 
PRO H    H  N N 358 
PRO HA   H  N N 359 
PRO HB2  H  N N 360 
PRO HB3  H  N N 361 
PRO HG2  H  N N 362 
PRO HG3  H  N N 363 
PRO HD2  H  N N 364 
PRO HD3  H  N N 365 
PRO HXT  H  N N 366 
SER N    N  N N 367 
SER CA   C  N S 368 
SER C    C  N N 369 
SER O    O  N N 370 
SER CB   C  N N 371 
SER OG   O  N N 372 
SER OXT  O  N N 373 
SER H    H  N N 374 
SER H2   H  N N 375 
SER HA   H  N N 376 
SER HB2  H  N N 377 
SER HB3  H  N N 378 
SER HG   H  N N 379 
SER HXT  H  N N 380 
THR N    N  N N 381 
THR CA   C  N S 382 
THR C    C  N N 383 
THR O    O  N N 384 
THR CB   C  N R 385 
THR OG1  O  N N 386 
THR CG2  C  N N 387 
THR OXT  O  N N 388 
THR H    H  N N 389 
THR H2   H  N N 390 
THR HA   H  N N 391 
THR HB   H  N N 392 
THR HG1  H  N N 393 
THR HG21 H  N N 394 
THR HG22 H  N N 395 
THR HG23 H  N N 396 
THR HXT  H  N N 397 
TRP N    N  N N 398 
TRP CA   C  N S 399 
TRP C    C  N N 400 
TRP O    O  N N 401 
TRP CB   C  N N 402 
TRP CG   C  Y N 403 
TRP CD1  C  Y N 404 
TRP CD2  C  Y N 405 
TRP NE1  N  Y N 406 
TRP CE2  C  Y N 407 
TRP CE3  C  Y N 408 
TRP CZ2  C  Y N 409 
TRP CZ3  C  Y N 410 
TRP CH2  C  Y N 411 
TRP OXT  O  N N 412 
TRP H    H  N N 413 
TRP H2   H  N N 414 
TRP HA   H  N N 415 
TRP HB2  H  N N 416 
TRP HB3  H  N N 417 
TRP HD1  H  N N 418 
TRP HE1  H  N N 419 
TRP HE3  H  N N 420 
TRP HZ2  H  N N 421 
TRP HZ3  H  N N 422 
TRP HH2  H  N N 423 
TRP HXT  H  N N 424 
TYR N    N  N N 425 
TYR CA   C  N S 426 
TYR C    C  N N 427 
TYR O    O  N N 428 
TYR CB   C  N N 429 
TYR CG   C  Y N 430 
TYR CD1  C  Y N 431 
TYR CD2  C  Y N 432 
TYR CE1  C  Y N 433 
TYR CE2  C  Y N 434 
TYR CZ   C  Y N 435 
TYR OH   O  N N 436 
TYR OXT  O  N N 437 
TYR H    H  N N 438 
TYR H2   H  N N 439 
TYR HA   H  N N 440 
TYR HB2  H  N N 441 
TYR HB3  H  N N 442 
TYR HD1  H  N N 443 
TYR HD2  H  N N 444 
TYR HE1  H  N N 445 
TYR HE2  H  N N 446 
TYR HH   H  N N 447 
TYR HXT  H  N N 448 
VAL N    N  N N 449 
VAL CA   C  N S 450 
VAL C    C  N N 451 
VAL O    O  N N 452 
VAL CB   C  N N 453 
VAL CG1  C  N N 454 
VAL CG2  C  N N 455 
VAL OXT  O  N N 456 
VAL H    H  N N 457 
VAL H2   H  N N 458 
VAL HA   H  N N 459 
VAL HB   H  N N 460 
VAL HG11 H  N N 461 
VAL HG12 H  N N 462 
VAL HG13 H  N N 463 
VAL HG21 H  N N 464 
VAL HG22 H  N N 465 
VAL HG23 H  N N 466 
VAL HXT  H  N N 467 
# 
loop_
_chem_comp_bond.comp_id 
_chem_comp_bond.atom_id_1 
_chem_comp_bond.atom_id_2 
_chem_comp_bond.value_order 
_chem_comp_bond.pdbx_aromatic_flag 
_chem_comp_bond.pdbx_stereo_config 
_chem_comp_bond.pdbx_ordinal 
ALA N   CA   sing N N 1   
ALA N   H    sing N N 2   
ALA N   H2   sing N N 3   
ALA CA  C    sing N N 4   
ALA CA  CB   sing N N 5   
ALA CA  HA   sing N N 6   
ALA C   O    doub N N 7   
ALA C   OXT  sing N N 8   
ALA CB  HB1  sing N N 9   
ALA CB  HB2  sing N N 10  
ALA CB  HB3  sing N N 11  
ALA OXT HXT  sing N N 12  
ARG N   CA   sing N N 13  
ARG N   H    sing N N 14  
ARG N   H2   sing N N 15  
ARG CA  C    sing N N 16  
ARG CA  CB   sing N N 17  
ARG CA  HA   sing N N 18  
ARG C   O    doub N N 19  
ARG C   OXT  sing N N 20  
ARG CB  CG   sing N N 21  
ARG CB  HB2  sing N N 22  
ARG CB  HB3  sing N N 23  
ARG CG  CD   sing N N 24  
ARG CG  HG2  sing N N 25  
ARG CG  HG3  sing N N 26  
ARG CD  NE   sing N N 27  
ARG CD  HD2  sing N N 28  
ARG CD  HD3  sing N N 29  
ARG NE  CZ   sing N N 30  
ARG NE  HE   sing N N 31  
ARG CZ  NH1  sing N N 32  
ARG CZ  NH2  doub N N 33  
ARG NH1 HH11 sing N N 34  
ARG NH1 HH12 sing N N 35  
ARG NH2 HH21 sing N N 36  
ARG NH2 HH22 sing N N 37  
ARG OXT HXT  sing N N 38  
ASN N   CA   sing N N 39  
ASN N   H    sing N N 40  
ASN N   H2   sing N N 41  
ASN CA  C    sing N N 42  
ASN CA  CB   sing N N 43  
ASN CA  HA   sing N N 44  
ASN C   O    doub N N 45  
ASN C   OXT  sing N N 46  
ASN CB  CG   sing N N 47  
ASN CB  HB2  sing N N 48  
ASN CB  HB3  sing N N 49  
ASN CG  OD1  doub N N 50  
ASN CG  ND2  sing N N 51  
ASN ND2 HD21 sing N N 52  
ASN ND2 HD22 sing N N 53  
ASN OXT HXT  sing N N 54  
ASP N   CA   sing N N 55  
ASP N   H    sing N N 56  
ASP N   H2   sing N N 57  
ASP CA  C    sing N N 58  
ASP CA  CB   sing N N 59  
ASP CA  HA   sing N N 60  
ASP C   O    doub N N 61  
ASP C   OXT  sing N N 62  
ASP CB  CG   sing N N 63  
ASP CB  HB2  sing N N 64  
ASP CB  HB3  sing N N 65  
ASP CG  OD1  doub N N 66  
ASP CG  OD2  sing N N 67  
ASP OD2 HD2  sing N N 68  
ASP OXT HXT  sing N N 69  
CYS N   CA   sing N N 70  
CYS N   H    sing N N 71  
CYS N   H2   sing N N 72  
CYS CA  C    sing N N 73  
CYS CA  CB   sing N N 74  
CYS CA  HA   sing N N 75  
CYS C   O    doub N N 76  
CYS C   OXT  sing N N 77  
CYS CB  SG   sing N N 78  
CYS CB  HB2  sing N N 79  
CYS CB  HB3  sing N N 80  
CYS SG  HG   sing N N 81  
CYS OXT HXT  sing N N 82  
GLN N   CA   sing N N 83  
GLN N   H    sing N N 84  
GLN N   H2   sing N N 85  
GLN CA  C    sing N N 86  
GLN CA  CB   sing N N 87  
GLN CA  HA   sing N N 88  
GLN C   O    doub N N 89  
GLN C   OXT  sing N N 90  
GLN CB  CG   sing N N 91  
GLN CB  HB2  sing N N 92  
GLN CB  HB3  sing N N 93  
GLN CG  CD   sing N N 94  
GLN CG  HG2  sing N N 95  
GLN CG  HG3  sing N N 96  
GLN CD  OE1  doub N N 97  
GLN CD  NE2  sing N N 98  
GLN NE2 HE21 sing N N 99  
GLN NE2 HE22 sing N N 100 
GLN OXT HXT  sing N N 101 
GLU N   CA   sing N N 102 
GLU N   H    sing N N 103 
GLU N   H2   sing N N 104 
GLU CA  C    sing N N 105 
GLU CA  CB   sing N N 106 
GLU CA  HA   sing N N 107 
GLU C   O    doub N N 108 
GLU C   OXT  sing N N 109 
GLU CB  CG   sing N N 110 
GLU CB  HB2  sing N N 111 
GLU CB  HB3  sing N N 112 
GLU CG  CD   sing N N 113 
GLU CG  HG2  sing N N 114 
GLU CG  HG3  sing N N 115 
GLU CD  OE1  doub N N 116 
GLU CD  OE2  sing N N 117 
GLU OE2 HE2  sing N N 118 
GLU OXT HXT  sing N N 119 
GLY N   CA   sing N N 120 
GLY N   H    sing N N 121 
GLY N   H2   sing N N 122 
GLY CA  C    sing N N 123 
GLY CA  HA2  sing N N 124 
GLY CA  HA3  sing N N 125 
GLY C   O    doub N N 126 
GLY C   OXT  sing N N 127 
GLY OXT HXT  sing N N 128 
HEC FE  NA   sing N N 129 
HEC FE  NB   sing N N 130 
HEC FE  NC   sing N N 131 
HEC FE  ND   sing N N 132 
HEC CHA C1A  doub N N 133 
HEC CHA C4D  sing N N 134 
HEC CHA HHA  sing N N 135 
HEC CHB C4A  doub N N 136 
HEC CHB C1B  sing N N 137 
HEC CHB HHB  sing N N 138 
HEC CHC C4B  doub N N 139 
HEC CHC C1C  sing N N 140 
HEC CHC HHC  sing N N 141 
HEC CHD C4C  doub N N 142 
HEC CHD C1D  sing N N 143 
HEC CHD HHD  sing N N 144 
HEC NA  C1A  sing Y N 145 
HEC NA  C4A  sing Y N 146 
HEC C1A C2A  sing Y N 147 
HEC C2A C3A  doub Y N 148 
HEC C2A CAA  sing N N 149 
HEC C3A C4A  sing Y N 150 
HEC C3A CMA  sing N N 151 
HEC CMA HMA1 sing N N 152 
HEC CMA HMA2 sing N N 153 
HEC CMA HMA3 sing N N 154 
HEC CAA CBA  sing N N 155 
HEC CAA HAA1 sing N N 156 
HEC CAA HAA2 sing N N 157 
HEC CBA CGA  sing N N 158 
HEC CBA HBA1 sing N N 159 
HEC CBA HBA2 sing N N 160 
HEC CGA O1A  doub N N 161 
HEC CGA O2A  sing N N 162 
HEC O2A H2A  sing N N 163 
HEC NB  C1B  sing Y N 164 
HEC NB  C4B  sing Y N 165 
HEC C1B C2B  doub Y N 166 
HEC C2B C3B  sing Y N 167 
HEC C2B CMB  sing N N 168 
HEC C3B C4B  sing Y N 169 
HEC C3B CAB  doub N E 170 
HEC CMB HMB1 sing N N 171 
HEC CMB HMB2 sing N N 172 
HEC CMB HMB3 sing N N 173 
HEC CAB CBB  sing N N 174 
HEC CAB HAB  sing N N 175 
HEC CBB HBB1 sing N N 176 
HEC CBB HBB2 sing N N 177 
HEC CBB HBB3 sing N N 178 
HEC NC  C1C  sing Y N 179 
HEC NC  C4C  sing Y N 180 
HEC C1C C2C  doub Y N 181 
HEC C2C C3C  sing Y N 182 
HEC C2C CMC  sing N N 183 
HEC C3C C4C  sing Y N 184 
HEC C3C CAC  doub N E 185 
HEC CMC HMC1 sing N N 186 
HEC CMC HMC2 sing N N 187 
HEC CMC HMC3 sing N N 188 
HEC CAC CBC  sing N N 189 
HEC CAC HAC  sing N N 190 
HEC CBC HBC1 sing N N 191 
HEC CBC HBC2 sing N N 192 
HEC CBC HBC3 sing N N 193 
HEC ND  C1D  sing Y N 194 
HEC ND  C4D  sing Y N 195 
HEC C1D C2D  doub Y N 196 
HEC C2D C3D  sing Y N 197 
HEC C2D CMD  sing N N 198 
HEC C3D C4D  doub Y N 199 
HEC C3D CAD  sing N N 200 
HEC CMD HMD1 sing N N 201 
HEC CMD HMD2 sing N N 202 
HEC CMD HMD3 sing N N 203 
HEC CAD CBD  sing N N 204 
HEC CAD HAD1 sing N N 205 
HEC CAD HAD2 sing N N 206 
HEC CBD CGD  sing N N 207 
HEC CBD HBD1 sing N N 208 
HEC CBD HBD2 sing N N 209 
HEC CGD O1D  doub N N 210 
HEC CGD O2D  sing N N 211 
HEC O2D H2D  sing N N 212 
HIS N   CA   sing N N 213 
HIS N   H    sing N N 214 
HIS N   H2   sing N N 215 
HIS CA  C    sing N N 216 
HIS CA  CB   sing N N 217 
HIS CA  HA   sing N N 218 
HIS C   O    doub N N 219 
HIS C   OXT  sing N N 220 
HIS CB  CG   sing N N 221 
HIS CB  HB2  sing N N 222 
HIS CB  HB3  sing N N 223 
HIS CG  ND1  sing Y N 224 
HIS CG  CD2  doub Y N 225 
HIS ND1 CE1  doub Y N 226 
HIS ND1 HD1  sing N N 227 
HIS CD2 NE2  sing Y N 228 
HIS CD2 HD2  sing N N 229 
HIS CE1 NE2  sing Y N 230 
HIS CE1 HE1  sing N N 231 
HIS NE2 HE2  sing N N 232 
HIS OXT HXT  sing N N 233 
HOH O   H1   sing N N 234 
HOH O   H2   sing N N 235 
ILE N   CA   sing N N 236 
ILE N   H    sing N N 237 
ILE N   H2   sing N N 238 
ILE CA  C    sing N N 239 
ILE CA  CB   sing N N 240 
ILE CA  HA   sing N N 241 
ILE C   O    doub N N 242 
ILE C   OXT  sing N N 243 
ILE CB  CG1  sing N N 244 
ILE CB  CG2  sing N N 245 
ILE CB  HB   sing N N 246 
ILE CG1 CD1  sing N N 247 
ILE CG1 HG12 sing N N 248 
ILE CG1 HG13 sing N N 249 
ILE CG2 HG21 sing N N 250 
ILE CG2 HG22 sing N N 251 
ILE CG2 HG23 sing N N 252 
ILE CD1 HD11 sing N N 253 
ILE CD1 HD12 sing N N 254 
ILE CD1 HD13 sing N N 255 
ILE OXT HXT  sing N N 256 
LEU N   CA   sing N N 257 
LEU N   H    sing N N 258 
LEU N   H2   sing N N 259 
LEU CA  C    sing N N 260 
LEU CA  CB   sing N N 261 
LEU CA  HA   sing N N 262 
LEU C   O    doub N N 263 
LEU C   OXT  sing N N 264 
LEU CB  CG   sing N N 265 
LEU CB  HB2  sing N N 266 
LEU CB  HB3  sing N N 267 
LEU CG  CD1  sing N N 268 
LEU CG  CD2  sing N N 269 
LEU CG  HG   sing N N 270 
LEU CD1 HD11 sing N N 271 
LEU CD1 HD12 sing N N 272 
LEU CD1 HD13 sing N N 273 
LEU CD2 HD21 sing N N 274 
LEU CD2 HD22 sing N N 275 
LEU CD2 HD23 sing N N 276 
LEU OXT HXT  sing N N 277 
LYS N   CA   sing N N 278 
LYS N   H    sing N N 279 
LYS N   H2   sing N N 280 
LYS CA  C    sing N N 281 
LYS CA  CB   sing N N 282 
LYS CA  HA   sing N N 283 
LYS C   O    doub N N 284 
LYS C   OXT  sing N N 285 
LYS CB  CG   sing N N 286 
LYS CB  HB2  sing N N 287 
LYS CB  HB3  sing N N 288 
LYS CG  CD   sing N N 289 
LYS CG  HG2  sing N N 290 
LYS CG  HG3  sing N N 291 
LYS CD  CE   sing N N 292 
LYS CD  HD2  sing N N 293 
LYS CD  HD3  sing N N 294 
LYS CE  NZ   sing N N 295 
LYS CE  HE2  sing N N 296 
LYS CE  HE3  sing N N 297 
LYS NZ  HZ1  sing N N 298 
LYS NZ  HZ2  sing N N 299 
LYS NZ  HZ3  sing N N 300 
LYS OXT HXT  sing N N 301 
MET N   CA   sing N N 302 
MET N   H    sing N N 303 
MET N   H2   sing N N 304 
MET CA  C    sing N N 305 
MET CA  CB   sing N N 306 
MET CA  HA   sing N N 307 
MET C   O    doub N N 308 
MET C   OXT  sing N N 309 
MET CB  CG   sing N N 310 
MET CB  HB2  sing N N 311 
MET CB  HB3  sing N N 312 
MET CG  SD   sing N N 313 
MET CG  HG2  sing N N 314 
MET CG  HG3  sing N N 315 
MET SD  CE   sing N N 316 
MET CE  HE1  sing N N 317 
MET CE  HE2  sing N N 318 
MET CE  HE3  sing N N 319 
MET OXT HXT  sing N N 320 
PHE N   CA   sing N N 321 
PHE N   H    sing N N 322 
PHE N   H2   sing N N 323 
PHE CA  C    sing N N 324 
PHE CA  CB   sing N N 325 
PHE CA  HA   sing N N 326 
PHE C   O    doub N N 327 
PHE C   OXT  sing N N 328 
PHE CB  CG   sing N N 329 
PHE CB  HB2  sing N N 330 
PHE CB  HB3  sing N N 331 
PHE CG  CD1  doub Y N 332 
PHE CG  CD2  sing Y N 333 
PHE CD1 CE1  sing Y N 334 
PHE CD1 HD1  sing N N 335 
PHE CD2 CE2  doub Y N 336 
PHE CD2 HD2  sing N N 337 
PHE CE1 CZ   doub Y N 338 
PHE CE1 HE1  sing N N 339 
PHE CE2 CZ   sing Y N 340 
PHE CE2 HE2  sing N N 341 
PHE CZ  HZ   sing N N 342 
PHE OXT HXT  sing N N 343 
PRO N   CA   sing N N 344 
PRO N   CD   sing N N 345 
PRO N   H    sing N N 346 
PRO CA  C    sing N N 347 
PRO CA  CB   sing N N 348 
PRO CA  HA   sing N N 349 
PRO C   O    doub N N 350 
PRO C   OXT  sing N N 351 
PRO CB  CG   sing N N 352 
PRO CB  HB2  sing N N 353 
PRO CB  HB3  sing N N 354 
PRO CG  CD   sing N N 355 
PRO CG  HG2  sing N N 356 
PRO CG  HG3  sing N N 357 
PRO CD  HD2  sing N N 358 
PRO CD  HD3  sing N N 359 
PRO OXT HXT  sing N N 360 
SER N   CA   sing N N 361 
SER N   H    sing N N 362 
SER N   H2   sing N N 363 
SER CA  C    sing N N 364 
SER CA  CB   sing N N 365 
SER CA  HA   sing N N 366 
SER C   O    doub N N 367 
SER C   OXT  sing N N 368 
SER CB  OG   sing N N 369 
SER CB  HB2  sing N N 370 
SER CB  HB3  sing N N 371 
SER OG  HG   sing N N 372 
SER OXT HXT  sing N N 373 
THR N   CA   sing N N 374 
THR N   H    sing N N 375 
THR N   H2   sing N N 376 
THR CA  C    sing N N 377 
THR CA  CB   sing N N 378 
THR CA  HA   sing N N 379 
THR C   O    doub N N 380 
THR C   OXT  sing N N 381 
THR CB  OG1  sing N N 382 
THR CB  CG2  sing N N 383 
THR CB  HB   sing N N 384 
THR OG1 HG1  sing N N 385 
THR CG2 HG21 sing N N 386 
THR CG2 HG22 sing N N 387 
THR CG2 HG23 sing N N 388 
THR OXT HXT  sing N N 389 
TRP N   CA   sing N N 390 
TRP N   H    sing N N 391 
TRP N   H2   sing N N 392 
TRP CA  C    sing N N 393 
TRP CA  CB   sing N N 394 
TRP CA  HA   sing N N 395 
TRP C   O    doub N N 396 
TRP C   OXT  sing N N 397 
TRP CB  CG   sing N N 398 
TRP CB  HB2  sing N N 399 
TRP CB  HB3  sing N N 400 
TRP CG  CD1  doub Y N 401 
TRP CG  CD2  sing Y N 402 
TRP CD1 NE1  sing Y N 403 
TRP CD1 HD1  sing N N 404 
TRP CD2 CE2  doub Y N 405 
TRP CD2 CE3  sing Y N 406 
TRP NE1 CE2  sing Y N 407 
TRP NE1 HE1  sing N N 408 
TRP CE2 CZ2  sing Y N 409 
TRP CE3 CZ3  doub Y N 410 
TRP CE3 HE3  sing N N 411 
TRP CZ2 CH2  doub Y N 412 
TRP CZ2 HZ2  sing N N 413 
TRP CZ3 CH2  sing Y N 414 
TRP CZ3 HZ3  sing N N 415 
TRP CH2 HH2  sing N N 416 
TRP OXT HXT  sing N N 417 
TYR N   CA   sing N N 418 
TYR N   H    sing N N 419 
TYR N   H2   sing N N 420 
TYR CA  C    sing N N 421 
TYR CA  CB   sing N N 422 
TYR CA  HA   sing N N 423 
TYR C   O    doub N N 424 
TYR C   OXT  sing N N 425 
TYR CB  CG   sing N N 426 
TYR CB  HB2  sing N N 427 
TYR CB  HB3  sing N N 428 
TYR CG  CD1  doub Y N 429 
TYR CG  CD2  sing Y N 430 
TYR CD1 CE1  sing Y N 431 
TYR CD1 HD1  sing N N 432 
TYR CD2 CE2  doub Y N 433 
TYR CD2 HD2  sing N N 434 
TYR CE1 CZ   doub Y N 435 
TYR CE1 HE1  sing N N 436 
TYR CE2 CZ   sing Y N 437 
TYR CE2 HE2  sing N N 438 
TYR CZ  OH   sing N N 439 
TYR OH  HH   sing N N 440 
TYR OXT HXT  sing N N 441 
VAL N   CA   sing N N 442 
VAL N   H    sing N N 443 
VAL N   H2   sing N N 444 
VAL CA  C    sing N N 445 
VAL CA  CB   sing N N 446 
VAL CA  HA   sing N N 447 
VAL C   O    doub N N 448 
VAL C   OXT  sing N N 449 
VAL CB  CG1  sing N N 450 
VAL CB  CG2  sing N N 451 
VAL CB  HB   sing N N 452 
VAL CG1 HG11 sing N N 453 
VAL CG1 HG12 sing N N 454 
VAL CG1 HG13 sing N N 455 
VAL CG2 HG21 sing N N 456 
VAL CG2 HG22 sing N N 457 
VAL CG2 HG23 sing N N 458 
VAL OXT HXT  sing N N 459 
# 
_atom_sites.entry_id                    1DT1 
_atom_sites.fract_transf_matrix[1][1]   0.01126715 
_atom_sites.fract_transf_matrix[1][2]   -0.00569339 
_atom_sites.fract_transf_matrix[1][3]   -0.00414614 
_atom_sites.fract_transf_matrix[2][1]   0.00866890 
_atom_sites.fract_transf_matrix[2][2]   0.00695388 
_atom_sites.fract_transf_matrix[2][3]   -0.00728455 
_atom_sites.fract_transf_matrix[3][1]   0.01443630 
_atom_sites.fract_transf_matrix[3][2]   0.00947293 
_atom_sites.fract_transf_matrix[3][3]   0.02622267 
_atom_sites.fract_transf_vector[1]      0.412794 
_atom_sites.fract_transf_vector[2]      0.293441 
_atom_sites.fract_transf_vector[3]      -0.183954 
# 
loop_
_atom_type.symbol 
C  
FE 
N  
O  
S  
# 
loop_
_atom_site.group_PDB 
_atom_site.id 
_atom_site.type_symbol 
_atom_site.label_atom_id 
_atom_site.label_alt_id 
_atom_site.label_comp_id 
_atom_site.label_asym_id 
_atom_site.label_entity_id 
_atom_site.label_seq_id 
_atom_site.pdbx_PDB_ins_code 
_atom_site.Cartn_x 
_atom_site.Cartn_y 
_atom_site.Cartn_z 
_atom_site.occupancy 
_atom_site.B_iso_or_equiv 
_atom_site.pdbx_formal_charge 
_atom_site.auth_seq_id 
_atom_site.auth_comp_id 
_atom_site.auth_asym_id 
_atom_site.auth_atom_id 
_atom_site.pdbx_PDB_model_num 
ATOM   1    N  N   . ASP A 1 1   ? 5.957   -16.785 -0.472  1.00 30.91  ? 3    ASP A N   1 
ATOM   2    C  CA  . ASP A 1 1   ? 4.599   -16.260 -0.412  1.00 19.06  ? 3    ASP A CA  1 
ATOM   3    C  C   . ASP A 1 1   ? 4.566   -14.824 0.114   1.00 13.69  ? 3    ASP A C   1 
ATOM   4    O  O   . ASP A 1 1   ? 5.584   -14.244 0.490   1.00 15.43  ? 3    ASP A O   1 
ATOM   5    C  CB  . ASP A 1 1   ? 3.743   -17.163 0.476   1.00 33.10  ? 3    ASP A CB  1 
ATOM   6    C  CG  . ASP A 1 1   ? 4.287   -17.286 1.888   1.00 41.20  ? 3    ASP A CG  1 
ATOM   7    O  OD1 . ASP A 1 1   ? 5.248   -16.561 2.231   1.00 24.98  ? 3    ASP A OD1 1 
ATOM   8    O  OD2 . ASP A 1 1   ? 3.738   -18.113 2.652   1.00 41.16  ? 3    ASP A OD2 1 
ATOM   9    N  N   . GLY A 1 2   ? 3.362   -14.255 0.143   1.00 16.83  ? 4    GLY A N   1 
ATOM   10   C  CA  . GLY A 1 2   ? 3.186   -12.862 0.516   1.00 15.52  ? 4    GLY A CA  1 
ATOM   11   C  C   . GLY A 1 2   ? 3.669   -12.599 1.921   1.00 17.51  ? 4    GLY A C   1 
ATOM   12   O  O   . GLY A 1 2   ? 4.283   -11.561 2.177   1.00 12.59  ? 4    GLY A O   1 
ATOM   13   N  N   . ALA A 1 3   ? 3.407   -13.540 2.831   1.00 11.92  ? 5    ALA A N   1 
ATOM   14   C  CA  . ALA A 1 3   ? 3.881   -13.317 4.204   1.00 8.26   ? 5    ALA A CA  1 
ATOM   15   C  C   . ALA A 1 3   ? 5.396   -13.229 4.258   1.00 14.34  ? 5    ALA A C   1 
ATOM   16   O  O   . ALA A 1 3   ? 6.007   -12.478 5.018   1.00 12.38  ? 5    ALA A O   1 
ATOM   17   C  CB  . ALA A 1 3   ? 3.383   -14.451 5.094   1.00 15.09  ? 5    ALA A CB  1 
ATOM   18   N  N   . LYS A 1 4   ? 6.063   -14.034 3.420   1.00 17.18  ? 6    LYS A N   1 
ATOM   19   C  CA  . LYS A 1 4   ? 7.524   -13.978 3.417   1.00 18.41  ? 6    LYS A CA  1 
ATOM   20   C  C   . LYS A 1 4   ? 8.007   -12.628 2.888   1.00 16.15  ? 6    LYS A C   1 
ATOM   21   O  O   . LYS A 1 4   ? 8.942   -12.059 3.442   1.00 16.06  ? 6    LYS A O   1 
ATOM   22   C  CB  . LYS A 1 4   ? 8.116   -15.099 2.568   1.00 22.07  ? 6    LYS A CB  1 
ATOM   23   C  CG  . LYS A 1 4   ? 9.565   -15.439 2.840   1.00 36.96  ? 6    LYS A CG  1 
ATOM   24   C  CD  . LYS A 1 4   ? 10.576  -14.552 2.151   1.00 51.83  ? 6    LYS A CD  1 
ATOM   25   C  CE  . LYS A 1 4   ? 10.490  -14.587 0.634   1.00 58.65  ? 6    LYS A CE  1 
ATOM   26   N  NZ  . LYS A 1 4   ? 11.371  -13.554 0.011   1.00 35.37  ? 6    LYS A NZ  1 
ATOM   27   N  N   . ILE A 1 5   ? 7.387   -12.144 1.821   1.00 14.17  ? 7    ILE A N   1 
ATOM   28   C  CA  . ILE A 1 5   ? 7.763   -10.846 1.260   1.00 11.47  ? 7    ILE A CA  1 
ATOM   29   C  C   . ILE A 1 5   ? 7.575   -9.767  2.314   1.00 7.87   ? 7    ILE A C   1 
ATOM   30   O  O   . ILE A 1 5   ? 8.344   -8.817  2.479   1.00 11.60  ? 7    ILE A O   1 
ATOM   31   C  CB  . ILE A 1 5   ? 6.925   -10.524 0.010   1.00 10.60  ? 7    ILE A CB  1 
ATOM   32   C  CG1 . ILE A 1 5   ? 6.936   -11.615 -1.064  1.00 20.46  ? 7    ILE A CG1 1 
ATOM   33   C  CG2 . ILE A 1 5   ? 7.353   -9.198  -0.604  1.00 12.30  ? 7    ILE A CG2 1 
ATOM   34   C  CD1 . ILE A 1 5   ? 8.321   -12.174 -1.319  1.00 31.35  ? 7    ILE A CD1 1 
ATOM   35   N  N   . TYR A 1 6   ? 6.505   -9.920  3.102   1.00 12.78  ? 8    TYR A N   1 
ATOM   36   C  CA  . TYR A 1 6   ? 6.178   -8.854  4.059   1.00 15.16  ? 8    TYR A CA  1 
ATOM   37   C  C   . TYR A 1 6   ? 7.283   -8.628  5.079   1.00 18.95  ? 8    TYR A C   1 
ATOM   38   O  O   . TYR A 1 6   ? 7.377   -7.577  5.734   1.00 13.79  ? 8    TYR A O   1 
ATOM   39   C  CB  . TYR A 1 6   ? 4.821   -9.158  4.722   1.00 10.22  ? 8    TYR A CB  1 
ATOM   40   C  CG  . TYR A 1 6   ? 4.422   -8.021  5.639   1.00 14.35  ? 8    TYR A CG  1 
ATOM   41   C  CD1 . TYR A 1 6   ? 3.922   -6.824  5.142   1.00 8.94   ? 8    TYR A CD1 1 
ATOM   42   C  CD2 . TYR A 1 6   ? 4.568   -8.156  7.014   1.00 15.55  ? 8    TYR A CD2 1 
ATOM   43   C  CE1 . TYR A 1 6   ? 3.572   -5.805  6.014   1.00 7.92   ? 8    TYR A CE1 1 
ATOM   44   C  CE2 . TYR A 1 6   ? 4.222   -7.141  7.886   1.00 15.63  ? 8    TYR A CE2 1 
ATOM   45   C  CZ  . TYR A 1 6   ? 3.724   -5.960  7.373   1.00 11.25  ? 8    TYR A CZ  1 
ATOM   46   O  OH  . TYR A 1 6   ? 3.382   -4.953  8.246   1.00 11.97  ? 8    TYR A OH  1 
ATOM   47   N  N   . ALA A 1 7   ? 8.183   -9.595  5.246   1.00 16.46  ? 9    ALA A N   1 
ATOM   48   C  CA  . ALA A 1 7   ? 9.323   -9.385  6.142   1.00 16.21  ? 9    ALA A CA  1 
ATOM   49   C  C   . ALA A 1 7   ? 10.115  -8.137  5.747   1.00 17.06  ? 9    ALA A C   1 
ATOM   50   O  O   . ALA A 1 7   ? 10.670  -7.472  6.620   1.00 16.59  ? 9    ALA A O   1 
ATOM   51   C  CB  . ALA A 1 7   ? 10.255  -10.587 6.157   1.00 16.03  ? 9    ALA A CB  1 
ATOM   52   N  N   . GLN A 1 8   ? 10.163  -7.826  4.459   1.00 9.13   ? 10   GLN A N   1 
ATOM   53   C  CA  . GLN A 1 8   ? 10.833  -6.645  3.951   1.00 16.14  ? 10   GLN A CA  1 
ATOM   54   C  C   . GLN A 1 8   ? 10.067  -5.370  4.306   1.00 19.59  ? 10   GLN A C   1 
ATOM   55   O  O   . GLN A 1 8   ? 10.584  -4.279  4.020   1.00 16.45  ? 10   GLN A O   1 
ATOM   56   C  CB  . GLN A 1 8   ? 10.998  -6.690  2.426   1.00 12.38  ? 10   GLN A CB  1 
ATOM   57   C  CG  . GLN A 1 8   ? 11.870  -7.830  1.928   1.00 13.72  ? 10   GLN A CG  1 
ATOM   58   C  CD  . GLN A 1 8   ? 11.991  -7.872  0.420   1.00 20.60  ? 10   GLN A CD  1 
ATOM   59   O  OE1 . GLN A 1 8   ? 12.106  -6.858  -0.264  1.00 25.70  ? 10   GLN A OE1 1 
ATOM   60   N  NE2 . GLN A 1 8   ? 11.958  -9.079  -0.137  1.00 26.88  ? 10   GLN A NE2 1 
ATOM   61   N  N   . CYS A 1 9   ? 8.887   -5.513  4.891   1.00 16.38  ? 11   CYS A N   1 
ATOM   62   C  CA  . CYS A 1 9   ? 8.062   -4.380  5.281   1.00 13.37  ? 11   CYS A CA  1 
ATOM   63   C  C   . CYS A 1 9   ? 7.930   -4.229  6.793   1.00 12.28  ? 11   CYS A C   1 
ATOM   64   O  O   . CYS A 1 9   ? 7.597   -3.153  7.291   1.00 12.21  ? 11   CYS A O   1 
ATOM   65   C  CB  . CYS A 1 9   ? 6.630   -4.491  4.741   1.00 14.97  ? 11   CYS A CB  1 
ATOM   66   S  SG  . CYS A 1 9   ? 6.497   -5.066  3.047   1.00 13.13  ? 11   CYS A SG  1 
ATOM   67   N  N   . ALA A 1 10  ? 8.160   -5.337  7.475   1.00 9.79   ? 12   ALA A N   1 
ATOM   68   C  CA  . ALA A 1 10  ? 7.790   -5.484  8.874   1.00 14.26  ? 12   ALA A CA  1 
ATOM   69   C  C   . ALA A 1 10  ? 8.588   -4.581  9.796   1.00 12.68  ? 12   ALA A C   1 
ATOM   70   O  O   . ALA A 1 10  ? 8.144   -4.162  10.869  1.00 10.14  ? 12   ALA A O   1 
ATOM   71   C  CB  . ALA A 1 10  ? 7.972   -6.959  9.243   1.00 15.70  ? 12   ALA A CB  1 
ATOM   72   N  N   . GLY A 1 11  ? 9.820   -4.287  9.369   1.00 13.78  ? 13   GLY A N   1 
ATOM   73   C  CA  . GLY A 1 11  ? 10.686  -3.445  10.191  1.00 13.38  ? 13   GLY A CA  1 
ATOM   74   C  C   . GLY A 1 11  ? 10.013  -2.115  10.480  1.00 17.91  ? 13   GLY A C   1 
ATOM   75   O  O   . GLY A 1 11  ? 10.189  -1.513  11.533  1.00 12.23  ? 13   GLY A O   1 
ATOM   76   N  N   . CYS A 1 12  ? 9.220   -1.641  9.521   1.00 10.53  ? 14   CYS A N   1 
ATOM   77   C  CA  . CYS A 1 12  ? 8.558   -0.356  9.648   1.00 9.03   ? 14   CYS A CA  1 
ATOM   78   C  C   . CYS A 1 12  ? 7.101   -0.528  10.019  1.00 12.83  ? 14   CYS A C   1 
ATOM   79   O  O   . CYS A 1 12  ? 6.687   -0.041  11.078  1.00 11.37  ? 14   CYS A O   1 
ATOM   80   C  CB  . CYS A 1 12  ? 8.692   0.440   8.336   1.00 9.56   ? 14   CYS A CB  1 
ATOM   81   S  SG  . CYS A 1 12  ? 10.430  0.839   7.971   1.00 13.82  ? 14   CYS A SG  1 
ATOM   82   N  N   . HIS A 1 13  ? 6.350   -1.219  9.164   1.00 9.75   ? 15   HIS A N   1 
ATOM   83   C  CA  . HIS A 1 13  ? 4.912   -1.358  9.391   1.00 13.00  ? 15   HIS A CA  1 
ATOM   84   C  C   . HIS A 1 13  ? 4.583   -2.401  10.459  1.00 10.23  ? 15   HIS A C   1 
ATOM   85   O  O   . HIS A 1 13  ? 3.432   -2.487  10.878  1.00 10.86  ? 15   HIS A O   1 
ATOM   86   C  CB  . HIS A 1 13  ? 4.200   -1.660  8.065   1.00 10.55  ? 15   HIS A CB  1 
ATOM   87   C  CG  . HIS A 1 13  ? 4.316   -0.510  7.094   1.00 14.96  ? 15   HIS A CG  1 
ATOM   88   N  ND1 . HIS A 1 13  ? 3.655   0.689   7.248   1.00 12.08  ? 15   HIS A ND1 1 
ATOM   89   C  CD2 . HIS A 1 13  ? 5.032   -0.384  5.952   1.00 13.46  ? 15   HIS A CD2 1 
ATOM   90   C  CE1 . HIS A 1 13  ? 3.948   1.512   6.247   1.00 11.89  ? 15   HIS A CE1 1 
ATOM   91   N  NE2 . HIS A 1 13  ? 4.787   0.875   5.447   1.00 9.00   ? 15   HIS A NE2 1 
ATOM   92   N  N   . GLN A 1 14  ? 5.575   -3.135  10.919  1.00 12.33  ? 16   GLN A N   1 
ATOM   93   C  CA  . GLN A 1 14  ? 5.475   -4.051  12.045  1.00 20.92  ? 16   GLN A CA  1 
ATOM   94   C  C   . GLN A 1 14  ? 4.809   -5.370  11.653  1.00 24.19  ? 16   GLN A C   1 
ATOM   95   O  O   . GLN A 1 14  ? 4.058   -5.512  10.693  1.00 18.89  ? 16   GLN A O   1 
ATOM   96   C  CB  . GLN A 1 14  ? 4.725   -3.435  13.233  1.00 12.83  ? 16   GLN A CB  1 
ATOM   97   C  CG  . GLN A 1 14  ? 5.375   -2.177  13.785  1.00 20.25  ? 16   GLN A CG  1 
ATOM   98   C  CD  . GLN A 1 14  ? 6.854   -2.354  14.060  1.00 29.03  ? 16   GLN A CD  1 
ATOM   99   O  OE1 . GLN A 1 14  ? 7.229   -3.120  14.954  1.00 26.69  ? 16   GLN A OE1 1 
ATOM   100  N  NE2 . GLN A 1 14  ? 7.701   -1.655  13.307  1.00 16.34  ? 16   GLN A NE2 1 
ATOM   101  N  N   . GLN A 1 15  ? 5.142   -6.367  12.469  1.00 25.56  ? 17   GLN A N   1 
ATOM   102  C  CA  . GLN A 1 15  ? 4.681   -7.728  12.216  1.00 27.77  ? 17   GLN A CA  1 
ATOM   103  C  C   . GLN A 1 15  ? 3.164   -7.808  12.234  1.00 18.03  ? 17   GLN A C   1 
ATOM   104  O  O   . GLN A 1 15  ? 2.568   -8.619  11.521  1.00 21.73  ? 17   GLN A O   1 
ATOM   105  C  CB  . GLN A 1 15  ? 5.305   -8.677  13.245  1.00 38.90  ? 17   GLN A CB  1 
ATOM   106  C  CG  . GLN A 1 15  ? 6.081   -9.815  12.595  1.00 56.53  ? 17   GLN A CG  1 
ATOM   107  C  CD  . GLN A 1 15  ? 7.519   -9.477  12.260  1.00 66.51  ? 17   GLN A CD  1 
ATOM   108  O  OE1 . GLN A 1 15  ? 8.252   -8.908  13.072  1.00 88.38  ? 17   GLN A OE1 1 
ATOM   109  N  NE2 . GLN A 1 15  ? 7.945   -9.837  11.046  1.00 68.10  ? 17   GLN A NE2 1 
ATOM   110  N  N   . ASN A 1 16  ? 2.514   -6.976  13.033  1.00 16.72  ? 18   ASN A N   1 
ATOM   111  C  CA  . ASN A 1 16  ? 1.053   -7.025  13.108  1.00 25.54  ? 18   ASN A CA  1 
ATOM   112  C  C   . ASN A 1 16  ? 0.403   -5.988  12.200  1.00 23.97  ? 18   ASN A C   1 
ATOM   113  O  O   . ASN A 1 16  ? -0.812  -5.775  12.263  1.00 15.95  ? 18   ASN A O   1 
ATOM   114  C  CB  . ASN A 1 16  ? 0.587   -6.796  14.549  1.00 24.51  ? 18   ASN A CB  1 
ATOM   115  C  CG  . ASN A 1 16  ? 1.090   -5.471  15.103  1.00 34.57  ? 18   ASN A CG  1 
ATOM   116  O  OD1 . ASN A 1 16  ? 1.850   -4.740  14.455  1.00 17.77  ? 18   ASN A OD1 1 
ATOM   117  N  ND2 . ASN A 1 16  ? 0.643   -5.172  16.320  1.00 36.77  ? 18   ASN A ND2 1 
ATOM   118  N  N   . GLY A 1 17  ? 1.219   -5.344  11.372  1.00 24.02  ? 19   GLY A N   1 
ATOM   119  C  CA  . GLY A 1 17  ? 0.730   -4.350  10.427  1.00 14.06  ? 19   GLY A CA  1 
ATOM   120  C  C   . GLY A 1 17  ? 0.119   -3.141  11.087  1.00 16.13  ? 19   GLY A C   1 
ATOM   121  O  O   . GLY A 1 17  ? -0.578  -2.349  10.441  1.00 15.23  ? 19   GLY A O   1 
ATOM   122  N  N   . GLN A 1 18  ? 0.337   -2.946  12.391  1.00 15.76  ? 20   GLN A N   1 
ATOM   123  C  CA  . GLN A 1 18  ? -0.304  -1.800  13.043  1.00 17.85  ? 20   GLN A CA  1 
ATOM   124  C  C   . GLN A 1 18  ? 0.570   -0.552  13.021  1.00 14.25  ? 20   GLN A C   1 
ATOM   125  O  O   . GLN A 1 18  ? 0.162   0.532   13.433  1.00 15.99  ? 20   GLN A O   1 
ATOM   126  C  CB  . GLN A 1 18  ? -0.678  -2.150  14.483  1.00 24.59  ? 20   GLN A CB  1 
ATOM   127  C  CG  . GLN A 1 18  ? -1.945  -3.001  14.559  1.00 31.59  ? 20   GLN A CG  1 
ATOM   128  C  CD  . GLN A 1 18  ? -2.014  -3.732  15.890  1.00 43.04  ? 20   GLN A CD  1 
ATOM   129  O  OE1 . GLN A 1 18  ? -1.891  -3.097  16.940  1.00 34.71  ? 20   GLN A OE1 1 
ATOM   130  N  NE2 . GLN A 1 18  ? -2.203  -5.043  15.834  1.00 48.25  ? 20   GLN A NE2 1 
ATOM   131  N  N   . GLY A 1 19  ? 1.798   -0.658  12.528  1.00 14.57  ? 21   GLY A N   1 
ATOM   132  C  CA  . GLY A 1 19  ? 2.590   0.545   12.278  1.00 16.03  ? 21   GLY A CA  1 
ATOM   133  C  C   . GLY A 1 19  ? 3.181   1.127   13.548  1.00 17.41  ? 21   GLY A C   1 
ATOM   134  O  O   . GLY A 1 19  ? 3.093   0.512   14.613  1.00 13.83  ? 21   GLY A O   1 
ATOM   135  N  N   . ILE A 1 20  ? 3.793   2.297   13.438  1.00 12.51  ? 22   ILE A N   1 
ATOM   136  C  CA  . ILE A 1 20  ? 4.249   2.983   14.645  1.00 11.82  ? 22   ILE A CA  1 
ATOM   137  C  C   . ILE A 1 20  ? 3.720   4.410   14.593  1.00 19.16  ? 22   ILE A C   1 
ATOM   138  O  O   . ILE A 1 20  ? 3.919   5.079   13.580  1.00 24.80  ? 22   ILE A O   1 
ATOM   139  C  CB  . ILE A 1 20  ? 5.771   3.029   14.813  1.00 12.50  ? 22   ILE A CB  1 
ATOM   140  C  CG1 . ILE A 1 20  ? 6.441   1.669   14.965  1.00 17.03  ? 22   ILE A CG1 1 
ATOM   141  C  CG2 . ILE A 1 20  ? 6.135   3.943   15.980  1.00 17.82  ? 22   ILE A CG2 1 
ATOM   142  C  CD1 . ILE A 1 20  ? 6.150   0.930   16.254  1.00 12.62  ? 22   ILE A CD1 1 
ATOM   143  N  N   . PRO A 1 21  ? 3.071   4.846   15.662  1.00 22.87  ? 23   PRO A N   1 
ATOM   144  C  CA  . PRO A 1 21  ? 2.377   6.138   15.617  1.00 31.30  ? 23   PRO A CA  1 
ATOM   145  C  C   . PRO A 1 21  ? 3.346   7.253   15.242  1.00 26.56  ? 23   PRO A C   1 
ATOM   146  O  O   . PRO A 1 21  ? 4.439   7.404   15.781  1.00 20.08  ? 23   PRO A O   1 
ATOM   147  C  CB  . PRO A 1 21  ? 1.851   6.325   17.039  1.00 32.30  ? 23   PRO A CB  1 
ATOM   148  C  CG  . PRO A 1 21  ? 1.886   4.973   17.661  1.00 29.71  ? 23   PRO A CG  1 
ATOM   149  C  CD  . PRO A 1 21  ? 2.959   4.189   16.968  1.00 25.61  ? 23   PRO A CD  1 
ATOM   150  N  N   . GLY A 1 22  ? 2.935   8.053   14.260  1.00 29.73  ? 24   GLY A N   1 
ATOM   151  C  CA  . GLY A 1 22  ? 3.757   9.182   13.878  1.00 24.95  ? 24   GLY A CA  1 
ATOM   152  C  C   . GLY A 1 22  ? 4.872   8.812   12.930  1.00 28.87  ? 24   GLY A C   1 
ATOM   153  O  O   . GLY A 1 22  ? 5.342   9.669   12.181  1.00 31.94  ? 24   GLY A O   1 
ATOM   154  N  N   . ALA A 1 23  ? 5.318   7.557   12.938  1.00 17.67  ? 25   ALA A N   1 
ATOM   155  C  CA  . ALA A 1 23  ? 6.471   7.209   12.114  1.00 12.92  ? 25   ALA A CA  1 
ATOM   156  C  C   . ALA A 1 23  ? 6.078   6.393   10.892  1.00 12.94  ? 25   ALA A C   1 
ATOM   157  O  O   . ALA A 1 23  ? 6.404   6.752   9.767   1.00 12.68  ? 25   ALA A O   1 
ATOM   158  C  CB  . ALA A 1 23  ? 7.494   6.412   12.913  1.00 15.76  ? 25   ALA A CB  1 
ATOM   159  N  N   . PHE A 1 24  ? 5.398   5.279   11.145  1.00 11.61  ? 26   PHE A N   1 
ATOM   160  C  CA  . PHE A 1 24  ? 5.088   4.337   10.065  1.00 12.73  ? 26   PHE A CA  1 
ATOM   161  C  C   . PHE A 1 24  ? 3.592   4.056   10.084  1.00 17.12  ? 26   PHE A C   1 
ATOM   162  O  O   . PHE A 1 24  ? 3.112   3.521   11.091  1.00 19.42  ? 26   PHE A O   1 
ATOM   163  C  CB  . PHE A 1 24  ? 5.904   3.064   10.234  1.00 7.30   ? 26   PHE A CB  1 
ATOM   164  C  CG  . PHE A 1 24  ? 7.407   3.273   10.368  1.00 12.02  ? 26   PHE A CG  1 
ATOM   165  C  CD1 . PHE A 1 24  ? 8.117   3.943   9.391   1.00 11.91  ? 26   PHE A CD1 1 
ATOM   166  C  CD2 . PHE A 1 24  ? 8.104   2.795   11.470  1.00 10.67  ? 26   PHE A CD2 1 
ATOM   167  C  CE1 . PHE A 1 24  ? 9.480   4.151   9.481   1.00 13.68  ? 26   PHE A CE1 1 
ATOM   168  C  CE2 . PHE A 1 24  ? 9.466   2.985   11.571  1.00 14.34  ? 26   PHE A CE2 1 
ATOM   169  C  CZ  . PHE A 1 24  ? 10.168  3.659   10.583  1.00 12.32  ? 26   PHE A CZ  1 
ATOM   170  N  N   . PRO A 1 25  ? 2.849   4.426   9.043   1.00 10.89  ? 27   PRO A N   1 
ATOM   171  C  CA  . PRO A 1 25  ? 1.391   4.287   9.140   1.00 9.41   ? 27   PRO A CA  1 
ATOM   172  C  C   . PRO A 1 25  ? 0.955   2.838   9.313   1.00 9.69   ? 27   PRO A C   1 
ATOM   173  O  O   . PRO A 1 25  ? 1.554   1.889   8.827   1.00 8.91   ? 27   PRO A O   1 
ATOM   174  C  CB  . PRO A 1 25  ? 0.863   4.811   7.801   1.00 12.06  ? 27   PRO A CB  1 
ATOM   175  C  CG  . PRO A 1 25  ? 2.033   5.048   6.930   1.00 9.87   ? 27   PRO A CG  1 
ATOM   176  C  CD  . PRO A 1 25  ? 3.281   4.990   7.764   1.00 10.49  ? 27   PRO A CD  1 
ATOM   177  N  N   . PRO A 1 26  ? -0.154  2.626   10.005  1.00 16.40  ? 28   PRO A N   1 
ATOM   178  C  CA  . PRO A 1 26  ? -0.701  1.274   10.096  1.00 13.33  ? 28   PRO A CA  1 
ATOM   179  C  C   . PRO A 1 26  ? -1.200  0.790   8.731   1.00 11.24  ? 28   PRO A C   1 
ATOM   180  O  O   . PRO A 1 26  ? -1.675  1.621   7.961   1.00 8.92   ? 28   PRO A O   1 
ATOM   181  C  CB  . PRO A 1 26  ? -1.914  1.460   11.011  1.00 20.57  ? 28   PRO A CB  1 
ATOM   182  C  CG  . PRO A 1 26  ? -2.285  2.898   10.841  1.00 25.44  ? 28   PRO A CG  1 
ATOM   183  C  CD  . PRO A 1 26  ? -0.964  3.626   10.721  1.00 16.75  ? 28   PRO A CD  1 
ATOM   184  N  N   . LEU A 1 27  ? -1.102  -0.500  8.478   1.00 9.60   ? 29   LEU A N   1 
ATOM   185  C  CA  . LEU A 1 27  ? -1.707  -1.187  7.341   1.00 8.31   ? 29   LEU A CA  1 
ATOM   186  C  C   . LEU A 1 27  ? -2.963  -1.906  7.821   1.00 15.49  ? 29   LEU A C   1 
ATOM   187  O  O   . LEU A 1 27  ? -4.024  -1.804  7.207   1.00 9.74   ? 29   LEU A O   1 
ATOM   188  C  CB  . LEU A 1 27  ? -0.739  -2.164  6.676   1.00 12.74  ? 29   LEU A CB  1 
ATOM   189  C  CG  . LEU A 1 27  ? 0.579   -1.543  6.186   1.00 10.14  ? 29   LEU A CG  1 
ATOM   190  C  CD1 . LEU A 1 27  ? 1.449   -2.558  5.465   1.00 11.57  ? 29   LEU A CD1 1 
ATOM   191  C  CD2 . LEU A 1 27  ? 0.299   -0.349  5.273   1.00 15.00  ? 29   LEU A CD2 1 
ATOM   192  N  N   . ALA A 1 28  ? -2.828  -2.609  8.946   1.00 11.62  ? 30   ALA A N   1 
ATOM   193  C  CA  . ALA A 1 28  ? -4.007  -3.253  9.526   1.00 10.95  ? 30   ALA A CA  1 
ATOM   194  C  C   . ALA A 1 28  ? -5.071  -2.195  9.799   1.00 16.05  ? 30   ALA A C   1 
ATOM   195  O  O   . ALA A 1 28  ? -4.804  -1.178  10.444  1.00 18.07  ? 30   ALA A O   1 
ATOM   196  C  CB  . ALA A 1 28  ? -3.679  -4.030  10.788  1.00 13.51  ? 30   ALA A CB  1 
ATOM   197  N  N   . GLY A 1 29  ? -6.265  -2.471  9.289   1.00 11.67  ? 31   GLY A N   1 
ATOM   198  C  CA  . GLY A 1 29  ? -7.429  -1.642  9.445   1.00 15.62  ? 31   GLY A CA  1 
ATOM   199  C  C   . GLY A 1 29  ? -7.432  -0.456  8.506   1.00 17.71  ? 31   GLY A C   1 
ATOM   200  O  O   . GLY A 1 29  ? -8.435  0.240   8.373   1.00 22.60  ? 31   GLY A O   1 
ATOM   201  N  N   . HIS A 1 30  ? -6.312  -0.194  7.846   1.00 13.65  ? 32   HIS A N   1 
ATOM   202  C  CA  . HIS A 1 30  ? -6.265  1.003   6.985   1.00 13.72  ? 32   HIS A CA  1 
ATOM   203  C  C   . HIS A 1 30  ? -6.266  0.635   5.513   1.00 7.27   ? 32   HIS A C   1 
ATOM   204  O  O   . HIS A 1 30  ? -6.706  1.379   4.639   1.00 13.13  ? 32   HIS A O   1 
ATOM   205  C  CB  . HIS A 1 30  ? -5.043  1.830   7.380   1.00 10.37  ? 32   HIS A CB  1 
ATOM   206  C  CG  . HIS A 1 30  ? -4.677  2.977   6.502   1.00 11.06  ? 32   HIS A CG  1 
ATOM   207  N  ND1 . HIS A 1 30  ? -5.583  3.924   6.078   1.00 14.15  ? 32   HIS A ND1 1 
ATOM   208  C  CD2 . HIS A 1 30  ? -3.482  3.341   5.969   1.00 10.38  ? 32   HIS A CD2 1 
ATOM   209  C  CE1 . HIS A 1 30  ? -4.960  4.811   5.315   1.00 10.15  ? 32   HIS A CE1 1 
ATOM   210  N  NE2 . HIS A 1 30  ? -3.684  4.486   5.233   1.00 9.62   ? 32   HIS A NE2 1 
ATOM   211  N  N   . VAL A 1 31  ? -5.768  -0.550  5.165   1.00 9.85   ? 33   VAL A N   1 
ATOM   212  C  CA  . VAL A 1 31  ? -5.850  -0.959  3.766   1.00 6.51   ? 33   VAL A CA  1 
ATOM   213  C  C   . VAL A 1 31  ? -7.282  -0.972  3.252   1.00 15.50  ? 33   VAL A C   1 
ATOM   214  O  O   . VAL A 1 31  ? -7.581  -0.571  2.121   1.00 11.80  ? 33   VAL A O   1 
ATOM   215  C  CB  . VAL A 1 31  ? -5.226  -2.359  3.613   1.00 7.99   ? 33   VAL A CB  1 
ATOM   216  C  CG1 . VAL A 1 31  ? -5.542  -2.948  2.245   1.00 9.84   ? 33   VAL A CG1 1 
ATOM   217  C  CG2 . VAL A 1 31  ? -3.726  -2.298  3.856   1.00 7.55   ? 33   VAL A CG2 1 
ATOM   218  N  N   . ALA A 1 32  ? -8.228  -1.427  4.082   1.00 12.14  ? 34   ALA A N   1 
ATOM   219  C  CA  . ALA A 1 32  ? -9.629  -1.400  3.664   1.00 11.00  ? 34   ALA A CA  1 
ATOM   220  C  C   . ALA A 1 32  ? -10.069 0.008   3.268   1.00 6.94   ? 34   ALA A C   1 
ATOM   221  O  O   . ALA A 1 32  ? -10.794 0.219   2.304   1.00 13.65  ? 34   ALA A O   1 
ATOM   222  C  CB  . ALA A 1 32  ? -10.513 -1.897  4.795   1.00 12.57  ? 34   ALA A CB  1 
ATOM   223  N  N   . GLU A 1 33  ? -9.608  0.971   4.065   1.00 10.05  ? 35   GLU A N   1 
ATOM   224  C  CA  . GLU A 1 33  ? -9.965  2.369   3.854   1.00 9.22   ? 35   GLU A CA  1 
ATOM   225  C  C   . GLU A 1 33  ? -9.530  2.799   2.461   1.00 16.31  ? 35   GLU A C   1 
ATOM   226  O  O   . GLU A 1 33  ? -10.237 3.540   1.786   1.00 14.40  ? 35   GLU A O   1 
ATOM   227  C  CB  . GLU A 1 33  ? -9.315  3.263   4.911   1.00 10.87  ? 35   GLU A CB  1 
ATOM   228  C  CG  . GLU A 1 33  ? -10.015 3.088   6.257   1.00 18.17  ? 35   GLU A CG  1 
ATOM   229  C  CD  . GLU A 1 33  ? -9.320  3.798   7.392   1.00 23.63  ? 35   GLU A CD  1 
ATOM   230  O  OE1 . GLU A 1 33  ? -8.123  4.137   7.265   1.00 19.92  ? 35   GLU A OE1 1 
ATOM   231  O  OE2 . GLU A 1 33  ? -9.984  4.009   8.433   1.00 35.26  ? 35   GLU A OE2 1 
ATOM   232  N  N   . ILE A 1 34  ? -8.355  2.304   2.079   1.00 12.93  ? 36   ILE A N   1 
ATOM   233  C  CA  . ILE A 1 34  ? -7.802  2.693   0.780   1.00 9.69   ? 36   ILE A CA  1 
ATOM   234  C  C   . ILE A 1 34  ? -8.544  1.952   -0.323  1.00 17.39  ? 36   ILE A C   1 
ATOM   235  O  O   . ILE A 1 34  ? -8.945  2.515   -1.335  1.00 9.81   ? 36   ILE A O   1 
ATOM   236  C  CB  . ILE A 1 34  ? -6.292  2.414   0.745   1.00 7.06   ? 36   ILE A CB  1 
ATOM   237  C  CG1 . ILE A 1 34  ? -5.484  3.324   1.683   1.00 12.28  ? 36   ILE A CG1 1 
ATOM   238  C  CG2 . ILE A 1 34  ? -5.798  2.465   -0.692  1.00 6.56   ? 36   ILE A CG2 1 
ATOM   239  C  CD1 . ILE A 1 34  ? -4.022  2.959   1.836   1.00 7.17   ? 36   ILE A CD1 1 
ATOM   240  N  N   . LEU A 1 35  ? -8.745  0.652   -0.107  1.00 16.41  ? 37   LEU A N   1 
ATOM   241  C  CA  . LEU A 1 35  ? -9.438  -0.157  -1.102  1.00 11.35  ? 37   LEU A CA  1 
ATOM   242  C  C   . LEU A 1 35  ? -10.845 0.354   -1.351  1.00 13.96  ? 37   LEU A C   1 
ATOM   243  O  O   . LEU A 1 35  ? -11.345 0.142   -2.455  1.00 17.78  ? 37   LEU A O   1 
ATOM   244  C  CB  . LEU A 1 35  ? -9.513  -1.617  -0.640  1.00 8.04   ? 37   LEU A CB  1 
ATOM   245  C  CG  . LEU A 1 35  ? -8.170  -2.347  -0.657  1.00 15.66  ? 37   LEU A CG  1 
ATOM   246  C  CD1 . LEU A 1 35  ? -8.277  -3.700  0.033   1.00 21.55  ? 37   LEU A CD1 1 
ATOM   247  C  CD2 . LEU A 1 35  ? -7.698  -2.514  -2.097  1.00 17.06  ? 37   LEU A CD2 1 
ATOM   248  N  N   . ALA A 1 36  ? -11.428 0.978   -0.336  1.00 16.15  ? 38   ALA A N   1 
ATOM   249  C  CA  . ALA A 1 36  ? -12.796 1.495   -0.427  1.00 17.49  ? 38   ALA A CA  1 
ATOM   250  C  C   . ALA A 1 36  ? -12.916 2.633   -1.430  1.00 21.66  ? 38   ALA A C   1 
ATOM   251  O  O   . ALA A 1 36  ? -14.003 2.938   -1.922  1.00 21.87  ? 38   ALA A O   1 
ATOM   252  C  CB  . ALA A 1 36  ? -13.271 1.978   0.935   1.00 16.86  ? 38   ALA A CB  1 
ATOM   253  N  N   . LYS A 1 37  ? -11.794 3.277   -1.741  1.00 15.90  ? 39   LYS A N   1 
ATOM   254  C  CA  . LYS A 1 37  ? -11.820 4.354   -2.724  1.00 16.33  ? 39   LYS A CA  1 
ATOM   255  C  C   . LYS A 1 37  ? -11.633 3.843   -4.148  1.00 14.58  ? 39   LYS A C   1 
ATOM   256  O  O   . LYS A 1 37  ? -10.885 2.905   -4.423  1.00 12.82  ? 39   LYS A O   1 
ATOM   257  C  CB  . LYS A 1 37  ? -10.722 5.386   -2.426  1.00 14.39  ? 39   LYS A CB  1 
ATOM   258  C  CG  . LYS A 1 37  ? -10.802 5.974   -1.027  1.00 14.95  ? 39   LYS A CG  1 
ATOM   259  C  CD  . LYS A 1 37  ? -12.166 6.616   -0.830  1.00 20.69  ? 39   LYS A CD  1 
ATOM   260  C  CE  . LYS A 1 37  ? -12.101 7.801   0.114   1.00 29.04  ? 39   LYS A CE  1 
ATOM   261  N  NZ  . LYS A 1 37  ? -13.464 8.360   0.353   1.00 34.07  ? 39   LYS A NZ  1 
ATOM   262  N  N   . GLU A 1 38  ? -12.321 4.504   -5.069  1.00 11.49  ? 40   GLU A N   1 
ATOM   263  C  CA  . GLU A 1 38  ? -12.116 4.293   -6.497  1.00 16.78  ? 40   GLU A CA  1 
ATOM   264  C  C   . GLU A 1 38  ? -10.687 4.672   -6.876  1.00 10.98  ? 40   GLU A C   1 
ATOM   265  O  O   . GLU A 1 38  ? -10.317 5.836   -6.703  1.00 14.25  ? 40   GLU A O   1 
ATOM   266  C  CB  . GLU A 1 38  ? -13.132 5.148   -7.249  1.00 21.80  ? 40   GLU A CB  1 
ATOM   267  C  CG  . GLU A 1 38  ? -13.212 4.909   -8.748  1.00 38.44  ? 40   GLU A CG  1 
ATOM   268  C  CD  . GLU A 1 38  ? -14.620 5.209   -9.246  1.00 56.12  ? 40   GLU A CD  1 
ATOM   269  O  OE1 . GLU A 1 38  ? -15.319 5.979   -8.547  1.00 53.84  ? 40   GLU A OE1 1 
ATOM   270  O  OE2 . GLU A 1 38  ? -15.005 4.676   -10.306 1.00 86.96  ? 40   GLU A OE2 1 
ATOM   271  N  N   . GLY A 1 39  ? -9.898  3.732   -7.365  1.00 13.98  ? 41   GLY A N   1 
ATOM   272  C  CA  . GLY A 1 39  ? -8.484  3.902   -7.638  1.00 12.80  ? 41   GLY A CA  1 
ATOM   273  C  C   . GLY A 1 39  ? -7.608  3.424   -6.497  1.00 14.64  ? 41   GLY A C   1 
ATOM   274  O  O   . GLY A 1 39  ? -6.371  3.434   -6.553  1.00 9.74   ? 41   GLY A O   1 
ATOM   275  N  N   . GLY A 1 40  ? -8.225  2.976   -5.399  1.00 12.21  ? 42   GLY A N   1 
ATOM   276  C  CA  . GLY A 1 40  ? -7.430  2.611   -4.230  1.00 12.18  ? 42   GLY A CA  1 
ATOM   277  C  C   . GLY A 1 40  ? -6.517  1.438   -4.487  1.00 12.76  ? 42   GLY A C   1 
ATOM   278  O  O   . GLY A 1 40  ? -5.376  1.421   -4.025  1.00 10.91  ? 42   GLY A O   1 
ATOM   279  N  N   . ARG A 1 41  ? -6.982  0.420   -5.221  1.00 11.19  ? 43   ARG A N   1 
ATOM   280  C  CA  . ARG A 1 41  ? -6.071  -0.729  -5.387  1.00 12.34  ? 43   ARG A CA  1 
ATOM   281  C  C   . ARG A 1 41  ? -4.911  -0.368  -6.300  1.00 8.70   ? 43   ARG A C   1 
ATOM   282  O  O   . ARG A 1 41  ? -3.769  -0.787  -6.077  1.00 11.06  ? 43   ARG A O   1 
ATOM   283  C  CB  . ARG A 1 41  ? -6.846  -1.937  -5.873  1.00 15.39  ? 43   ARG A CB  1 
ATOM   284  C  CG  . ARG A 1 41  ? -7.199  -2.121  -7.318  1.00 22.41  ? 43   ARG A CG  1 
ATOM   285  C  CD  . ARG A 1 41  ? -8.100  -3.354  -7.435  1.00 17.11  ? 43   ARG A CD  1 
ATOM   286  N  NE  . ARG A 1 41  ? -7.374  -4.597  -7.671  1.00 13.14  ? 43   ARG A NE  1 
ATOM   287  C  CZ  . ARG A 1 41  ? -7.676  -5.749  -7.087  1.00 13.62  ? 43   ARG A CZ  1 
ATOM   288  N  NH1 . ARG A 1 41  ? -8.694  -5.772  -6.225  1.00 18.27  ? 43   ARG A NH1 1 
ATOM   289  N  NH2 . ARG A 1 41  ? -6.999  -6.869  -7.330  1.00 15.19  ? 43   ARG A NH2 1 
ATOM   290  N  N   . GLU A 1 42  ? -5.163  0.431   -7.331  1.00 7.13   ? 44   GLU A N   1 
ATOM   291  C  CA  . GLU A 1 42  ? -4.054  0.933   -8.147  1.00 9.02   ? 44   GLU A CA  1 
ATOM   292  C  C   . GLU A 1 42  ? -3.067  1.719   -7.281  1.00 8.83   ? 44   GLU A C   1 
ATOM   293  O  O   . GLU A 1 42  ? -1.851  1.585   -7.417  1.00 7.03   ? 44   GLU A O   1 
ATOM   294  C  CB  . GLU A 1 42  ? -4.589  1.813   -9.279  1.00 12.57  ? 44   GLU A CB  1 
ATOM   295  C  CG  . GLU A 1 42  ? -5.457  1.156   -10.324 1.00 23.72  ? 44   GLU A CG  1 
ATOM   296  C  CD  . GLU A 1 42  ? -6.780  0.564   -9.893  1.00 38.06  ? 44   GLU A CD  1 
ATOM   297  O  OE1 . GLU A 1 42  ? -7.490  1.103   -9.011  1.00 21.71  ? 44   GLU A OE1 1 
ATOM   298  O  OE2 . GLU A 1 42  ? -7.166  -0.498  -10.458 1.00 35.67  ? 44   GLU A OE2 1 
ATOM   299  N  N   . TYR A 1 43  ? -3.575  2.554   -6.376  1.00 12.50  ? 45   TYR A N   1 
ATOM   300  C  CA  . TYR A 1 43  ? -2.709  3.399   -5.546  1.00 8.44   ? 45   TYR A CA  1 
ATOM   301  C  C   . TYR A 1 43  ? -1.769  2.537   -4.718  1.00 6.87   ? 45   TYR A C   1 
ATOM   302  O  O   . TYR A 1 43  ? -0.578  2.831   -4.626  1.00 6.47   ? 45   TYR A O   1 
ATOM   303  C  CB  . TYR A 1 43  ? -3.514  4.352   -4.650  1.00 8.82   ? 45   TYR A CB  1 
ATOM   304  C  CG  . TYR A 1 43  ? -2.672  4.965   -3.558  1.00 11.17  ? 45   TYR A CG  1 
ATOM   305  C  CD1 . TYR A 1 43  ? -1.759  5.976   -3.847  1.00 17.46  ? 45   TYR A CD1 1 
ATOM   306  C  CD2 . TYR A 1 43  ? -2.776  4.525   -2.244  1.00 7.54   ? 45   TYR A CD2 1 
ATOM   307  C  CE1 . TYR A 1 43  ? -0.974  6.550   -2.855  1.00 8.30   ? 45   TYR A CE1 1 
ATOM   308  C  CE2 . TYR A 1 43  ? -1.994  5.087   -1.249  1.00 4.46   ? 45   TYR A CE2 1 
ATOM   309  C  CZ  . TYR A 1 43  ? -1.104  6.091   -1.564  1.00 10.42  ? 45   TYR A CZ  1 
ATOM   310  O  OH  . TYR A 1 43  ? -0.334  6.633   -0.558  1.00 11.50  ? 45   TYR A OH  1 
ATOM   311  N  N   . LEU A 1 44  ? -2.285  1.469   -4.123  1.00 5.28   ? 46   LEU A N   1 
ATOM   312  C  CA  . LEU A 1 44  ? -1.432  0.574   -3.326  1.00 7.24   ? 46   LEU A CA  1 
ATOM   313  C  C   . LEU A 1 44  ? -0.284  0.011   -4.147  1.00 4.61   ? 46   LEU A C   1 
ATOM   314  O  O   . LEU A 1 44  ? 0.854   -0.141  -3.693  1.00 6.96   ? 46   LEU A O   1 
ATOM   315  C  CB  . LEU A 1 44  ? -2.279  -0.578  -2.748  1.00 8.51   ? 46   LEU A CB  1 
ATOM   316  C  CG  . LEU A 1 44  ? -3.270  -0.161  -1.650  1.00 8.82   ? 46   LEU A CG  1 
ATOM   317  C  CD1 . LEU A 1 44  ? -4.191  -1.318  -1.269  1.00 9.07   ? 46   LEU A CD1 1 
ATOM   318  C  CD2 . LEU A 1 44  ? -2.548  0.363   -0.423  1.00 3.95   ? 46   LEU A CD2 1 
ATOM   319  N  N   . ILE A 1 45  ? -0.538  -0.342  -5.401  1.00 6.44   ? 47   ILE A N   1 
ATOM   320  C  CA  . ILE A 1 45  ? 0.542   -0.842  -6.268  1.00 6.50   ? 47   ILE A CA  1 
ATOM   321  C  C   . ILE A 1 45  ? 1.571   0.240   -6.553  1.00 10.76  ? 47   ILE A C   1 
ATOM   322  O  O   . ILE A 1 45  ? 2.789   0.040   -6.537  1.00 7.62   ? 47   ILE A O   1 
ATOM   323  C  CB  . ILE A 1 45  ? -0.073  -1.397  -7.554  1.00 5.06   ? 47   ILE A CB  1 
ATOM   324  C  CG1 . ILE A 1 45  ? -0.945  -2.640  -7.294  1.00 6.19   ? 47   ILE A CG1 1 
ATOM   325  C  CG2 . ILE A 1 45  ? 0.975   -1.706  -8.609  1.00 13.79  ? 47   ILE A CG2 1 
ATOM   326  C  CD1 . ILE A 1 45  ? -1.839  -2.994  -8.461  1.00 5.51   ? 47   ILE A CD1 1 
ATOM   327  N  N   . LEU A 1 46  ? 1.102   1.457   -6.820  1.00 6.06   ? 48   LEU A N   1 
ATOM   328  C  CA  . LEU A 1 46  ? 2.006   2.567   -7.090  1.00 7.16   ? 48   LEU A CA  1 
ATOM   329  C  C   . LEU A 1 46  ? 2.919   2.844   -5.901  1.00 8.45   ? 48   LEU A C   1 
ATOM   330  O  O   . LEU A 1 46  ? 4.078   3.188   -6.140  1.00 6.35   ? 48   LEU A O   1 
ATOM   331  C  CB  . LEU A 1 46  ? 1.249   3.863   -7.405  1.00 4.94   ? 48   LEU A CB  1 
ATOM   332  C  CG  . LEU A 1 46  ? 0.332   3.791   -8.631  1.00 6.88   ? 48   LEU A CG  1 
ATOM   333  C  CD1 . LEU A 1 46  ? -0.498  5.063   -8.708  1.00 14.38  ? 48   LEU A CD1 1 
ATOM   334  C  CD2 . LEU A 1 46  ? 1.134   3.581   -9.905  1.00 4.06   ? 48   LEU A CD2 1 
ATOM   335  N  N   . VAL A 1 47  ? 2.389   2.703   -4.685  1.00 10.64  ? 49   VAL A N   1 
ATOM   336  C  CA  . VAL A 1 47  ? 3.244   2.981   -3.520  1.00 7.79   ? 49   VAL A CA  1 
ATOM   337  C  C   . VAL A 1 47  ? 4.413   2.008   -3.577  1.00 8.46   ? 49   VAL A C   1 
ATOM   338  O  O   . VAL A 1 47  ? 5.571   2.375   -3.371  1.00 9.89   ? 49   VAL A O   1 
ATOM   339  C  CB  . VAL A 1 47  ? 2.522   2.852   -2.177  1.00 6.97   ? 49   VAL A CB  1 
ATOM   340  C  CG1 . VAL A 1 47  ? 3.491   2.862   -1.005  1.00 4.96   ? 49   VAL A CG1 1 
ATOM   341  C  CG2 . VAL A 1 47  ? 1.473   3.955   -2.009  1.00 5.75   ? 49   VAL A CG2 1 
ATOM   342  N  N   . LEU A 1 48  ? 4.064   0.761   -3.885  1.00 6.39   ? 50   LEU A N   1 
ATOM   343  C  CA  . LEU A 1 48  ? 5.126   -0.245  -3.876  1.00 9.87   ? 50   LEU A CA  1 
ATOM   344  C  C   . LEU A 1 48  ? 6.088   -0.097  -5.041  1.00 9.64   ? 50   LEU A C   1 
ATOM   345  O  O   . LEU A 1 48  ? 7.288   -0.309  -4.872  1.00 10.42  ? 50   LEU A O   1 
ATOM   346  C  CB  . LEU A 1 48  ? 4.505   -1.658  -3.834  1.00 7.93   ? 50   LEU A CB  1 
ATOM   347  C  CG  . LEU A 1 48  ? 4.432   -2.162  -2.374  1.00 16.19  ? 50   LEU A CG  1 
ATOM   348  C  CD1 . LEU A 1 48  ? 3.438   -1.320  -1.585  1.00 12.73  ? 50   LEU A CD1 1 
ATOM   349  C  CD2 . LEU A 1 48  ? 4.077   -3.630  -2.308  1.00 25.12  ? 50   LEU A CD2 1 
ATOM   350  N  N   . LEU A 1 49  ? 5.597   0.262   -6.223  1.00 8.62   ? 51   LEU A N   1 
ATOM   351  C  CA  . LEU A 1 49  ? 6.462   0.447   -7.381  1.00 5.82   ? 51   LEU A CA  1 
ATOM   352  C  C   . LEU A 1 49  ? 7.318   1.702   -7.282  1.00 9.45   ? 51   LEU A C   1 
ATOM   353  O  O   . LEU A 1 49  ? 8.448   1.704   -7.763  1.00 9.38   ? 51   LEU A O   1 
ATOM   354  C  CB  . LEU A 1 49  ? 5.650   0.572   -8.676  1.00 7.91   ? 51   LEU A CB  1 
ATOM   355  C  CG  . LEU A 1 49  ? 5.031   -0.722  -9.196  1.00 6.82   ? 51   LEU A CG  1 
ATOM   356  C  CD1 . LEU A 1 49  ? 4.078   -0.419  -10.348 1.00 10.03  ? 51   LEU A CD1 1 
ATOM   357  C  CD2 . LEU A 1 49  ? 6.115   -1.706  -9.612  1.00 9.79   ? 51   LEU A CD2 1 
ATOM   358  N  N   . TYR A 1 50  ? 6.748   2.754   -6.700  1.00 8.43   ? 52   TYR A N   1 
ATOM   359  C  CA  . TYR A 1 50  ? 7.365   4.072   -6.844  1.00 7.94   ? 52   TYR A CA  1 
ATOM   360  C  C   . TYR A 1 50  ? 7.629   4.798   -5.548  1.00 11.89  ? 52   TYR A C   1 
ATOM   361  O  O   . TYR A 1 50  ? 8.244   5.872   -5.598  1.00 8.69   ? 52   TYR A O   1 
ATOM   362  C  CB  . TYR A 1 50  ? 6.461   4.948   -7.753  1.00 9.64   ? 52   TYR A CB  1 
ATOM   363  C  CG  . TYR A 1 50  ? 6.248   4.272   -9.098  1.00 7.96   ? 52   TYR A CG  1 
ATOM   364  C  CD1 . TYR A 1 50  ? 7.340   3.881   -9.861  1.00 11.13  ? 52   TYR A CD1 1 
ATOM   365  C  CD2 . TYR A 1 50  ? 4.967   4.029   -9.584  1.00 5.42   ? 52   TYR A CD2 1 
ATOM   366  C  CE1 . TYR A 1 50  ? 7.178   3.260   -11.090 1.00 4.77   ? 52   TYR A CE1 1 
ATOM   367  C  CE2 . TYR A 1 50  ? 4.786   3.412   -10.812 1.00 3.84   ? 52   TYR A CE2 1 
ATOM   368  C  CZ  . TYR A 1 50  ? 5.894   3.039   -11.541 1.00 8.23   ? 52   TYR A CZ  1 
ATOM   369  O  OH  . TYR A 1 50  ? 5.710   2.424   -12.759 1.00 10.82  ? 52   TYR A OH  1 
ATOM   370  N  N   . GLY A 1 51  ? 7.220   4.263   -4.398  1.00 9.46   ? 53   GLY A N   1 
ATOM   371  C  CA  . GLY A 1 51  ? 7.535   4.932   -3.138  1.00 6.44   ? 53   GLY A CA  1 
ATOM   372  C  C   . GLY A 1 51  ? 6.507   5.998   -2.796  1.00 12.01  ? 53   GLY A C   1 
ATOM   373  O  O   . GLY A 1 51  ? 5.538   6.158   -3.543  1.00 10.25  ? 53   GLY A O   1 
ATOM   374  N  N   . LEU A 1 52  ? 6.709   6.718   -1.697  1.00 8.21   ? 54   LEU A N   1 
ATOM   375  C  CA  . LEU A 1 52  ? 5.748   7.721   -1.255  1.00 8.01   ? 54   LEU A CA  1 
ATOM   376  C  C   . LEU A 1 52  ? 6.459   8.764   -0.395  1.00 10.19  ? 54   LEU A C   1 
ATOM   377  O  O   . LEU A 1 52  ? 7.399   8.436   0.325   1.00 10.48  ? 54   LEU A O   1 
ATOM   378  C  CB  . LEU A 1 52  ? 4.608   7.067   -0.477  1.00 9.97   ? 54   LEU A CB  1 
ATOM   379  C  CG  . LEU A 1 52  ? 3.508   7.968   0.080   1.00 11.40  ? 54   LEU A CG  1 
ATOM   380  C  CD1 . LEU A 1 52  ? 2.767   8.723   -1.025  1.00 8.56   ? 54   LEU A CD1 1 
ATOM   381  C  CD2 . LEU A 1 52  ? 2.511   7.163   0.893   1.00 9.50   ? 54   LEU A CD2 1 
ATOM   382  N  N   . GLN A 1 53  ? 6.009   10.007  -0.489  1.00 11.52  ? 55   GLN A N   1 
ATOM   383  C  CA  . GLN A 1 53  ? 6.475   11.082  0.377   1.00 11.36  ? 55   GLN A CA  1 
ATOM   384  C  C   . GLN A 1 53  ? 5.340   12.053  0.673   1.00 11.10  ? 55   GLN A C   1 
ATOM   385  O  O   . GLN A 1 53  ? 4.271   12.043  0.060   1.00 14.94  ? 55   GLN A O   1 
ATOM   386  C  CB  . GLN A 1 53  ? 7.663   11.831  -0.241  1.00 8.37   ? 55   GLN A CB  1 
ATOM   387  C  CG  . GLN A 1 53  ? 7.301   12.671  -1.456  1.00 8.06   ? 55   GLN A CG  1 
ATOM   388  C  CD  . GLN A 1 53  ? 8.515   13.141  -2.233  1.00 10.62  ? 55   GLN A CD  1 
ATOM   389  O  OE1 . GLN A 1 53  ? 9.519   12.451  -2.419  1.00 10.37  ? 55   GLN A OE1 1 
ATOM   390  N  NE2 . GLN A 1 53  ? 8.443   14.379  -2.712  1.00 11.34  ? 55   GLN A NE2 1 
ATOM   391  N  N   . GLY A 1 54  ? 5.572   12.937  1.637   1.00 8.88   ? 56   GLY A N   1 
ATOM   392  C  CA  . GLY A 1 54  ? 4.602   13.976  1.907   1.00 15.28  ? 56   GLY A CA  1 
ATOM   393  C  C   . GLY A 1 54  ? 3.757   13.761  3.139   1.00 18.70  ? 56   GLY A C   1 
ATOM   394  O  O   . GLY A 1 54  ? 3.656   12.680  3.716   1.00 14.23  ? 56   GLY A O   1 
ATOM   395  N  N   . GLN A 1 55  ? 3.114   14.855  3.558   1.00 15.19  ? 57   GLN A N   1 
ATOM   396  C  CA  . GLN A 1 55  ? 2.245   14.777  4.725   1.00 15.54  ? 57   GLN A CA  1 
ATOM   397  C  C   . GLN A 1 55  ? 0.944   14.074  4.358   1.00 15.80  ? 57   GLN A C   1 
ATOM   398  O  O   . GLN A 1 55  ? 0.270   14.412  3.387   1.00 11.78  ? 57   GLN A O   1 
ATOM   399  C  CB  . GLN A 1 55  ? 1.968   16.174  5.271   1.00 19.07  ? 57   GLN A CB  1 
ATOM   400  C  CG  . GLN A 1 55  ? 1.027   16.208  6.464   1.00 35.42  ? 57   GLN A CG  1 
ATOM   401  C  CD  . GLN A 1 55  ? 1.135   17.519  7.225   1.00 42.21  ? 57   GLN A CD  1 
ATOM   402  O  OE1 . GLN A 1 55  ? 0.208   18.326  7.216   1.00 57.65  ? 57   GLN A OE1 1 
ATOM   403  N  NE2 . GLN A 1 55  ? 2.272   17.734  7.880   1.00 43.10  ? 57   GLN A NE2 1 
ATOM   404  N  N   . ILE A 1 56  ? 0.613   13.069  5.158   1.00 12.77  ? 58   ILE A N   1 
ATOM   405  C  CA  . ILE A 1 56  ? -0.619  12.315  4.978   1.00 11.55  ? 58   ILE A CA  1 
ATOM   406  C  C   . ILE A 1 56  ? -1.248  12.122  6.357   1.00 13.37  ? 58   ILE A C   1 
ATOM   407  O  O   . ILE A 1 56  ? -0.547  12.335  7.345   1.00 23.07  ? 58   ILE A O   1 
ATOM   408  C  CB  . ILE A 1 56  ? -0.399  10.931  4.340   1.00 5.47   ? 58   ILE A CB  1 
ATOM   409  C  CG1 . ILE A 1 56  ? 0.473   10.008  5.194   1.00 9.65   ? 58   ILE A CG1 1 
ATOM   410  C  CG2 . ILE A 1 56  ? 0.156   11.062  2.939   1.00 14.30  ? 58   ILE A CG2 1 
ATOM   411  C  CD1 . ILE A 1 56  ? 0.601   8.605   4.640   1.00 15.02  ? 58   ILE A CD1 1 
ATOM   412  N  N   . GLU A 1 57  ? -2.501  11.723  6.402   1.00 15.30  ? 59   GLU A N   1 
ATOM   413  C  CA  . GLU A 1 57  ? -3.196  11.445  7.655   1.00 17.09  ? 59   GLU A CA  1 
ATOM   414  C  C   . GLU A 1 57  ? -3.724  10.019  7.620   1.00 14.01  ? 59   GLU A C   1 
ATOM   415  O  O   . GLU A 1 57  ? -4.242  9.538   6.611   1.00 13.84  ? 59   GLU A O   1 
ATOM   416  C  CB  . GLU A 1 57  ? -4.318  12.458  7.841   1.00 28.09  ? 59   GLU A CB  1 
ATOM   417  C  CG  . GLU A 1 57  ? -4.911  12.590  9.230   1.00 33.97  ? 59   GLU A CG  1 
ATOM   418  C  CD  . GLU A 1 57  ? -6.051  13.600  9.243   1.00 46.11  ? 59   GLU A CD  1 
ATOM   419  O  OE1 . GLU A 1 57  ? -5.894  14.693  8.660   1.00 50.56  ? 59   GLU A OE1 1 
ATOM   420  O  OE2 . GLU A 1 57  ? -7.113  13.303  9.827   1.00 60.37  ? 59   GLU A OE2 1 
ATOM   421  N  N   . VAL A 1 58  ? -3.571  9.291   8.716   1.00 15.26  ? 60   VAL A N   1 
ATOM   422  C  CA  . VAL A 1 58  ? -4.101  7.932   8.796   1.00 15.28  ? 60   VAL A CA  1 
ATOM   423  C  C   . VAL A 1 58  ? -4.733  7.741   10.176  1.00 20.22  ? 60   VAL A C   1 
ATOM   424  O  O   . VAL A 1 58  ? -4.025  7.886   11.176  1.00 17.86  ? 60   VAL A O   1 
ATOM   425  C  CB  . VAL A 1 58  ? -3.015  6.878   8.548   1.00 17.44  ? 60   VAL A CB  1 
ATOM   426  C  CG1 . VAL A 1 58  ? -3.569  5.481   8.759   1.00 14.47  ? 60   VAL A CG1 1 
ATOM   427  C  CG2 . VAL A 1 58  ? -2.433  7.023   7.144   1.00 12.80  ? 60   VAL A CG2 1 
ATOM   428  N  N   . LYS A 1 59  ? -6.028  7.448   10.186  1.00 14.47  ? 61   LYS A N   1 
ATOM   429  C  CA  . LYS A 1 59  ? -6.799  7.330   11.418  1.00 21.73  ? 61   LYS A CA  1 
ATOM   430  C  C   . LYS A 1 59  ? -6.629  8.588   12.269  1.00 32.90  ? 61   LYS A C   1 
ATOM   431  O  O   . LYS A 1 59  ? -6.382  8.520   13.475  1.00 32.48  ? 61   LYS A O   1 
ATOM   432  C  CB  . LYS A 1 59  ? -6.388  6.097   12.218  1.00 23.35  ? 61   LYS A CB  1 
ATOM   433  C  CG  . LYS A 1 59  ? -6.365  4.817   11.399  1.00 32.75  ? 61   LYS A CG  1 
ATOM   434  C  CD  . LYS A 1 59  ? -7.628  3.996   11.542  1.00 40.32  ? 61   LYS A CD  1 
ATOM   435  C  CE  . LYS A 1 59  ? -7.599  2.743   10.676  1.00 43.21  ? 61   LYS A CE  1 
ATOM   436  N  NZ  . LYS A 1 59  ? -6.368  1.928   10.897  1.00 47.71  ? 61   LYS A NZ  1 
ATOM   437  N  N   . GLY A 1 60  ? -6.759  9.739   11.612  1.00 29.75  ? 62   GLY A N   1 
ATOM   438  C  CA  . GLY A 1 60  ? -6.662  11.008  12.300  1.00 35.01  ? 62   GLY A CA  1 
ATOM   439  C  C   . GLY A 1 60  ? -5.285  11.429  12.748  1.00 32.38  ? 62   GLY A C   1 
ATOM   440  O  O   . GLY A 1 60  ? -5.140  12.491  13.365  1.00 40.01  ? 62   GLY A O   1 
ATOM   441  N  N   . MET A 1 61  ? -4.238  10.658  12.470  1.00 23.74  ? 63   MET A N   1 
ATOM   442  C  CA  . MET A 1 61  ? -2.896  11.041  12.904  1.00 20.14  ? 63   MET A CA  1 
ATOM   443  C  C   . MET A 1 61  ? -2.033  11.482  11.736  1.00 24.82  ? 63   MET A C   1 
ATOM   444  O  O   . MET A 1 61  ? -2.236  10.961  10.638  1.00 19.56  ? 63   MET A O   1 
ATOM   445  C  CB  . MET A 1 61  ? -2.248  9.858   13.621  1.00 33.75  ? 63   MET A CB  1 
ATOM   446  C  CG  . MET A 1 61  ? -3.149  9.257   14.699  1.00 40.35  ? 63   MET A CG  1 
ATOM   447  S  SD  . MET A 1 61  ? -2.233  9.061   16.242  1.00 163.57 ? 63   MET A SD  1 
ATOM   448  C  CE  . MET A 1 61  ? -0.614  8.649   15.579  1.00 32.60  ? 63   MET A CE  1 
ATOM   449  N  N   . LYS A 1 62  ? -1.090  12.410  11.924  1.00 20.86  ? 64   LYS A N   1 
ATOM   450  C  CA  . LYS A 1 62  ? -0.281  12.813  10.772  1.00 22.87  ? 64   LYS A CA  1 
ATOM   451  C  C   . LYS A 1 62  ? 1.036   12.047  10.648  1.00 19.91  ? 64   LYS A C   1 
ATOM   452  O  O   . LYS A 1 62  ? 1.749   11.771  11.612  1.00 19.98  ? 64   LYS A O   1 
ATOM   453  C  CB  . LYS A 1 62  ? 0.008   14.317  10.839  1.00 30.30  ? 64   LYS A CB  1 
ATOM   454  C  CG  . LYS A 1 62  ? -0.845  15.161  9.907   1.00 40.50  ? 64   LYS A CG  1 
ATOM   455  C  CD  . LYS A 1 62  ? -2.121  14.436  9.508   1.00 49.39  ? 64   LYS A CD  1 
ATOM   456  C  CE  . LYS A 1 62  ? -3.286  15.395  9.328   1.00 57.09  ? 64   LYS A CE  1 
ATOM   457  N  NZ  . LYS A 1 62  ? -3.027  16.444  8.303   1.00 64.07  ? 64   LYS A NZ  1 
ATOM   458  N  N   . TYR A 1 63  ? 1.382   11.703  9.416   1.00 14.71  ? 65   TYR A N   1 
ATOM   459  C  CA  . TYR A 1 63  ? 2.660   11.132  9.035   1.00 15.52  ? 65   TYR A CA  1 
ATOM   460  C  C   . TYR A 1 63  ? 3.331   12.090  8.060   1.00 20.71  ? 65   TYR A C   1 
ATOM   461  O  O   . TYR A 1 63  ? 2.672   12.793  7.296   1.00 20.19  ? 65   TYR A O   1 
ATOM   462  C  CB  . TYR A 1 63  ? 2.522   9.724   8.428   1.00 13.47  ? 65   TYR A CB  1 
ATOM   463  C  CG  . TYR A 1 63  ? 1.875   8.812   9.466   1.00 9.58   ? 65   TYR A CG  1 
ATOM   464  C  CD1 . TYR A 1 63  ? 0.499   8.852   9.677   1.00 9.82   ? 65   TYR A CD1 1 
ATOM   465  C  CD2 . TYR A 1 63  ? 2.647   7.943   10.221  1.00 18.33  ? 65   TYR A CD2 1 
ATOM   466  C  CE1 . TYR A 1 63  ? -0.093  8.026   10.622  1.00 10.14  ? 65   TYR A CE1 1 
ATOM   467  C  CE2 . TYR A 1 63  ? 2.070   7.112   11.169  1.00 17.60  ? 65   TYR A CE2 1 
ATOM   468  C  CZ  . TYR A 1 63  ? 0.702   7.169   11.355  1.00 19.32  ? 65   TYR A CZ  1 
ATOM   469  O  OH  . TYR A 1 63  ? 0.120   6.353   12.297  1.00 23.81  ? 65   TYR A OH  1 
ATOM   470  N  N   . ASN A 1 64  ? 4.660   12.124  8.124   1.00 19.89  ? 66   ASN A N   1 
ATOM   471  C  CA  . ASN A 1 64  ? 5.386   13.059  7.267   1.00 19.76  ? 66   ASN A CA  1 
ATOM   472  C  C   . ASN A 1 64  ? 6.740   12.472  6.921   1.00 23.01  ? 66   ASN A C   1 
ATOM   473  O  O   . ASN A 1 64  ? 7.786   13.088  7.136   1.00 28.43  ? 66   ASN A O   1 
ATOM   474  C  CB  . ASN A 1 64  ? 5.520   14.405  7.978   1.00 27.03  ? 66   ASN A CB  1 
ATOM   475  C  CG  . ASN A 1 64  ? 5.464   15.564  7.004   1.00 36.41  ? 66   ASN A CG  1 
ATOM   476  O  OD1 . ASN A 1 64  ? 4.726   16.525  7.224   1.00 46.62  ? 66   ASN A OD1 1 
ATOM   477  N  ND2 . ASN A 1 64  ? 6.253   15.422  5.945   1.00 28.31  ? 66   ASN A ND2 1 
ATOM   478  N  N   . GLY A 1 65  ? 6.697   11.245  6.401   1.00 15.20  ? 67   GLY A N   1 
ATOM   479  C  CA  . GLY A 1 65  ? 7.944   10.548  6.142   1.00 11.33  ? 67   GLY A CA  1 
ATOM   480  C  C   . GLY A 1 65  ? 8.135   10.223  4.679   1.00 11.51  ? 67   GLY A C   1 
ATOM   481  O  O   . GLY A 1 65  ? 7.536   10.828  3.791   1.00 15.92  ? 67   GLY A O   1 
ATOM   482  N  N   . VAL A 1 66  ? 8.994   9.250   4.439   1.00 10.44  ? 68   VAL A N   1 
ATOM   483  C  CA  . VAL A 1 66  ? 9.335   8.821   3.094   1.00 16.41  ? 68   VAL A CA  1 
ATOM   484  C  C   . VAL A 1 66  ? 9.383   7.301   3.028   1.00 20.42  ? 68   VAL A C   1 
ATOM   485  O  O   . VAL A 1 66  ? 9.981   6.630   3.876   1.00 16.32  ? 68   VAL A O   1 
ATOM   486  C  CB  . VAL A 1 66  ? 10.700  9.392   2.662   1.00 18.61  ? 68   VAL A CB  1 
ATOM   487  C  CG1 . VAL A 1 66  ? 11.125  8.848   1.312   1.00 25.39  ? 68   VAL A CG1 1 
ATOM   488  C  CG2 . VAL A 1 66  ? 10.641  10.918  2.630   1.00 26.53  ? 68   VAL A CG2 1 
ATOM   489  N  N   . MET A 1 67  ? 8.739   6.760   2.000   1.00 8.20   ? 69   MET A N   1 
ATOM   490  C  CA  . MET A 1 67  ? 8.850   5.319   1.791   1.00 10.17  ? 69   MET A CA  1 
ATOM   491  C  C   . MET A 1 67  ? 9.595   5.095   0.484   1.00 13.34  ? 69   MET A C   1 
ATOM   492  O  O   . MET A 1 67  ? 9.263   5.734   -0.515  1.00 9.16   ? 69   MET A O   1 
ATOM   493  C  CB  . MET A 1 67  ? 7.500   4.611   1.742   1.00 12.71  ? 69   MET A CB  1 
ATOM   494  C  CG  . MET A 1 67  ? 7.619   3.127   1.406   1.00 8.56   ? 69   MET A CG  1 
ATOM   495  S  SD  . MET A 1 67  ? 6.046   2.272   1.584   1.00 10.51  ? 69   MET A SD  1 
ATOM   496  C  CE  . MET A 1 67  ? 6.264   0.917   0.431   1.00 11.34  ? 69   MET A CE  1 
ATOM   497  N  N   . SER A 1 68  ? 10.588  4.208   0.511   1.00 9.71   ? 70   SER A N   1 
ATOM   498  C  CA  . SER A 1 68  ? 11.309  3.940   -0.731  1.00 8.86   ? 70   SER A CA  1 
ATOM   499  C  C   . SER A 1 68  ? 10.483  3.125   -1.715  1.00 11.88  ? 70   SER A C   1 
ATOM   500  O  O   . SER A 1 68  ? 9.484   2.514   -1.366  1.00 12.10  ? 70   SER A O   1 
ATOM   501  C  CB  . SER A 1 68  ? 12.617  3.210   -0.405  1.00 24.43  ? 70   SER A CB  1 
ATOM   502  O  OG  . SER A 1 68  ? 12.790  2.118   -1.298  1.00 63.12  ? 70   SER A OG  1 
ATOM   503  N  N   . SER A 1 69  ? 10.908  3.084   -2.976  1.00 8.79   ? 71   SER A N   1 
ATOM   504  C  CA  . SER A 1 69  ? 10.330  2.167   -3.954  1.00 12.33  ? 71   SER A CA  1 
ATOM   505  C  C   . SER A 1 69  ? 10.731  0.719   -3.704  1.00 9.70   ? 71   SER A C   1 
ATOM   506  O  O   . SER A 1 69  ? 11.819  0.389   -3.223  1.00 11.62  ? 71   SER A O   1 
ATOM   507  C  CB  . SER A 1 69  ? 10.772  2.626   -5.350  1.00 18.47  ? 71   SER A CB  1 
ATOM   508  O  OG  . SER A 1 69  ? 10.942  1.552   -6.250  1.00 22.89  ? 71   SER A OG  1 
ATOM   509  N  N   . PHE A 1 70  ? 9.862   -0.221  -4.048  1.00 9.96   ? 72   PHE A N   1 
ATOM   510  C  CA  . PHE A 1 70  ? 10.189  -1.633  -3.980  1.00 8.92   ? 72   PHE A CA  1 
ATOM   511  C  C   . PHE A 1 70  ? 10.112  -2.269  -5.363  1.00 10.25  ? 72   PHE A C   1 
ATOM   512  O  O   . PHE A 1 70  ? 9.750   -3.440  -5.467  1.00 12.93  ? 72   PHE A O   1 
ATOM   513  C  CB  . PHE A 1 70  ? 9.249   -2.359  -3.003  1.00 9.80   ? 72   PHE A CB  1 
ATOM   514  C  CG  . PHE A 1 70  ? 9.667   -2.140  -1.546  1.00 16.49  ? 72   PHE A CG  1 
ATOM   515  C  CD1 . PHE A 1 70  ? 9.380   -0.949  -0.902  1.00 16.62  ? 72   PHE A CD1 1 
ATOM   516  C  CD2 . PHE A 1 70  ? 10.338  -3.128  -0.836  1.00 19.88  ? 72   PHE A CD2 1 
ATOM   517  C  CE1 . PHE A 1 70  ? 9.757   -0.719  0.413   1.00 16.24  ? 72   PHE A CE1 1 
ATOM   518  C  CE2 . PHE A 1 70  ? 10.728  -2.903  0.473   1.00 14.81  ? 72   PHE A CE2 1 
ATOM   519  C  CZ  . PHE A 1 70  ? 10.440  -1.705  1.103   1.00 14.96  ? 72   PHE A CZ  1 
ATOM   520  N  N   . ALA A 1 71  ? 10.470  -1.509  -6.390  1.00 12.01  ? 73   ALA A N   1 
ATOM   521  C  CA  . ALA A 1 71  ? 10.359  -1.956  -7.774  1.00 16.84  ? 73   ALA A CA  1 
ATOM   522  C  C   . ALA A 1 71  ? 11.242  -3.154  -8.093  1.00 9.68   ? 73   ALA A C   1 
ATOM   523  O  O   . ALA A 1 71  ? 11.070  -3.797  -9.131  1.00 13.36  ? 73   ALA A O   1 
ATOM   524  C  CB  . ALA A 1 71  ? 10.716  -0.830  -8.744  1.00 18.33  ? 73   ALA A CB  1 
ATOM   525  N  N   . GLN A 1 72  ? 12.185  -3.426  -7.191  1.00 12.25  ? 74   GLN A N   1 
ATOM   526  C  CA  . GLN A 1 72  ? 13.049  -4.577  -7.459  1.00 16.92  ? 74   GLN A CA  1 
ATOM   527  C  C   . GLN A 1 72  ? 12.261  -5.847  -7.205  1.00 17.68  ? 74   GLN A C   1 
ATOM   528  O  O   . GLN A 1 72  ? 12.642  -6.937  -7.616  1.00 16.28  ? 74   GLN A O   1 
ATOM   529  C  CB  . GLN A 1 72  ? 14.316  -4.526  -6.608  1.00 14.95  ? 74   GLN A CB  1 
ATOM   530  C  CG  . GLN A 1 72  ? 14.050  -4.894  -5.152  1.00 18.18  ? 74   GLN A CG  1 
ATOM   531  C  CD  . GLN A 1 72  ? 13.512  -3.703  -4.377  1.00 19.49  ? 74   GLN A CD  1 
ATOM   532  O  OE1 . GLN A 1 72  ? 13.357  -2.615  -4.944  1.00 18.77  ? 74   GLN A OE1 1 
ATOM   533  N  NE2 . GLN A 1 72  ? 13.241  -3.910  -3.093  1.00 19.04  ? 74   GLN A NE2 1 
ATOM   534  N  N   . LEU A 1 73  ? 11.121  -5.730  -6.526  1.00 12.11  ? 75   LEU A N   1 
ATOM   535  C  CA  . LEU A 1 73  ? 10.282  -6.924  -6.410  1.00 12.35  ? 75   LEU A CA  1 
ATOM   536  C  C   . LEU A 1 73  ? 9.635   -7.236  -7.758  1.00 15.82  ? 75   LEU A C   1 
ATOM   537  O  O   . LEU A 1 73  ? 9.292   -6.301  -8.487  1.00 14.57  ? 75   LEU A O   1 
ATOM   538  C  CB  . LEU A 1 73  ? 9.169   -6.749  -5.386  1.00 13.48  ? 75   LEU A CB  1 
ATOM   539  C  CG  . LEU A 1 73  ? 9.636   -6.599  -3.930  1.00 14.36  ? 75   LEU A CG  1 
ATOM   540  C  CD1 . LEU A 1 73  ? 8.444   -6.273  -3.048  1.00 13.66  ? 75   LEU A CD1 1 
ATOM   541  C  CD2 . LEU A 1 73  ? 10.343  -7.868  -3.496  1.00 9.63   ? 75   LEU A CD2 1 
ATOM   542  N  N   . LYS A 1 74  ? 9.458   -8.517  -8.053  1.00 15.81  ? 76   LYS A N   1 
ATOM   543  C  CA  . LYS A 1 74  ? 8.771   -8.877  -9.298  1.00 14.48  ? 76   LYS A CA  1 
ATOM   544  C  C   . LYS A 1 74  ? 7.284   -8.574  -9.227  1.00 19.19  ? 76   LYS A C   1 
ATOM   545  O  O   . LYS A 1 74  ? 6.731   -8.383  -8.140  1.00 13.77  ? 76   LYS A O   1 
ATOM   546  C  CB  . LYS A 1 74  ? 8.975   -10.363 -9.591  1.00 15.81  ? 76   LYS A CB  1 
ATOM   547  C  CG  . LYS A 1 74  ? 10.439  -10.704 -9.872  1.00 28.21  ? 76   LYS A CG  1 
ATOM   548  C  CD  . LYS A 1 74  ? 10.568  -12.157 -10.307 1.00 42.47  ? 76   LYS A CD  1 
ATOM   549  C  CE  . LYS A 1 74  ? 9.205   -12.742 -10.660 1.00 55.11  ? 76   LYS A CE  1 
ATOM   550  N  NZ  . LYS A 1 74  ? 8.511   -13.323 -9.475  1.00 62.37  ? 76   LYS A NZ  1 
ATOM   551  N  N   . ASP A 1 75  ? 6.624   -8.533  -10.387 1.00 17.30  ? 77   ASP A N   1 
ATOM   552  C  CA  . ASP A 1 75  ? 5.179   -8.318  -10.382 1.00 16.35  ? 77   ASP A CA  1 
ATOM   553  C  C   . ASP A 1 75  ? 4.460   -9.308  -9.482  1.00 13.41  ? 77   ASP A C   1 
ATOM   554  O  O   . ASP A 1 75  ? 3.527   -8.980  -8.745  1.00 14.90  ? 77   ASP A O   1 
ATOM   555  C  CB  . ASP A 1 75  ? 4.611   -8.457  -11.803 1.00 15.27  ? 77   ASP A CB  1 
ATOM   556  C  CG  . ASP A 1 75  ? 5.123   -7.378  -12.732 1.00 20.39  ? 77   ASP A CG  1 
ATOM   557  O  OD1 . ASP A 1 75  ? 5.496   -6.290  -12.250 1.00 15.03  ? 77   ASP A OD1 1 
ATOM   558  O  OD2 . ASP A 1 75  ? 5.134   -7.625  -13.957 1.00 19.69  ? 77   ASP A OD2 1 
ATOM   559  N  N   . GLU A 1 76  ? 4.868   -10.580 -9.511  1.00 9.79   ? 78   GLU A N   1 
ATOM   560  C  CA  . GLU A 1 76  ? 4.120   -11.527 -8.667  1.00 13.21  ? 78   GLU A CA  1 
ATOM   561  C  C   . GLU A 1 76  ? 4.376   -11.294 -7.181  1.00 10.46  ? 78   GLU A C   1 
ATOM   562  O  O   . GLU A 1 76  ? 3.479   -11.545 -6.371  1.00 13.42  ? 78   GLU A O   1 
ATOM   563  C  CB  . GLU A 1 76  ? 4.485   -12.966 -9.010  1.00 31.77  ? 78   GLU A CB  1 
ATOM   564  C  CG  . GLU A 1 76  ? 3.582   -13.657 -10.015 1.00 53.88  ? 78   GLU A CG  1 
ATOM   565  C  CD  . GLU A 1 76  ? 4.378   -14.501 -10.993 1.00 72.74  ? 78   GLU A CD  1 
ATOM   566  O  OE1 . GLU A 1 76  ? 5.035   -15.466 -10.543 1.00 103.64 ? 78   GLU A OE1 1 
ATOM   567  O  OE2 . GLU A 1 76  ? 4.346   -14.197 -12.208 1.00 92.30  ? 78   GLU A OE2 1 
ATOM   568  N  N   . GLU A 1 77  ? 5.571   -10.841 -6.836  1.00 12.18  ? 79   GLU A N   1 
ATOM   569  C  CA  . GLU A 1 77  ? 5.942   -10.585 -5.441  1.00 13.26  ? 79   GLU A CA  1 
ATOM   570  C  C   . GLU A 1 77  ? 5.147   -9.406  -4.888  1.00 9.69   ? 79   GLU A C   1 
ATOM   571  O  O   . GLU A 1 77  ? 4.640   -9.449  -3.764  1.00 12.13  ? 79   GLU A O   1 
ATOM   572  C  CB  . GLU A 1 77  ? 7.448   -10.332 -5.323  1.00 16.34  ? 79   GLU A CB  1 
ATOM   573  C  CG  . GLU A 1 77  ? 8.331   -11.536 -5.605  1.00 15.50  ? 79   GLU A CG  1 
ATOM   574  C  CD  . GLU A 1 77  ? 9.819   -11.256 -5.548  1.00 21.64  ? 79   GLU A CD  1 
ATOM   575  O  OE1 . GLU A 1 77  ? 10.299  -10.274 -6.162  1.00 16.53  ? 79   GLU A OE1 1 
ATOM   576  O  OE2 . GLU A 1 77  ? 10.526  -12.050 -4.877  1.00 24.13  ? 79   GLU A OE2 1 
ATOM   577  N  N   . ILE A 1 78  ? 5.031   -8.343  -5.691  1.00 9.21   ? 80   ILE A N   1 
ATOM   578  C  CA  . ILE A 1 78  ? 4.219   -7.187  -5.278  1.00 5.91   ? 80   ILE A CA  1 
ATOM   579  C  C   . ILE A 1 78  ? 2.769   -7.619  -5.148  1.00 8.86   ? 80   ILE A C   1 
ATOM   580  O  O   . ILE A 1 78  ? 2.114   -7.276  -4.158  1.00 10.02  ? 80   ILE A O   1 
ATOM   581  C  CB  . ILE A 1 78  ? 4.414   -5.993  -6.232  1.00 10.64  ? 80   ILE A CB  1 
ATOM   582  C  CG1 . ILE A 1 78  ? 5.810   -5.365  -6.095  1.00 11.36  ? 80   ILE A CG1 1 
ATOM   583  C  CG2 . ILE A 1 78  ? 3.341   -4.923  -6.059  1.00 11.67  ? 80   ILE A CG2 1 
ATOM   584  C  CD1 . ILE A 1 78  ? 6.150   -4.254  -7.067  1.00 10.99  ? 80   ILE A CD1 1 
ATOM   585  N  N   . ALA A 1 79  ? 2.255   -8.393  -6.114  1.00 7.27   ? 81   ALA A N   1 
ATOM   586  C  CA  . ALA A 1 79  ? 0.889   -8.896  -5.985  1.00 8.11   ? 81   ALA A CA  1 
ATOM   587  C  C   . ALA A 1 79  ? 0.766   -9.674  -4.681  1.00 11.68  ? 81   ALA A C   1 
ATOM   588  O  O   . ALA A 1 79  ? -0.186  -9.481  -3.926  1.00 12.18  ? 81   ALA A O   1 
ATOM   589  C  CB  . ALA A 1 79  ? 0.490   -9.777  -7.155  1.00 11.98  ? 81   ALA A CB  1 
ATOM   590  N  N   . ALA A 1 80  ? 1.734   -10.544 -4.401  1.00 10.08  ? 82   ALA A N   1 
ATOM   591  C  CA  . ALA A 1 80  ? 1.606   -11.396 -3.219  1.00 12.57  ? 82   ALA A CA  1 
ATOM   592  C  C   . ALA A 1 80  ? 1.656   -10.614 -1.915  1.00 9.87   ? 82   ALA A C   1 
ATOM   593  O  O   . ALA A 1 80  ? 0.894   -10.850 -0.970  1.00 7.99   ? 82   ALA A O   1 
ATOM   594  C  CB  . ALA A 1 80  ? 2.707   -12.451 -3.216  1.00 14.23  ? 82   ALA A CB  1 
ATOM   595  N  N   . VAL A 1 81  ? 2.560   -9.643  -1.810  1.00 11.06  ? 83   VAL A N   1 
ATOM   596  C  CA  . VAL A 1 81  ? 2.616   -8.933  -0.518  1.00 9.76   ? 83   VAL A CA  1 
ATOM   597  C  C   . VAL A 1 81  ? 1.405   -8.031  -0.348  1.00 13.16  ? 83   VAL A C   1 
ATOM   598  O  O   . VAL A 1 81  ? 0.927   -7.784  0.763   1.00 10.05  ? 83   VAL A O   1 
ATOM   599  C  CB  . VAL A 1 81  ? 3.926   -8.148  -0.364  1.00 8.93   ? 83   VAL A CB  1 
ATOM   600  C  CG1 . VAL A 1 81  ? 3.980   -6.940  -1.287  1.00 14.37  ? 83   VAL A CG1 1 
ATOM   601  C  CG2 . VAL A 1 81  ? 4.098   -7.687  1.086   1.00 9.02   ? 83   VAL A CG2 1 
ATOM   602  N  N   . LEU A 1 82  ? 0.847   -7.507  -1.443  1.00 9.62   ? 84   LEU A N   1 
ATOM   603  C  CA  . LEU A 1 82  ? -0.364  -6.691  -1.292  1.00 6.08   ? 84   LEU A CA  1 
ATOM   604  C  C   . LEU A 1 82  ? -1.538  -7.559  -0.855  1.00 6.85   ? 84   LEU A C   1 
ATOM   605  O  O   . LEU A 1 82  ? -2.362  -7.144  -0.051  1.00 9.31   ? 84   LEU A O   1 
ATOM   606  C  CB  . LEU A 1 82  ? -0.673  -5.955  -2.603  1.00 8.24   ? 84   LEU A CB  1 
ATOM   607  C  CG  . LEU A 1 82  ? 0.286   -4.814  -2.937  1.00 7.16   ? 84   LEU A CG  1 
ATOM   608  C  CD1 . LEU A 1 82  ? -0.008  -4.216  -4.302  1.00 8.33   ? 84   LEU A CD1 1 
ATOM   609  C  CD2 . LEU A 1 82  ? 0.210   -3.757  -1.835  1.00 8.94   ? 84   LEU A CD2 1 
ATOM   610  N  N   . ASN A 1 83  ? -1.626  -8.790  -1.376  1.00 9.51   ? 85   ASN A N   1 
ATOM   611  C  CA  . ASN A 1 83  ? -2.647  -9.719  -0.890  1.00 6.61   ? 85   ASN A CA  1 
ATOM   612  C  C   . ASN A 1 83  ? -2.451  -10.033 0.587   1.00 10.36  ? 85   ASN A C   1 
ATOM   613  O  O   . ASN A 1 83  ? -3.407  -10.176 1.356   1.00 13.60  ? 85   ASN A O   1 
ATOM   614  C  CB  . ASN A 1 83  ? -2.631  -11.009 -1.712  1.00 8.39   ? 85   ASN A CB  1 
ATOM   615  C  CG  . ASN A 1 83  ? -3.353  -10.829 -3.028  1.00 6.72   ? 85   ASN A CG  1 
ATOM   616  O  OD1 . ASN A 1 83  ? -4.386  -10.162 -3.105  1.00 16.22  ? 85   ASN A OD1 1 
ATOM   617  N  ND2 . ASN A 1 83  ? -2.809  -11.433 -4.082  1.00 9.08   ? 85   ASN A ND2 1 
ATOM   618  N  N   . HIS A 1 84  ? -1.192  -10.128 1.009   1.00 12.09  ? 86   HIS A N   1 
ATOM   619  C  CA  . HIS A 1 84  ? -0.918  -10.308 2.432   1.00 6.20   ? 86   HIS A CA  1 
ATOM   620  C  C   . HIS A 1 84  ? -1.433  -9.154  3.270   1.00 10.45  ? 86   HIS A C   1 
ATOM   621  O  O   . HIS A 1 84  ? -2.185  -9.329  4.240   1.00 11.87  ? 86   HIS A O   1 
ATOM   622  C  CB  . HIS A 1 84  ? 0.591   -10.454 2.644   1.00 7.96   ? 86   HIS A CB  1 
ATOM   623  C  CG  . HIS A 1 84  ? 0.918   -10.713 4.091   1.00 10.39  ? 86   HIS A CG  1 
ATOM   624  N  ND1 . HIS A 1 84  ? 0.704   -11.944 4.675   1.00 13.05  ? 86   HIS A ND1 1 
ATOM   625  C  CD2 . HIS A 1 84  ? 1.433   -9.923  5.054   1.00 13.10  ? 86   HIS A CD2 1 
ATOM   626  C  CE1 . HIS A 1 84  ? 1.079   -11.899 5.946   1.00 15.07  ? 86   HIS A CE1 1 
ATOM   627  N  NE2 . HIS A 1 84  ? 1.527   -10.685 6.212   1.00 17.59  ? 86   HIS A NE2 1 
ATOM   628  N  N   . ILE A 1 85  ? -1.031  -7.919  2.921   1.00 10.37  ? 87   ILE A N   1 
ATOM   629  C  CA  . ILE A 1 85  ? -1.516  -6.807  3.751   1.00 9.20   ? 87   ILE A CA  1 
ATOM   630  C  C   . ILE A 1 85  ? -3.014  -6.613  3.565   1.00 9.12   ? 87   ILE A C   1 
ATOM   631  O  O   . ILE A 1 85  ? -3.640  -6.038  4.467   1.00 8.17   ? 87   ILE A O   1 
ATOM   632  C  CB  . ILE A 1 85  ? -0.754  -5.495  3.498   1.00 6.55   ? 87   ILE A CB  1 
ATOM   633  C  CG1 . ILE A 1 85  ? -1.052  -4.819  2.158   1.00 10.36  ? 87   ILE A CG1 1 
ATOM   634  C  CG2 . ILE A 1 85  ? 0.749   -5.749  3.660   1.00 10.81  ? 87   ILE A CG2 1 
ATOM   635  C  CD1 . ILE A 1 85  ? -0.429  -3.423  2.065   1.00 6.07   ? 87   ILE A CD1 1 
ATOM   636  N  N   . ALA A 1 86  ? -3.616  -7.087  2.466   1.00 10.36  ? 88   ALA A N   1 
ATOM   637  C  CA  . ALA A 1 86  ? -5.072  -6.942  2.375   1.00 11.18  ? 88   ALA A CA  1 
ATOM   638  C  C   . ALA A 1 86  ? -5.822  -7.984  3.203   1.00 10.53  ? 88   ALA A C   1 
ATOM   639  O  O   . ALA A 1 86  ? -6.967  -7.724  3.573   1.00 16.71  ? 88   ALA A O   1 
ATOM   640  C  CB  . ALA A 1 86  ? -5.552  -7.028  0.928   1.00 6.60   ? 88   ALA A CB  1 
ATOM   641  N  N   . THR A 1 87  ? -5.224  -9.133  3.480   1.00 9.49   ? 89   THR A N   1 
ATOM   642  C  CA  . THR A 1 87  ? -5.963  -10.212 4.127   1.00 11.09  ? 89   THR A CA  1 
ATOM   643  C  C   . THR A 1 87  ? -5.471  -10.535 5.533   1.00 11.12  ? 89   THR A C   1 
ATOM   644  O  O   . THR A 1 87  ? -6.283  -11.039 6.318   1.00 11.49  ? 89   THR A O   1 
ATOM   645  C  CB  . THR A 1 87  ? -5.903  -11.536 3.329   1.00 14.23  ? 89   THR A CB  1 
ATOM   646  O  OG1 . THR A 1 87  ? -4.541  -11.978 3.239   1.00 13.27  ? 89   THR A OG1 1 
ATOM   647  C  CG2 . THR A 1 87  ? -6.387  -11.389 1.898   1.00 14.44  ? 89   THR A CG2 1 
ATOM   648  N  N   . ALA A 1 88  ? -4.200  -10.297 5.847   1.00 7.84   ? 90   ALA A N   1 
ATOM   649  C  CA  . ALA A 1 88  ? -3.640  -10.829 7.083   1.00 14.32  ? 90   ALA A CA  1 
ATOM   650  C  C   . ALA A 1 88  ? -4.340  -10.277 8.325   1.00 13.70  ? 90   ALA A C   1 
ATOM   651  O  O   . ALA A 1 88  ? -4.322  -11.001 9.331   1.00 11.17  ? 90   ALA A O   1 
ATOM   652  C  CB  . ALA A 1 88  ? -2.138  -10.571 7.190   1.00 10.42  ? 90   ALA A CB  1 
ATOM   653  N  N   . TRP A 1 89  ? -4.893  -9.073  8.236   1.00 10.83  ? 91   TRP A N   1 
ATOM   654  C  CA  . TRP A 1 89  ? -5.523  -8.406  9.374   1.00 14.03  ? 91   TRP A CA  1 
ATOM   655  C  C   . TRP A 1 89  ? -7.001  -8.130  9.154   1.00 13.80  ? 91   TRP A C   1 
ATOM   656  O  O   . TRP A 1 89  ? -7.610  -7.360  9.898   1.00 20.71  ? 91   TRP A O   1 
ATOM   657  C  CB  . TRP A 1 89  ? -4.760  -7.104  9.708   1.00 11.46  ? 91   TRP A CB  1 
ATOM   658  C  CG  . TRP A 1 89  ? -3.295  -7.467  9.784   1.00 10.18  ? 91   TRP A CG  1 
ATOM   659  C  CD1 . TRP A 1 89  ? -2.719  -8.306  10.698  1.00 10.28  ? 91   TRP A CD1 1 
ATOM   660  C  CD2 . TRP A 1 89  ? -2.252  -7.016  8.918   1.00 12.28  ? 91   TRP A CD2 1 
ATOM   661  N  NE1 . TRP A 1 89  ? -1.367  -8.400  10.448  1.00 14.84  ? 91   TRP A NE1 1 
ATOM   662  C  CE2 . TRP A 1 89  ? -1.056  -7.618  9.363   1.00 15.84  ? 91   TRP A CE2 1 
ATOM   663  C  CE3 . TRP A 1 89  ? -2.206  -6.164  7.810   1.00 15.48  ? 91   TRP A CE3 1 
ATOM   664  C  CZ2 . TRP A 1 89  ? 0.169   -7.387  8.735   1.00 17.54  ? 91   TRP A CZ2 1 
ATOM   665  C  CZ3 . TRP A 1 89  ? -0.987  -5.942  7.192   1.00 12.25  ? 91   TRP A CZ3 1 
ATOM   666  C  CH2 . TRP A 1 89  ? 0.187   -6.548  7.649   1.00 12.11  ? 91   TRP A CH2 1 
ATOM   667  N  N   . GLY A 1 90  ? -7.576  -8.782  8.149   1.00 12.67  ? 92   GLY A N   1 
ATOM   668  C  CA  . GLY A 1 90  ? -8.997  -8.758  7.894   1.00 15.37  ? 92   GLY A CA  1 
ATOM   669  C  C   . GLY A 1 90  ? -9.517  -7.597  7.094   1.00 16.08  ? 92   GLY A C   1 
ATOM   670  O  O   . GLY A 1 90  ? -10.732 -7.402  6.947   1.00 21.27  ? 92   GLY A O   1 
ATOM   671  N  N   . ASP A 1 91  ? -8.657  -6.754  6.523   1.00 17.89  ? 93   ASP A N   1 
ATOM   672  C  CA  . ASP A 1 91  ? -9.153  -5.588  5.789   1.00 11.16  ? 93   ASP A CA  1 
ATOM   673  C  C   . ASP A 1 91  ? -10.063 -5.960  4.625   1.00 11.73  ? 93   ASP A C   1 
ATOM   674  O  O   . ASP A 1 91  ? -11.073 -5.299  4.368   1.00 19.20  ? 93   ASP A O   1 
ATOM   675  C  CB  . ASP A 1 91  ? -7.958  -4.770  5.265   1.00 12.50  ? 93   ASP A CB  1 
ATOM   676  C  CG  . ASP A 1 91  ? -7.310  -3.986  6.391   1.00 17.29  ? 93   ASP A CG  1 
ATOM   677  O  OD1 . ASP A 1 91  ? -6.581  -4.621  7.178   1.00 15.47  ? 93   ASP A OD1 1 
ATOM   678  O  OD2 . ASP A 1 91  ? -7.548  -2.759  6.483   1.00 16.85  ? 93   ASP A OD2 1 
ATOM   679  N  N   . ALA A 1 92  ? -9.727  -7.012  3.890   1.00 14.48  ? 94   ALA A N   1 
ATOM   680  C  CA  . ALA A 1 92  ? -10.522 -7.405  2.729   1.00 25.55  ? 94   ALA A CA  1 
ATOM   681  C  C   . ALA A 1 92  ? -11.913 -7.900  3.125   1.00 25.55  ? 94   ALA A C   1 
ATOM   682  O  O   . ALA A 1 92  ? -12.822 -7.933  2.288   1.00 25.52  ? 94   ALA A O   1 
ATOM   683  C  CB  . ALA A 1 92  ? -9.798  -8.473  1.920   1.00 21.36  ? 94   ALA A CB  1 
ATOM   684  N  N   . LYS A 1 93  ? -12.077 -8.277  4.392   1.00 23.96  ? 95   LYS A N   1 
ATOM   685  C  CA  . LYS A 1 93  ? -13.406 -8.673  4.856   1.00 31.23  ? 95   LYS A CA  1 
ATOM   686  C  C   . LYS A 1 93  ? -14.340 -7.473  4.710   1.00 37.00  ? 95   LYS A C   1 
ATOM   687  O  O   . LYS A 1 93  ? -15.471 -7.596  4.253   1.00 64.85  ? 95   LYS A O   1 
ATOM   688  C  CB  . LYS A 1 93  ? -13.432 -9.131  6.311   1.00 26.79  ? 95   LYS A CB  1 
ATOM   689  C  CG  . LYS A 1 93  ? -12.431 -10.207 6.658   1.00 31.52  ? 95   LYS A CG  1 
ATOM   690  C  CD  . LYS A 1 93  ? -13.102 -11.525 6.998   1.00 31.88  ? 95   LYS A CD  1 
ATOM   691  C  CE  . LYS A 1 93  ? -12.078 -12.650 6.993   1.00 27.71  ? 95   LYS A CE  1 
ATOM   692  N  NZ  . LYS A 1 93  ? -12.723 -13.984 6.872   1.00 29.98  ? 95   LYS A NZ  1 
ATOM   693  N  N   . LYS A 1 94  ? -13.809 -6.319  5.111   1.00 30.00  ? 96   LYS A N   1 
ATOM   694  C  CA  . LYS A 1 94  ? -14.577 -5.079  5.091   1.00 31.96  ? 96   LYS A CA  1 
ATOM   695  C  C   . LYS A 1 94  ? -14.972 -4.677  3.675   1.00 48.29  ? 96   LYS A C   1 
ATOM   696  O  O   . LYS A 1 94  ? -15.845 -3.823  3.498   1.00 72.81  ? 96   LYS A O   1 
ATOM   697  C  CB  . LYS A 1 94  ? -13.773 -3.967  5.773   1.00 27.16  ? 96   LYS A CB  1 
ATOM   698  C  CG  . LYS A 1 94  ? -13.701 -4.105  7.286   1.00 29.84  ? 96   LYS A CG  1 
ATOM   699  C  CD  . LYS A 1 94  ? -12.451 -3.486  7.872   1.00 37.84  ? 96   LYS A CD  1 
ATOM   700  C  CE  . LYS A 1 94  ? -12.750 -2.238  8.685   1.00 43.80  ? 96   LYS A CE  1 
ATOM   701  N  NZ  . LYS A 1 94  ? -11.649 -1.226  8.615   1.00 47.60  ? 96   LYS A NZ  1 
ATOM   702  N  N   . VAL A 1 95  ? -14.343 -5.279  2.671   1.00 56.78  ? 97   VAL A N   1 
ATOM   703  C  CA  . VAL A 1 95  ? -14.523 -4.897  1.277   1.00 64.22  ? 97   VAL A CA  1 
ATOM   704  C  C   . VAL A 1 95  ? -15.260 -5.959  0.464   1.00 74.55  ? 97   VAL A C   1 
ATOM   705  O  O   . VAL A 1 95  ? -14.854 -7.118  0.388   1.00 73.41  ? 97   VAL A O   1 
ATOM   706  C  CB  . VAL A 1 95  ? -13.152 -4.595  0.637   1.00 67.96  ? 97   VAL A CB  1 
ATOM   707  C  CG1 . VAL A 1 95  ? -12.368 -3.605  1.487   1.00 66.90  ? 97   VAL A CG1 1 
ATOM   708  C  CG2 . VAL A 1 95  ? -12.349 -5.871  0.454   1.00 76.40  ? 97   VAL A CG2 1 
ATOM   709  N  N   . LYS A 1 96  ? -16.357 -5.533  -0.143  1.00 82.66  ? 98   LYS A N   1 
ATOM   710  C  CA  . LYS A 1 96  ? -17.313 -6.323  -0.892  1.00 88.21  ? 98   LYS A CA  1 
ATOM   711  C  C   . LYS A 1 96  ? -16.805 -6.807  -2.243  1.00 86.38  ? 98   LYS A C   1 
ATOM   712  O  O   . LYS A 1 96  ? -16.676 -6.024  -3.188  1.00 90.31  ? 98   LYS A O   1 
ATOM   713  C  CB  . LYS A 1 96  ? -18.578 -5.473  -1.122  1.00 94.49  ? 98   LYS A CB  1 
ATOM   714  C  CG  . LYS A 1 96  ? -18.256 -3.991  -1.285  1.00 102.81 ? 98   LYS A CG  1 
ATOM   715  C  CD  . LYS A 1 96  ? -19.314 -3.280  -2.110  1.00 109.78 ? 98   LYS A CD  1 
ATOM   716  C  CE  . LYS A 1 96  ? -20.281 -2.506  -1.226  1.00 113.28 ? 98   LYS A CE  1 
ATOM   717  N  NZ  . LYS A 1 96  ? -21.619 -3.167  -1.160  1.00 115.64 ? 98   LYS A NZ  1 
ATOM   718  N  N   . GLY A 1 97  ? -16.528 -8.105  -2.349  1.00 77.89  ? 99   GLY A N   1 
ATOM   719  C  CA  . GLY A 1 97  ? -16.074 -8.694  -3.596  1.00 70.00  ? 99   GLY A CA  1 
ATOM   720  C  C   . GLY A 1 97  ? -14.623 -8.388  -3.906  1.00 63.26  ? 99   GLY A C   1 
ATOM   721  O  O   . GLY A 1 97  ? -14.247 -8.125  -5.050  1.00 52.15  ? 99   GLY A O   1 
ATOM   722  N  N   . PHE A 1 98  ? -13.774 -8.416  -2.879  1.00 56.11  ? 100  PHE A N   1 
ATOM   723  C  CA  . PHE A 1 98  ? -12.358 -8.151  -3.093  1.00 40.96  ? 100  PHE A CA  1 
ATOM   724  C  C   . PHE A 1 98  ? -11.747 -9.195  -4.014  1.00 37.98  ? 100  PHE A C   1 
ATOM   725  O  O   . PHE A 1 98  ? -11.700 -10.389 -3.708  1.00 48.50  ? 100  PHE A O   1 
ATOM   726  C  CB  . PHE A 1 98  ? -11.584 -8.168  -1.783  1.00 36.60  ? 100  PHE A CB  1 
ATOM   727  C  CG  . PHE A 1 98  ? -10.071 -8.203  -1.906  1.00 29.99  ? 100  PHE A CG  1 
ATOM   728  C  CD1 . PHE A 1 98  ? -9.366  -7.087  -2.316  1.00 34.36  ? 100  PHE A CD1 1 
ATOM   729  C  CD2 . PHE A 1 98  ? -9.371  -9.356  -1.597  1.00 28.54  ? 100  PHE A CD2 1 
ATOM   730  C  CE1 . PHE A 1 98  ? -7.985  -7.114  -2.414  1.00 27.55  ? 100  PHE A CE1 1 
ATOM   731  C  CE2 . PHE A 1 98  ? -7.995  -9.397  -1.688  1.00 29.65  ? 100  PHE A CE2 1 
ATOM   732  C  CZ  . PHE A 1 98  ? -7.301  -8.270  -2.092  1.00 27.01  ? 100  PHE A CZ  1 
ATOM   733  N  N   . LYS A 1 99  ? -11.254 -8.718  -5.155  1.00 28.28  ? 101  LYS A N   1 
ATOM   734  C  CA  . LYS A 1 99  ? -10.522 -9.673  -5.995  1.00 26.00  ? 101  LYS A CA  1 
ATOM   735  C  C   . LYS A 1 99  ? -9.036  -9.546  -5.661  1.00 21.28  ? 101  LYS A C   1 
ATOM   736  O  O   . LYS A 1 99  ? -8.484  -8.452  -5.576  1.00 18.89  ? 101  LYS A O   1 
ATOM   737  C  CB  . LYS A 1 99  ? -10.832 -9.435  -7.466  1.00 28.84  ? 101  LYS A CB  1 
ATOM   738  C  CG  . LYS A 1 99  ? -12.326 -9.506  -7.781  1.00 32.92  ? 101  LYS A CG  1 
ATOM   739  C  CD  . LYS A 1 99  ? -12.592 -9.142  -9.231  1.00 46.53  ? 101  LYS A CD  1 
ATOM   740  C  CE  . LYS A 1 99  ? -13.795 -8.228  -9.392  1.00 51.30  ? 101  LYS A CE  1 
ATOM   741  N  NZ  . LYS A 1 99  ? -13.708 -7.398  -10.631 1.00 37.89  ? 101  LYS A NZ  1 
ATOM   742  N  N   . PRO A 1 100 ? -8.403  -10.686 -5.447  1.00 22.65  ? 102  PRO A N   1 
ATOM   743  C  CA  . PRO A 1 100 ? -6.981  -10.696 -5.118  1.00 19.67  ? 102  PRO A CA  1 
ATOM   744  C  C   . PRO A 1 100 ? -6.162  -9.972  -6.175  1.00 21.09  ? 102  PRO A C   1 
ATOM   745  O  O   . PRO A 1 100 ? -6.490  -9.970  -7.361  1.00 18.37  ? 102  PRO A O   1 
ATOM   746  C  CB  . PRO A 1 100 ? -6.650  -12.188 -5.108  1.00 25.70  ? 102  PRO A CB  1 
ATOM   747  C  CG  . PRO A 1 100 ? -7.953  -12.821 -4.702  1.00 23.93  ? 102  PRO A CG  1 
ATOM   748  C  CD  . PRO A 1 100 ? -8.981  -12.044 -5.487  1.00 25.21  ? 102  PRO A CD  1 
ATOM   749  N  N   . PHE A 1 101 ? -5.091  -9.364  -5.665  1.00 13.70  ? 103  PHE A N   1 
ATOM   750  C  CA  . PHE A 1 101 ? -4.117  -8.681  -6.505  1.00 9.76   ? 103  PHE A CA  1 
ATOM   751  C  C   . PHE A 1 101 ? -3.446  -9.671  -7.450  1.00 14.52  ? 103  PHE A C   1 
ATOM   752  O  O   . PHE A 1 101 ? -3.083  -10.770 -7.026  1.00 17.58  ? 103  PHE A O   1 
ATOM   753  C  CB  . PHE A 1 101 ? -3.083  -7.996  -5.606  1.00 10.43  ? 103  PHE A CB  1 
ATOM   754  C  CG  . PHE A 1 101 ? -3.549  -6.691  -4.979  1.00 12.85  ? 103  PHE A CG  1 
ATOM   755  C  CD1 . PHE A 1 101 ? -3.466  -5.492  -5.671  1.00 12.14  ? 103  PHE A CD1 1 
ATOM   756  C  CD2 . PHE A 1 101 ? -4.078  -6.676  -3.702  1.00 8.89   ? 103  PHE A CD2 1 
ATOM   757  C  CE1 . PHE A 1 101 ? -3.889  -4.299  -5.103  1.00 8.81   ? 103  PHE A CE1 1 
ATOM   758  C  CE2 . PHE A 1 101 ? -4.490  -5.483  -3.124  1.00 13.34  ? 103  PHE A CE2 1 
ATOM   759  C  CZ  . PHE A 1 101 ? -4.406  -4.288  -3.822  1.00 7.10   ? 103  PHE A CZ  1 
ATOM   760  N  N   . THR A 1 102 ? -3.246  -9.315  -8.718  1.00 10.21  ? 104  THR A N   1 
ATOM   761  C  CA  . THR A 1 102 ? -2.574  -10.213 -9.649  1.00 11.06  ? 104  THR A CA  1 
ATOM   762  C  C   . THR A 1 102 ? -1.438  -9.511  -10.380 1.00 12.84  ? 104  THR A C   1 
ATOM   763  O  O   . THR A 1 102 ? -1.450  -8.285  -10.487 1.00 15.62  ? 104  THR A O   1 
ATOM   764  C  CB  . THR A 1 102 ? -3.536  -10.750 -10.727 1.00 20.23  ? 104  THR A CB  1 
ATOM   765  O  OG1 . THR A 1 102 ? -4.118  -9.619  -11.389 1.00 17.55  ? 104  THR A OG1 1 
ATOM   766  C  CG2 . THR A 1 102 ? -4.657  -11.558 -10.100 1.00 28.45  ? 104  THR A CG2 1 
ATOM   767  N  N   . ALA A 1 103 ? -0.495  -10.298 -10.873 1.00 14.35  ? 105  ALA A N   1 
ATOM   768  C  CA  . ALA A 1 103 ? 0.704   -9.810  -11.530 1.00 15.35  ? 105  ALA A CA  1 
ATOM   769  C  C   . ALA A 1 103 ? 0.430   -8.836  -12.664 1.00 14.21  ? 105  ALA A C   1 
ATOM   770  O  O   . ALA A 1 103 ? 1.165   -7.854  -12.831 1.00 13.50  ? 105  ALA A O   1 
ATOM   771  C  CB  . ALA A 1 103 ? 1.527   -10.993 -12.049 1.00 19.36  ? 105  ALA A CB  1 
ATOM   772  N  N   . GLU A 1 104 ? -0.592  -9.056  -13.485 1.00 16.14  ? 106  GLU A N   1 
ATOM   773  C  CA  . GLU A 1 104 ? -0.817  -8.156  -14.622 1.00 16.06  ? 106  GLU A CA  1 
ATOM   774  C  C   . GLU A 1 104 ? -1.242  -6.767  -14.177 1.00 14.56  ? 106  GLU A C   1 
ATOM   775  O  O   . GLU A 1 104 ? -0.995  -5.782  -14.881 1.00 15.13  ? 106  GLU A O   1 
ATOM   776  C  CB  . GLU A 1 104 ? -1.868  -8.713  -15.581 1.00 19.08  ? 106  GLU A CB  1 
ATOM   777  C  CG  . GLU A 1 104 ? -1.431  -9.901  -16.414 1.00 20.85  ? 106  GLU A CG  1 
ATOM   778  C  CD  . GLU A 1 104 ? -0.470  -9.568  -17.535 1.00 22.96  ? 106  GLU A CD  1 
ATOM   779  O  OE1 . GLU A 1 104 ? -0.442  -8.424  -18.026 1.00 17.93  ? 106  GLU A OE1 1 
ATOM   780  O  OE2 . GLU A 1 104 ? 0.289   -10.470 -17.945 1.00 26.24  ? 106  GLU A OE2 1 
ATOM   781  N  N   . GLU A 1 105 ? -1.883  -6.648  -13.014 1.00 9.02   ? 107  GLU A N   1 
ATOM   782  C  CA  . GLU A 1 105 ? -2.193  -5.317  -12.521 1.00 11.27  ? 107  GLU A CA  1 
ATOM   783  C  C   . GLU A 1 105 ? -0.927  -4.520  -12.214 1.00 12.96  ? 107  GLU A C   1 
ATOM   784  O  O   . GLU A 1 105 ? -0.839  -3.306  -12.383 1.00 13.43  ? 107  GLU A O   1 
ATOM   785  C  CB  . GLU A 1 105 ? -2.962  -5.385  -11.210 1.00 13.46  ? 107  GLU A CB  1 
ATOM   786  C  CG  . GLU A 1 105 ? -4.401  -5.843  -11.265 1.00 14.21  ? 107  GLU A CG  1 
ATOM   787  C  CD  . GLU A 1 105 ? -4.939  -5.872  -9.829  1.00 17.50  ? 107  GLU A CD  1 
ATOM   788  O  OE1 . GLU A 1 105 ? -5.257  -4.773  -9.322  1.00 16.37  ? 107  GLU A OE1 1 
ATOM   789  O  OE2 . GLU A 1 105 ? -5.013  -6.983  -9.275  1.00 16.96  ? 107  GLU A OE2 1 
ATOM   790  N  N   . VAL A 1 106 ? 0.076   -5.241  -11.711 1.00 8.86   ? 108  VAL A N   1 
ATOM   791  C  CA  . VAL A 1 106 ? 1.329   -4.553  -11.401 1.00 6.10   ? 108  VAL A CA  1 
ATOM   792  C  C   . VAL A 1 106 ? 2.081   -4.222  -12.679 1.00 9.28   ? 108  VAL A C   1 
ATOM   793  O  O   . VAL A 1 106 ? 2.586   -3.123  -12.844 1.00 8.63   ? 108  VAL A O   1 
ATOM   794  C  CB  . VAL A 1 106 ? 2.203   -5.423  -10.479 1.00 9.24   ? 108  VAL A CB  1 
ATOM   795  C  CG1 . VAL A 1 106 ? 3.504   -4.735  -10.081 1.00 6.47   ? 108  VAL A CG1 1 
ATOM   796  C  CG2 . VAL A 1 106 ? 1.395   -5.786  -9.241  1.00 10.42  ? 108  VAL A CG2 1 
ATOM   797  N  N   . LYS A 1 107 ? 2.137   -5.202  -13.583 1.00 7.45   ? 109  LYS A N   1 
ATOM   798  C  CA  . LYS A 1 107 ? 2.766   -4.988  -14.869 1.00 16.71  ? 109  LYS A CA  1 
ATOM   799  C  C   . LYS A 1 107 ? 2.237   -3.731  -15.552 1.00 16.66  ? 109  LYS A C   1 
ATOM   800  O  O   . LYS A 1 107 ? 2.980   -2.893  -16.052 1.00 10.97  ? 109  LYS A O   1 
ATOM   801  C  CB  . LYS A 1 107 ? 2.529   -6.196  -15.797 1.00 18.25  ? 109  LYS A CB  1 
ATOM   802  C  CG  . LYS A 1 107 ? 3.090   -5.977  -17.201 1.00 16.09  ? 109  LYS A CG  1 
ATOM   803  C  CD  . LYS A 1 107 ? 3.659   -7.225  -17.834 1.00 23.53  ? 109  LYS A CD  1 
ATOM   804  C  CE  . LYS A 1 107 ? 2.707   -8.397  -17.817 1.00 34.31  ? 109  LYS A CE  1 
ATOM   805  N  NZ  . LYS A 1 107 ? 3.129   -9.488  -18.743 1.00 46.58  ? 109  LYS A NZ  1 
ATOM   806  N  N   . LYS A 1 108 ? 0.908   -3.618  -15.583 1.00 11.17  ? 110  LYS A N   1 
ATOM   807  C  CA  . LYS A 1 108 ? 0.325   -2.453  -16.247 1.00 16.98  ? 110  LYS A CA  1 
ATOM   808  C  C   . LYS A 1 108 ? 0.826   -1.161  -15.617 1.00 14.25  ? 110  LYS A C   1 
ATOM   809  O  O   . LYS A 1 108 ? 1.064   -0.180  -16.320 1.00 14.19  ? 110  LYS A O   1 
ATOM   810  C  CB  . LYS A 1 108 ? -1.203  -2.539  -16.194 1.00 14.21  ? 110  LYS A CB  1 
ATOM   811  C  CG  . LYS A 1 108 ? -1.904  -1.214  -16.422 1.00 21.89  ? 110  LYS A CG  1 
ATOM   812  C  CD  . LYS A 1 108 ? -3.395  -1.419  -16.650 1.00 28.81  ? 110  LYS A CD  1 
ATOM   813  C  CE  . LYS A 1 108 ? -4.112  -1.587  -15.326 1.00 29.58  ? 110  LYS A CE  1 
ATOM   814  N  NZ  . LYS A 1 108 ? -4.439  -0.286  -14.675 1.00 21.36  ? 110  LYS A NZ  1 
ATOM   815  N  N   . LEU A 1 109 ? 1.000   -1.138  -14.293 1.00 6.15   ? 111  LEU A N   1 
ATOM   816  C  CA  . LEU A 1 109 ? 1.307   0.155   -13.676 1.00 5.65   ? 111  LEU A CA  1 
ATOM   817  C  C   . LEU A 1 109 ? 2.800   0.420   -13.722 1.00 6.26   ? 111  LEU A C   1 
ATOM   818  O  O   . LEU A 1 109 ? 3.217   1.567   -13.597 1.00 8.59   ? 111  LEU A O   1 
ATOM   819  C  CB  . LEU A 1 109 ? 0.738   0.222   -12.259 1.00 8.78   ? 111  LEU A CB  1 
ATOM   820  C  CG  . LEU A 1 109 ? -0.791  0.342   -12.179 1.00 9.97   ? 111  LEU A CG  1 
ATOM   821  C  CD1 . LEU A 1 109 ? -1.267  0.156   -10.748 1.00 10.67  ? 111  LEU A CD1 1 
ATOM   822  C  CD2 . LEU A 1 109 ? -1.269  1.684   -12.738 1.00 10.52  ? 111  LEU A CD2 1 
ATOM   823  N  N   . ARG A 1 110 ? 3.601   -0.613  -13.930 1.00 9.25   ? 112  ARG A N   1 
ATOM   824  C  CA  . ARG A 1 110 ? 5.041   -0.415  -14.122 1.00 9.53   ? 112  ARG A CA  1 
ATOM   825  C  C   . ARG A 1 110 ? 5.342   0.311   -15.431 1.00 15.60  ? 112  ARG A C   1 
ATOM   826  O  O   . ARG A 1 110 ? 6.397   0.922   -15.620 1.00 13.32  ? 112  ARG A O   1 
ATOM   827  C  CB  . ARG A 1 110 ? 5.714   -1.787  -14.053 1.00 12.35  ? 112  ARG A CB  1 
ATOM   828  C  CG  . ARG A 1 110 ? 7.146   -1.803  -13.536 1.00 19.32  ? 112  ARG A CG  1 
ATOM   829  C  CD  . ARG A 1 110 ? 7.762   -3.179  -13.746 1.00 18.08  ? 112  ARG A CD  1 
ATOM   830  N  NE  . ARG A 1 110 ? 7.428   -4.122  -12.683 1.00 14.61  ? 112  ARG A NE  1 
ATOM   831  C  CZ  . ARG A 1 110 ? 8.028   -4.203  -11.508 1.00 13.00  ? 112  ARG A CZ  1 
ATOM   832  N  NH1 . ARG A 1 110 ? 9.027   -3.396  -11.169 1.00 16.99  ? 112  ARG A NH1 1 
ATOM   833  N  NH2 . ARG A 1 110 ? 7.633   -5.113  -10.627 1.00 12.06  ? 112  ARG A NH2 1 
ATOM   834  N  N   . ALA A 1 111 ? 4.418   0.279   -16.386 1.00 10.55  ? 113  ALA A N   1 
ATOM   835  C  CA  . ALA A 1 111 ? 4.602   0.797   -17.734 1.00 7.64   ? 113  ALA A CA  1 
ATOM   836  C  C   . ALA A 1 111 ? 4.631   2.320   -17.740 1.00 15.87  ? 113  ALA A C   1 
ATOM   837  O  O   . ALA A 1 111 ? 4.996   2.946   -18.730 1.00 14.99  ? 113  ALA A O   1 
ATOM   838  C  CB  . ALA A 1 111 ? 3.494   0.297   -18.646 1.00 11.32  ? 113  ALA A CB  1 
ATOM   839  N  N   . LYS A 1 112 ? 4.234   2.908   -16.612 1.00 12.43  ? 114  LYS A N   1 
ATOM   840  C  CA  . LYS A 1 112 ? 4.225   4.353   -16.521 1.00 8.65   ? 114  LYS A CA  1 
ATOM   841  C  C   . LYS A 1 112 ? 4.865   4.762   -15.198 1.00 13.49  ? 114  LYS A C   1 
ATOM   842  O  O   . LYS A 1 112 ? 4.184   4.794   -14.175 1.00 11.86  ? 114  LYS A O   1 
ATOM   843  C  CB  . LYS A 1 112 ? 2.831   4.981   -16.611 1.00 12.99  ? 114  LYS A CB  1 
ATOM   844  C  CG  . LYS A 1 112 ? 2.897   6.510   -16.554 1.00 13.38  ? 114  LYS A CG  1 
ATOM   845  C  CD  . LYS A 1 112 ? 1.549   7.129   -16.885 1.00 22.72  ? 114  LYS A CD  1 
ATOM   846  C  CE  . LYS A 1 112 ? 1.474   8.583   -16.442 1.00 28.76  ? 114  LYS A CE  1 
ATOM   847  N  NZ  . LYS A 1 112 ? 0.060   9.041   -16.260 1.00 30.78  ? 114  LYS A NZ  1 
ATOM   848  N  N   . LYS A 1 113 ? 6.157   5.062   -15.288 1.00 9.86   ? 115  LYS A N   1 
ATOM   849  C  CA  . LYS A 1 113 ? 6.904   5.405   -14.081 1.00 13.16  ? 115  LYS A CA  1 
ATOM   850  C  C   . LYS A 1 113 ? 6.428   6.731   -13.481 1.00 20.38  ? 115  LYS A C   1 
ATOM   851  O  O   . LYS A 1 113 ? 6.276   7.703   -14.227 1.00 13.00  ? 115  LYS A O   1 
ATOM   852  C  CB  . LYS A 1 113 ? 8.381   5.454   -14.440 1.00 6.76   ? 115  LYS A CB  1 
ATOM   853  C  CG  . LYS A 1 113 ? 9.308   5.906   -13.320 1.00 10.28  ? 115  LYS A CG  1 
ATOM   854  C  CD  . LYS A 1 113 ? 10.731  5.504   -13.704 1.00 21.94  ? 115  LYS A CD  1 
ATOM   855  C  CE  . LYS A 1 113 ? 11.769  6.034   -12.737 1.00 40.57  ? 115  LYS A CE  1 
ATOM   856  N  NZ  . LYS A 1 113 ? 13.012  5.207   -12.724 1.00 48.51  ? 115  LYS A NZ  1 
ATOM   857  N  N   . LEU A 1 114 ? 6.206   6.773   -12.172 1.00 11.51  ? 116  LEU A N   1 
ATOM   858  C  CA  . LEU A 1 114 ? 5.856   7.942   -11.387 1.00 8.80   ? 116  LEU A CA  1 
ATOM   859  C  C   . LEU A 1 114 ? 6.944   8.212   -10.332 1.00 7.68   ? 116  LEU A C   1 
ATOM   860  O  O   . LEU A 1 114 ? 7.642   7.284   -9.930  1.00 6.90   ? 116  LEU A O   1 
ATOM   861  C  CB  . LEU A 1 114 ? 4.551   7.787   -10.619 1.00 10.06  ? 116  LEU A CB  1 
ATOM   862  C  CG  . LEU A 1 114 ? 3.305   7.253   -11.317 1.00 15.19  ? 116  LEU A CG  1 
ATOM   863  C  CD1 . LEU A 1 114 ? 2.105   7.345   -10.384 1.00 12.18  ? 116  LEU A CD1 1 
ATOM   864  C  CD2 . LEU A 1 114 ? 3.031   7.999   -12.609 1.00 13.22  ? 116  LEU A CD2 1 
ATOM   865  N  N   . THR A 1 115 ? 7.051   9.455   -9.901  1.00 10.11  ? 117  THR A N   1 
ATOM   866  C  CA  . THR A 1 115 ? 7.868   9.871   -8.775  1.00 13.67  ? 117  THR A CA  1 
ATOM   867  C  C   . THR A 1 115 ? 7.104   9.710   -7.469  1.00 8.57   ? 117  THR A C   1 
ATOM   868  O  O   . THR A 1 115 ? 5.873   9.637   -7.456  1.00 7.90   ? 117  THR A O   1 
ATOM   869  C  CB  . THR A 1 115 ? 8.295   11.350  -8.883  1.00 13.33  ? 117  THR A CB  1 
ATOM   870  O  OG1 . THR A 1 115 ? 7.112   12.157  -8.865  1.00 8.72   ? 117  THR A OG1 1 
ATOM   871  C  CG2 . THR A 1 115 ? 9.023   11.618  -10.189 1.00 20.83  ? 117  THR A CG2 1 
ATOM   872  N  N   . PRO A 1 116 ? 7.767   9.663   -6.328  1.00 11.70  ? 118  PRO A N   1 
ATOM   873  C  CA  . PRO A 1 116 ? 6.992   9.570   -5.078  1.00 13.42  ? 118  PRO A CA  1 
ATOM   874  C  C   . PRO A 1 116 ? 6.125   10.810  -4.875  1.00 12.99  ? 118  PRO A C   1 
ATOM   875  O  O   . PRO A 1 116 ? 5.059   10.724  -4.256  1.00 7.98   ? 118  PRO A O   1 
ATOM   876  C  CB  . PRO A 1 116 ? 8.051   9.421   -3.999  1.00 10.10  ? 118  PRO A CB  1 
ATOM   877  C  CG  . PRO A 1 116 ? 9.352   9.228   -4.680  1.00 15.19  ? 118  PRO A CG  1 
ATOM   878  C  CD  . PRO A 1 116 ? 9.216   9.664   -6.111  1.00 13.45  ? 118  PRO A CD  1 
ATOM   879  N  N   . GLN A 1 117 ? 6.505   11.976  -5.403  1.00 10.05  ? 119  GLN A N   1 
ATOM   880  C  CA  . GLN A 1 117 ? 5.588   13.117  -5.293  1.00 8.75   ? 119  GLN A CA  1 
ATOM   881  C  C   . GLN A 1 117 ? 4.310   12.891  -6.095  1.00 10.44  ? 119  GLN A C   1 
ATOM   882  O  O   . GLN A 1 117 ? 3.201   13.243  -5.696  1.00 8.41   ? 119  GLN A O   1 
ATOM   883  C  CB  . GLN A 1 117 ? 6.282   14.399  -5.759  1.00 12.98  ? 119  GLN A CB  1 
ATOM   884  C  CG  . GLN A 1 117 ? 5.476   15.673  -5.508  1.00 16.38  ? 119  GLN A CG  1 
ATOM   885  C  CD  . GLN A 1 117 ? 5.319   15.988  -4.035  1.00 28.01  ? 119  GLN A CD  1 
ATOM   886  O  OE1 . GLN A 1 117 ? 6.025   15.473  -3.164  1.00 27.80  ? 119  GLN A OE1 1 
ATOM   887  N  NE2 . GLN A 1 117 ? 4.367   16.867  -3.712  1.00 29.47  ? 119  GLN A NE2 1 
ATOM   888  N  N   . GLN A 1 118 ? 4.435   12.296  -7.274  1.00 7.05   ? 120  GLN A N   1 
ATOM   889  C  CA  . GLN A 1 118 ? 3.252   11.976  -8.060  1.00 6.25   ? 120  GLN A CA  1 
ATOM   890  C  C   . GLN A 1 118 ? 2.422   10.897  -7.374  1.00 13.83  ? 120  GLN A C   1 
ATOM   891  O  O   . GLN A 1 118 ? 1.198   10.850  -7.554  1.00 10.71  ? 120  GLN A O   1 
ATOM   892  C  CB  . GLN A 1 118 ? 3.632   11.483  -9.453  1.00 14.50  ? 120  GLN A CB  1 
ATOM   893  C  CG  . GLN A 1 118 ? 4.088   12.549  -10.428 1.00 24.27  ? 120  GLN A CG  1 
ATOM   894  C  CD  . GLN A 1 118 ? 4.560   11.978  -11.756 1.00 25.52  ? 120  GLN A CD  1 
ATOM   895  O  OE1 . GLN A 1 118 ? 5.579   11.302  -11.852 1.00 12.06  ? 120  GLN A OE1 1 
ATOM   896  N  NE2 . GLN A 1 118 ? 3.807   12.255  -12.813 1.00 35.54  ? 120  GLN A NE2 1 
ATOM   897  N  N   . VAL A 1 119 ? 3.077   10.021  -6.602  1.00 10.15  ? 121  VAL A N   1 
ATOM   898  C  CA  . VAL A 1 119 ? 2.268   9.014   -5.881  1.00 8.05   ? 121  VAL A CA  1 
ATOM   899  C  C   . VAL A 1 119 ? 1.422   9.694   -4.820  1.00 7.29   ? 121  VAL A C   1 
ATOM   900  O  O   . VAL A 1 119 ? 0.242   9.376   -4.629  1.00 9.05   ? 121  VAL A O   1 
ATOM   901  C  CB  . VAL A 1 119 ? 3.135   7.901   -5.276  1.00 8.58   ? 121  VAL A CB  1 
ATOM   902  C  CG1 . VAL A 1 119 ? 2.321   6.933   -4.425  1.00 3.60   ? 121  VAL A CG1 1 
ATOM   903  C  CG2 . VAL A 1 119 ? 3.835   7.156   -6.414  1.00 10.74  ? 121  VAL A CG2 1 
ATOM   904  N  N   . LEU A 1 120 ? 2.021   10.667  -4.127  1.00 4.24   ? 122  LEU A N   1 
ATOM   905  C  CA  . LEU A 1 120 ? 1.207   11.431  -3.187  1.00 4.82   ? 122  LEU A CA  1 
ATOM   906  C  C   . LEU A 1 120 ? 0.025   12.102  -3.880  1.00 11.22  ? 122  LEU A C   1 
ATOM   907  O  O   . LEU A 1 120 ? -1.083  12.148  -3.330  1.00 8.92   ? 122  LEU A O   1 
ATOM   908  C  CB  . LEU A 1 120 ? 2.066   12.476  -2.467  1.00 9.11   ? 122  LEU A CB  1 
ATOM   909  C  CG  . LEU A 1 120 ? 1.294   13.435  -1.545  1.00 15.25  ? 122  LEU A CG  1 
ATOM   910  C  CD1 . LEU A 1 120 ? 0.842   12.745  -0.269  1.00 9.92   ? 122  LEU A CD1 1 
ATOM   911  C  CD2 . LEU A 1 120 ? 2.142   14.659  -1.239  1.00 15.36  ? 122  LEU A CD2 1 
ATOM   912  N  N   . ALA A 1 121 ? 0.240   12.640  -5.079  1.00 12.88  ? 123  ALA A N   1 
ATOM   913  C  CA  . ALA A 1 121 ? -0.869  13.280  -5.801  1.00 11.96  ? 123  ALA A CA  1 
ATOM   914  C  C   . ALA A 1 121 ? -1.984  12.276  -6.078  1.00 9.80   ? 123  ALA A C   1 
ATOM   915  O  O   . ALA A 1 121 ? -3.176  12.592  -6.063  1.00 8.40   ? 123  ALA A O   1 
ATOM   916  C  CB  . ALA A 1 121 ? -0.361  13.882  -7.101  1.00 7.41   ? 123  ALA A CB  1 
ATOM   917  N  N   . GLU A 1 122 ? -1.583  11.034  -6.354  1.00 10.63  ? 124  GLU A N   1 
ATOM   918  C  CA  . GLU A 1 122 ? -2.572  9.997   -6.649  1.00 10.68  ? 124  GLU A CA  1 
ATOM   919  C  C   . GLU A 1 122 ? -3.380  9.685   -5.399  1.00 7.74   ? 124  GLU A C   1 
ATOM   920  O  O   . GLU A 1 122 ? -4.580  9.438   -5.445  1.00 9.35   ? 124  GLU A O   1 
ATOM   921  C  CB  . GLU A 1 122 ? -1.901  8.731   -7.187  1.00 7.60   ? 124  GLU A CB  1 
ATOM   922  C  CG  . GLU A 1 122 ? -1.272  8.926   -8.560  1.00 5.66   ? 124  GLU A CG  1 
ATOM   923  C  CD  . GLU A 1 122 ? -2.317  9.403   -9.554  1.00 14.43  ? 124  GLU A CD  1 
ATOM   924  O  OE1 . GLU A 1 122 ? -3.461  8.915   -9.495  1.00 15.05  ? 124  GLU A OE1 1 
ATOM   925  O  OE2 . GLU A 1 122 ? -2.021  10.287  -10.378 1.00 18.51  ? 124  GLU A OE2 1 
ATOM   926  N  N   . ARG A 1 123 ? -2.694  9.706   -4.260  1.00 6.60   ? 125  ARG A N   1 
ATOM   927  C  CA  . ARG A 1 123 ? -3.369  9.460   -2.990  1.00 11.74  ? 125  ARG A CA  1 
ATOM   928  C  C   . ARG A 1 123 ? -4.437  10.517  -2.747  1.00 15.56  ? 125  ARG A C   1 
ATOM   929  O  O   . ARG A 1 123 ? -5.562  10.267  -2.337  1.00 10.62  ? 125  ARG A O   1 
ATOM   930  C  CB  . ARG A 1 123 ? -2.346  9.470   -1.851  1.00 7.35   ? 125  ARG A CB  1 
ATOM   931  C  CG  . ARG A 1 123 ? -2.931  8.988   -0.519  1.00 10.29  ? 125  ARG A CG  1 
ATOM   932  C  CD  . ARG A 1 123 ? -1.934  9.255   0.597   1.00 10.98  ? 125  ARG A CD  1 
ATOM   933  N  NE  . ARG A 1 123 ? -2.316  8.583   1.832   1.00 9.30   ? 125  ARG A NE  1 
ATOM   934  C  CZ  . ARG A 1 123 ? -3.084  9.078   2.784   1.00 13.15  ? 125  ARG A CZ  1 
ATOM   935  N  NH1 . ARG A 1 123 ? -3.600  10.294  2.690   1.00 8.09   ? 125  ARG A NH1 1 
ATOM   936  N  NH2 . ARG A 1 123 ? -3.351  8.351   3.864   1.00 10.76  ? 125  ARG A NH2 1 
ATOM   937  N  N   . LYS A 1 124 ? -4.065  11.774  -2.997  1.00 9.90   ? 126  LYS A N   1 
ATOM   938  C  CA  . LYS A 1 124 ? -5.008  12.870  -2.834  1.00 12.27  ? 126  LYS A CA  1 
ATOM   939  C  C   . LYS A 1 124 ? -6.201  12.738  -3.777  1.00 7.92   ? 126  LYS A C   1 
ATOM   940  O  O   . LYS A 1 124 ? -7.311  13.092  -3.371  1.00 11.76  ? 126  LYS A O   1 
ATOM   941  C  CB  . LYS A 1 124 ? -4.268  14.197  -3.068  1.00 10.84  ? 126  LYS A CB  1 
ATOM   942  C  CG  . LYS A 1 124 ? -3.379  14.580  -1.884  1.00 14.47  ? 126  LYS A CG  1 
ATOM   943  C  CD  . LYS A 1 124 ? -2.634  15.878  -2.160  1.00 20.13  ? 126  LYS A CD  1 
ATOM   944  C  CE  . LYS A 1 124 ? -1.327  15.957  -1.394  1.00 22.28  ? 126  LYS A CE  1 
ATOM   945  N  NZ  . LYS A 1 124 ? -1.549  16.377  0.017   1.00 20.47  ? 126  LYS A NZ  1 
ATOM   946  N  N   . LYS A 1 125 ? -5.986  12.244  -4.990  1.00 7.39   ? 127  LYS A N   1 
ATOM   947  C  CA  . LYS A 1 125 ? -7.062  12.029  -5.952  1.00 10.93  ? 127  LYS A CA  1 
ATOM   948  C  C   . LYS A 1 125 ? -8.076  10.999  -5.441  1.00 13.16  ? 127  LYS A C   1 
ATOM   949  O  O   . LYS A 1 125 ? -9.191  10.963  -5.977  1.00 15.64  ? 127  LYS A O   1 
ATOM   950  C  CB  . LYS A 1 125 ? -6.566  11.565  -7.327  1.00 8.77   ? 127  LYS A CB  1 
ATOM   951  C  CG  . LYS A 1 125 ? -5.823  12.615  -8.146  1.00 13.15  ? 127  LYS A CG  1 
ATOM   952  C  CD  . LYS A 1 125 ? -5.683  12.158  -9.589  1.00 21.45  ? 127  LYS A CD  1 
ATOM   953  C  CE  . LYS A 1 125 ? -4.322  12.502  -10.163 1.00 31.66  ? 127  LYS A CE  1 
ATOM   954  N  NZ  . LYS A 1 125 ? -4.216  12.040  -11.581 1.00 25.28  ? 127  LYS A NZ  1 
ATOM   955  N  N   . LEU A 1 126 ? -7.712  10.175  -4.464  1.00 13.35  ? 128  LEU A N   1 
ATOM   956  C  CA  . LEU A 1 126 ? -8.598  9.186   -3.864  1.00 14.07  ? 128  LEU A CA  1 
ATOM   957  C  C   . LEU A 1 126 ? -9.557  9.831   -2.867  1.00 19.88  ? 128  LEU A C   1 
ATOM   958  O  O   . LEU A 1 126 ? -10.546 9.255   -2.416  1.00 15.55  ? 128  LEU A O   1 
ATOM   959  C  CB  . LEU A 1 126 ? -7.829  8.091   -3.116  1.00 10.17  ? 128  LEU A CB  1 
ATOM   960  C  CG  . LEU A 1 126 ? -6.888  7.225   -3.952  1.00 17.79  ? 128  LEU A CG  1 
ATOM   961  C  CD1 . LEU A 1 126 ? -6.358  6.045   -3.140  1.00 12.61  ? 128  LEU A CD1 1 
ATOM   962  C  CD2 . LEU A 1 126 ? -7.573  6.744   -5.220  1.00 19.10  ? 128  LEU A CD2 1 
ATOM   963  N  N   . GLY A 1 127 ? -9.262  11.070  -2.473  1.00 15.94  ? 129  GLY A N   1 
ATOM   964  C  CA  . GLY A 1 127 ? -10.146 11.682  -1.478  1.00 21.18  ? 129  GLY A CA  1 
ATOM   965  C  C   . GLY A 1 127 ? -9.531  11.571  -0.094  1.00 20.06  ? 129  GLY A C   1 
ATOM   966  O  O   . GLY A 1 127 ? -10.194 11.893  0.893   1.00 18.24  ? 129  GLY A O   1 
ATOM   967  N  N   . LEU A 1 128 ? -8.275  11.119  -0.050  1.00 17.98  ? 130  LEU A N   1 
ATOM   968  C  CA  . LEU A 1 128 ? -7.595  10.913  1.228   1.00 22.56  ? 130  LEU A CA  1 
ATOM   969  C  C   . LEU A 1 128 ? -6.782  12.149  1.613   1.00 24.16  ? 130  LEU A C   1 
ATOM   970  O  O   . LEU A 1 128 ? -6.099  12.744  0.786   1.00 16.72  ? 130  LEU A O   1 
ATOM   971  C  CB  . LEU A 1 128 ? -6.669  9.694   1.198   1.00 16.72  ? 130  LEU A CB  1 
ATOM   972  C  CG  . LEU A 1 128 ? -7.348  8.349   0.928   1.00 23.21  ? 130  LEU A CG  1 
ATOM   973  C  CD1 . LEU A 1 128 ? -6.354  7.201   1.019   1.00 20.10  ? 130  LEU A CD1 1 
ATOM   974  C  CD2 . LEU A 1 128 ? -8.496  8.154   1.909   1.00 34.51  ? 130  LEU A CD2 1 
ATOM   975  N  N   . LYS A 1 129 ? -6.880  12.510  2.887   1.00 24.69  ? 131  LYS A N   1 
ATOM   976  C  CA  . LYS A 1 129 ? -6.228  13.730  3.356   1.00 35.31  ? 131  LYS A CA  1 
ATOM   977  C  C   . LYS A 1 129 ? -4.888  13.414  4.008   1.00 34.56  ? 131  LYS A C   1 
ATOM   978  O  O   . LYS A 1 129 ? -3.920  14.147  4.233   1.00 25.07  ? 131  LYS A O   1 
ATOM   979  C  CB  . LYS A 1 129 ? -7.168  14.474  4.307   1.00 33.71  ? 131  LYS A CB  1 
ATOM   980  C  CG  . LYS A 1 129 ? -8.066  15.497  3.629   1.00 38.57  ? 131  LYS A CG  1 
ATOM   981  C  CD  . LYS A 1 129 ? -8.654  15.031  2.311   1.00 41.31  ? 131  LYS A CD  1 
ATOM   982  C  CE  . LYS A 1 129 ? -8.843  16.185  1.336   1.00 40.13  ? 131  LYS A CE  1 
ATOM   983  N  NZ  . LYS A 1 129 ? -9.614  15.796  0.123   1.00 41.96  ? 131  LYS A NZ  1 
ATOM   984  O  OXT . LYS A 1 129 ? -4.614  12.117  4.446   1.00 21.80  ? 131  LYS A OXT 1 
HETATM 985  FE FE  . HEC B 2 .   ? 5.516   1.485   3.679   1.00 9.75   ? 200  HEC A FE  1 
HETATM 986  C  CHA . HEC B 2 .   ? 3.527   4.204   3.371   1.00 9.29   ? 200  HEC A CHA 1 
HETATM 987  C  CHB . HEC B 2 .   ? 3.132   -0.500  2.482   1.00 6.71   ? 200  HEC A CHB 1 
HETATM 988  C  CHC . HEC B 2 .   ? 7.823   -0.977  3.322   1.00 6.98   ? 200  HEC A CHC 1 
HETATM 989  C  CHD . HEC B 2 .   ? 7.749   3.310   5.483   1.00 8.34   ? 200  HEC A CHD 1 
HETATM 990  N  NA  . HEC B 2 .   ? 3.624   1.813   2.958   1.00 9.37   ? 200  HEC A NA  1 
HETATM 991  C  C1A . HEC B 2 .   ? 2.965   2.979   2.905   1.00 12.44  ? 200  HEC A C1A 1 
HETATM 992  C  C2A . HEC B 2 .   ? 1.722   2.778   2.332   1.00 5.66   ? 200  HEC A C2A 1 
HETATM 993  C  C3A . HEC B 2 .   ? 1.623   1.420   2.034   1.00 4.34   ? 200  HEC A C3A 1 
HETATM 994  C  C4A . HEC B 2 .   ? 2.832   0.876   2.432   1.00 8.26   ? 200  HEC A C4A 1 
HETATM 995  C  CMA . HEC B 2 .   ? 0.461   0.617   1.476   1.00 2.81   ? 200  HEC A CMA 1 
HETATM 996  C  CAA . HEC B 2 .   ? 0.669   3.865   2.073   1.00 7.62   ? 200  HEC A CAA 1 
HETATM 997  C  CBA . HEC B 2 .   ? -0.301  4.132   3.194   1.00 6.26   ? 200  HEC A CBA 1 
HETATM 998  C  CGA . HEC B 2 .   ? -1.193  5.360   2.947   1.00 9.66   ? 200  HEC A CGA 1 
HETATM 999  O  O1A . HEC B 2 .   ? -2.037  5.688   3.784   1.00 11.75  ? 200  HEC A O1A 1 
HETATM 1000 O  O2A . HEC B 2 .   ? -1.084  6.011   1.914   1.00 7.00   ? 200  HEC A O2A 1 
HETATM 1001 N  NB  . HEC B 2 .   ? 5.496   -0.433  2.972   1.00 11.68  ? 200  HEC A NB  1 
HETATM 1002 C  C1B . HEC B 2 .   ? 4.417   -1.076  2.531   1.00 13.14  ? 200  HEC A C1B 1 
HETATM 1003 C  C2B . HEC B 2 .   ? 4.739   -2.376  2.136   1.00 4.85   ? 200  HEC A C2B 1 
HETATM 1004 C  C3B . HEC B 2 .   ? 6.108   -2.484  2.333   1.00 3.05   ? 200  HEC A C3B 1 
HETATM 1005 C  C4B . HEC B 2 .   ? 6.524   -1.283  2.886   1.00 8.63   ? 200  HEC A C4B 1 
HETATM 1006 C  CMB . HEC B 2 .   ? 3.703   -3.390  1.679   1.00 4.79   ? 200  HEC A CMB 1 
HETATM 1007 C  CAB . HEC B 2 .   ? 6.916   -3.606  2.058   1.00 8.91   ? 200  HEC A CAB 1 
HETATM 1008 C  CBB . HEC B 2 .   ? 6.763   -4.287  0.767   1.00 7.72   ? 200  HEC A CBB 1 
HETATM 1009 N  NC  . HEC B 2 .   ? 7.467   1.234   4.313   1.00 9.84   ? 200  HEC A NC  1 
HETATM 1010 C  C1C . HEC B 2 .   ? 8.200   0.123   4.136   1.00 12.44  ? 200  HEC A C1C 1 
HETATM 1011 C  C2C . HEC B 2 .   ? 9.406   0.178   4.840   1.00 11.39  ? 200  HEC A C2C 1 
HETATM 1012 C  C3C . HEC B 2 .   ? 9.376   1.401   5.524   1.00 10.71  ? 200  HEC A C3C 1 
HETATM 1013 C  C4C . HEC B 2 .   ? 8.187   2.020   5.151   1.00 12.71  ? 200  HEC A C4C 1 
HETATM 1014 C  CMC . HEC B 2 .   ? 10.505  -0.897  4.778   1.00 8.27   ? 200  HEC A CMC 1 
HETATM 1015 C  CAC . HEC B 2 .   ? 10.344  1.868   6.444   1.00 14.57  ? 200  HEC A CAC 1 
HETATM 1016 C  CBC . HEC B 2 .   ? 11.754  2.065   6.048   1.00 10.37  ? 200  HEC A CBC 1 
HETATM 1017 N  ND  . HEC B 2 .   ? 5.644   3.454   4.309   1.00 13.64  ? 200  HEC A ND  1 
HETATM 1018 C  C1D . HEC B 2 .   ? 6.614   3.993   5.056   1.00 10.13  ? 200  HEC A C1D 1 
HETATM 1019 C  C2D . HEC B 2 .   ? 6.320   5.308   5.374   1.00 13.42  ? 200  HEC A C2D 1 
HETATM 1020 C  C3D . HEC B 2 .   ? 5.113   5.590   4.723   1.00 13.64  ? 200  HEC A C3D 1 
HETATM 1021 C  C4D . HEC B 2 .   ? 4.705   4.395   4.122   1.00 9.54   ? 200  HEC A C4D 1 
HETATM 1022 C  CMD . HEC B 2 .   ? 7.136   6.296   6.192   1.00 10.60  ? 200  HEC A CMD 1 
HETATM 1023 C  CAD . HEC B 2 .   ? 4.435   6.968   4.721   1.00 12.91  ? 200  HEC A CAD 1 
HETATM 1024 C  CBD . HEC B 2 .   ? 5.184   8.002   3.843   1.00 11.28  ? 200  HEC A CBD 1 
HETATM 1025 C  CGD . HEC B 2 .   ? 4.662   9.436   4.028   1.00 17.96  ? 200  HEC A CGD 1 
HETATM 1026 O  O1D . HEC B 2 .   ? 4.370   10.109  3.054   1.00 11.43  ? 200  HEC A O1D 1 
HETATM 1027 O  O2D . HEC B 2 .   ? 4.550   9.842   5.174   1.00 18.86  ? 200  HEC A O2D 1 
HETATM 1028 O  O   . HOH C 3 .   ? -5.451  -6.956  6.488   1.00 11.69  ? 2001 HOH A O   1 
HETATM 1029 O  O   . HOH C 3 .   ? -3.058  -13.141 9.772   1.00 12.33  ? 2002 HOH A O   1 
HETATM 1030 O  O   . HOH C 3 .   ? -3.584  12.143  0.562   1.00 12.26  ? 2003 HOH A O   1 
HETATM 1031 O  O   . HOH C 3 .   ? -5.539  8.168   -7.678  1.00 10.76  ? 2004 HOH A O   1 
HETATM 1032 O  O   . HOH C 3 .   ? -0.686  -5.797  -17.853 1.00 18.18  ? 2005 HOH A O   1 
HETATM 1033 O  O   . HOH C 3 .   ? 8.546   1.869   -14.174 1.00 18.07  ? 2006 HOH A O   1 
HETATM 1034 O  O   . HOH C 3 .   ? 12.474  -2.003  13.035  1.00 15.20  ? 2007 HOH A O   1 
HETATM 1035 O  O   . HOH C 3 .   ? -7.635  -11.986 -8.725  1.00 17.34  ? 2008 HOH A O   1 
HETATM 1036 O  O   . HOH C 3 .   ? 6.484   10.906  10.114  1.00 18.32  ? 2009 HOH A O   1 
HETATM 1037 O  O   . HOH C 3 .   ? -10.598 0.965   -7.539  1.00 22.25  ? 2010 HOH A O   1 
HETATM 1038 O  O   . HOH C 3 .   ? 2.678   -10.691 8.684   1.00 14.60  ? 2011 HOH A O   1 
HETATM 1039 O  O   . HOH C 3 .   ? -8.777  -11.745 6.061   1.00 15.97  ? 2012 HOH A O   1 
HETATM 1040 O  O   . HOH C 3 .   ? -0.577  -13.033 10.896  1.00 13.39  ? 2013 HOH A O   1 
HETATM 1041 O  O   . HOH C 3 .   ? -3.374  -13.483 4.885   1.00 14.84  ? 2014 HOH A O   1 
HETATM 1042 O  O   . HOH C 3 .   ? 0.266   16.670  2.033   1.00 14.82  ? 2015 HOH A O   1 
HETATM 1043 O  O   . HOH C 3 .   ? -0.416  5.260   -13.422 1.00 26.25  ? 2016 HOH A O   1 
HETATM 1044 O  O   . HOH C 3 .   ? -3.415  -2.027  -12.501 1.00 12.13  ? 2017 HOH A O   1 
HETATM 1045 O  O   . HOH C 3 .   ? -2.411  6.108   12.393  1.00 19.31  ? 2018 HOH A O   1 
HETATM 1046 O  O   . HOH C 3 .   ? 10.444  -1.336  -12.872 1.00 27.13  ? 2019 HOH A O   1 
HETATM 1047 O  O   . HOH C 3 .   ? 4.237   -9.843  -14.929 1.00 23.49  ? 2020 HOH A O   1 
HETATM 1048 O  O   . HOH C 3 .   ? -9.688  0.272   -5.257  1.00 17.67  ? 2021 HOH A O   1 
HETATM 1049 O  O   . HOH C 3 .   ? -12.141 5.172   2.841   1.00 28.71  ? 2022 HOH A O   1 
HETATM 1050 O  O   . HOH C 3 .   ? 6.932   14.374  -10.175 1.00 21.42  ? 2023 HOH A O   1 
HETATM 1051 O  O   . HOH C 3 .   ? -7.791  8.543   -9.081  1.00 22.67  ? 2024 HOH A O   1 
HETATM 1052 O  O   . HOH C 3 .   ? -3.739  1.676   13.983  1.00 33.86  ? 2025 HOH A O   1 
HETATM 1053 O  O   . HOH C 3 .   ? -6.690  0.493   -13.190 1.00 24.34  ? 2026 HOH A O   1 
HETATM 1054 O  O   . HOH C 3 .   ? 0.432   -10.578 11.501  1.00 20.00  ? 2027 HOH A O   1 
HETATM 1055 O  O   . HOH C 3 .   ? 11.083  2.529   2.645   1.00 14.27  ? 2028 HOH A O   1 
HETATM 1056 O  O   . HOH C 3 .   ? 3.018   19.246  4.395   1.00 34.33  ? 2029 HOH A O   1 
HETATM 1057 O  O   . HOH C 3 .   ? 13.284  -1.380  -1.594  1.00 16.84  ? 2030 HOH A O   1 
HETATM 1058 O  O   . HOH C 3 .   ? -0.754  8.181   -13.272 1.00 32.68  ? 2031 HOH A O   1 
HETATM 1059 O  O   . HOH C 3 .   ? 3.397   17.348  1.816   1.00 25.63  ? 2032 HOH A O   1 
HETATM 1060 O  O   . HOH C 3 .   ? 7.899   8.889   9.008   1.00 30.35  ? 2033 HOH A O   1 
HETATM 1061 O  O   . HOH C 3 .   ? 8.074   -8.674  -12.648 1.00 23.03  ? 2034 HOH A O   1 
HETATM 1062 O  O   . HOH C 3 .   ? -5.070  5.448   -8.087  1.00 17.06  ? 2035 HOH A O   1 
HETATM 1063 O  O   . HOH C 3 .   ? 1.647   4.106   -13.371 1.00 15.15  ? 2036 HOH A O   1 
HETATM 1064 O  O   . HOH C 3 .   ? 7.497   13.581  3.623   1.00 11.97  ? 2037 HOH A O   1 
HETATM 1065 O  O   . HOH C 3 .   ? -7.215  14.670  -0.906  1.00 19.71  ? 2038 HOH A O   1 
HETATM 1066 O  O   . HOH C 3 .   ? 11.002  7.620   -1.982  1.00 15.46  ? 2039 HOH A O   1 
HETATM 1067 O  O   . HOH C 3 .   ? 11.085  10.227  -1.824  1.00 18.70  ? 2040 HOH A O   1 
HETATM 1068 O  O   . HOH C 3 .   ? -4.432  -1.240  -19.395 1.00 24.87  ? 2041 HOH A O   1 
HETATM 1069 O  O   . HOH C 3 .   ? 10.376  1.064   -12.116 1.00 25.21  ? 2042 HOH A O   1 
HETATM 1070 O  O   . HOH C 3 .   ? -14.376 6.300   -4.456  1.00 22.84  ? 2043 HOH A O   1 
HETATM 1071 O  O   . HOH C 3 .   ? 2.630   -2.016  15.663  1.00 19.00  ? 2044 HOH A O   1 
HETATM 1072 O  O   . HOH C 3 .   ? 13.201  -3.657  3.626   1.00 39.69  ? 2045 HOH A O   1 
HETATM 1073 O  O   . HOH C 3 .   ? -1.680  -4.250  -19.387 1.00 32.41  ? 2046 HOH A O   1 
HETATM 1074 O  O   . HOH C 3 .   ? -0.741  -12.980 -10.273 1.00 27.35  ? 2047 HOH A O   1 
HETATM 1075 O  O   . HOH C 3 .   ? -3.994  -0.763  12.751  1.00 33.36  ? 2048 HOH A O   1 
HETATM 1076 O  O   . HOH C 3 .   ? 2.790   18.473  -0.755  1.00 30.29  ? 2049 HOH A O   1 
HETATM 1077 O  O   . HOH C 3 .   ? -2.556  11.304  -14.295 1.00 41.86  ? 2050 HOH A O   1 
HETATM 1078 O  O   . HOH C 3 .   ? -3.020  -6.236  13.796  1.00 26.41  ? 2051 HOH A O   1 
HETATM 1079 O  O   . HOH C 3 .   ? 6.679   -6.290  -15.448 1.00 25.10  ? 2052 HOH A O   1 
HETATM 1080 O  O   . HOH C 3 .   ? 1.378   -17.485 5.390   1.00 33.44  ? 2053 HOH A O   1 
HETATM 1081 O  O   . HOH C 3 .   ? -13.359 -16.477 6.496   1.00 41.67  ? 2054 HOH A O   1 
HETATM 1082 O  O   . HOH C 3 .   ? 11.320  6.351   -4.324  1.00 23.18  ? 2055 HOH A O   1 
HETATM 1083 O  O   . HOH C 3 .   ? 10.200  6.581   -7.988  1.00 40.17  ? 2056 HOH A O   1 
HETATM 1084 O  O   . HOH C 3 .   ? 10.373  2.453   -9.825  1.00 16.81  ? 2057 HOH A O   1 
HETATM 1085 O  O   . HOH C 3 .   ? 6.338   -11.760 -11.407 1.00 20.77  ? 2058 HOH A O   1 
HETATM 1086 O  O   . HOH C 3 .   ? -2.088  -14.414 7.620   1.00 42.36  ? 2059 HOH A O   1 
HETATM 1087 O  O   . HOH C 3 .   ? 14.265  -4.857  0.768   1.00 35.22  ? 2060 HOH A O   1 
HETATM 1088 O  O   . HOH C 3 .   ? -2.177  14.207  2.056   1.00 21.95  ? 2061 HOH A O   1 
HETATM 1089 O  O   . HOH C 3 .   ? 0.813   -8.214  -20.368 1.00 31.30  ? 2062 HOH A O   1 
HETATM 1090 O  O   . HOH C 3 .   ? -6.498  -14.377 -8.078  1.00 29.19  ? 2063 HOH A O   1 
HETATM 1091 O  O   . HOH C 3 .   ? 1.516   -13.398 -6.657  1.00 30.44  ? 2064 HOH A O   1 
HETATM 1092 O  O   . HOH C 3 .   ? 3.832   -5.989  15.826  1.00 29.23  ? 2065 HOH A O   1 
HETATM 1093 O  O   . HOH C 3 .   ? 13.892  -8.799  -4.582  1.00 34.33  ? 2066 HOH A O   1 
HETATM 1094 O  O   . HOH C 3 .   ? 0.962   -4.731  -19.602 1.00 37.99  ? 2067 HOH A O   1 
HETATM 1095 O  O   . HOH C 3 .   ? 1.226   -15.548 2.383   1.00 30.07  ? 2068 HOH A O   1 
HETATM 1096 O  O   . HOH C 3 .   ? 4.056   -3.276  17.537  1.00 22.57  ? 2069 HOH A O   1 
HETATM 1097 O  O   . HOH C 3 .   ? -4.889  -2.295  -10.327 1.00 21.44  ? 2070 HOH A O   1 
HETATM 1098 O  O   . HOH C 3 .   ? 10.700  5.706   6.497   1.00 26.29  ? 2071 HOH A O   1 
# 
loop_
_atom_site_anisotrop.id 
_atom_site_anisotrop.type_symbol 
_atom_site_anisotrop.pdbx_label_atom_id 
_atom_site_anisotrop.pdbx_label_alt_id 
_atom_site_anisotrop.pdbx_label_comp_id 
_atom_site_anisotrop.pdbx_label_asym_id 
_atom_site_anisotrop.pdbx_label_seq_id 
_atom_site_anisotrop.pdbx_PDB_ins_code 
_atom_site_anisotrop.U[1][1] 
_atom_site_anisotrop.U[2][2] 
_atom_site_anisotrop.U[3][3] 
_atom_site_anisotrop.U[1][2] 
_atom_site_anisotrop.U[1][3] 
_atom_site_anisotrop.U[2][3] 
_atom_site_anisotrop.pdbx_auth_seq_id 
_atom_site_anisotrop.pdbx_auth_comp_id 
_atom_site_anisotrop.pdbx_auth_asym_id 
_atom_site_anisotrop.pdbx_auth_atom_id 
66  S  SG . CYS A 9  ? 0.2142 0.1248 0.1598 -0.0114 -0.0161 0.0273  11  CYS A SG 
81  S  SG . CYS A 12 ? 0.2120 0.1604 0.1525 -0.0489 -0.0607 0.0355  14  CYS A SG 
447 S  SD . MET A 61 ? 1.0036 4.4241 0.7871 -0.4448 0.4727  1.1833  63  MET A SD 
495 S  SD . MET A 67 ? 0.1504 0.1542 0.0948 -0.0012 -0.0092 -0.0068 69  MET A SD 
985 FE FE . HEC B .  ? 0.1584 0.1117 0.1003 -0.0004 -0.0046 0.0258  200 HEC A FE 
# 
